data_3EWR
# 
_entry.id   3EWR 
# 
_audit_conform.dict_name       mmcif_pdbx.dic 
_audit_conform.dict_version    5.383 
_audit_conform.dict_location   http://mmcif.pdb.org/dictionaries/ascii/mmcif_pdbx.dic 
# 
loop_
_database_2.database_id 
_database_2.database_code 
_database_2.pdbx_database_accession 
_database_2.pdbx_DOI 
PDB   3EWR         pdb_00003ewr 10.2210/pdb3ewr/pdb 
RCSB  RCSB049863   ?            ?                   
WWPDB D_1000049863 ?            ?                   
# 
loop_
_pdbx_audit_revision_history.ordinal 
_pdbx_audit_revision_history.data_content_type 
_pdbx_audit_revision_history.major_revision 
_pdbx_audit_revision_history.minor_revision 
_pdbx_audit_revision_history.revision_date 
1 'Structure model' 1 0 2009-01-13 
2 'Structure model' 1 1 2011-07-13 
3 'Structure model' 1 2 2023-12-27 
# 
_pdbx_audit_revision_details.ordinal             1 
_pdbx_audit_revision_details.revision_ordinal    1 
_pdbx_audit_revision_details.data_content_type   'Structure model' 
_pdbx_audit_revision_details.provider            repository 
_pdbx_audit_revision_details.type                'Initial release' 
_pdbx_audit_revision_details.description         ? 
_pdbx_audit_revision_details.details             ? 
# 
loop_
_pdbx_audit_revision_group.ordinal 
_pdbx_audit_revision_group.revision_ordinal 
_pdbx_audit_revision_group.data_content_type 
_pdbx_audit_revision_group.group 
1 2 'Structure model' 'Version format compliance' 
2 3 'Structure model' 'Data collection'           
3 3 'Structure model' 'Database references'       
4 3 'Structure model' 'Derived calculations'      
# 
loop_
_pdbx_audit_revision_category.ordinal 
_pdbx_audit_revision_category.revision_ordinal 
_pdbx_audit_revision_category.data_content_type 
_pdbx_audit_revision_category.category 
1 3 'Structure model' chem_comp_atom 
2 3 'Structure model' chem_comp_bond 
3 3 'Structure model' database_2     
4 3 'Structure model' struct_site    
# 
loop_
_pdbx_audit_revision_item.ordinal 
_pdbx_audit_revision_item.revision_ordinal 
_pdbx_audit_revision_item.data_content_type 
_pdbx_audit_revision_item.item 
1 3 'Structure model' '_database_2.pdbx_DOI'                
2 3 'Structure model' '_database_2.pdbx_database_accession' 
3 3 'Structure model' '_struct_site.pdbx_auth_asym_id'      
4 3 'Structure model' '_struct_site.pdbx_auth_comp_id'      
5 3 'Structure model' '_struct_site.pdbx_auth_seq_id'       
# 
_pdbx_database_status.status_code                     REL 
_pdbx_database_status.entry_id                        3EWR 
_pdbx_database_status.recvd_initial_deposition_date   2008-10-16 
_pdbx_database_status.deposit_site                    RCSB 
_pdbx_database_status.process_site                    PDBJ 
_pdbx_database_status.status_code_sf                  REL 
_pdbx_database_status.status_code_mr                  ? 
_pdbx_database_status.SG_entry                        ? 
_pdbx_database_status.pdb_format_compatible           Y 
_pdbx_database_status.status_code_cs                  ? 
_pdbx_database_status.status_code_nmr_data            ? 
_pdbx_database_status.methods_development_category    ? 
# 
loop_
_pdbx_database_related.db_name 
_pdbx_database_related.db_id 
_pdbx_database_related.details 
_pdbx_database_related.content_type 
PDB 3EWO . unspecified 
PDB 3EWP . unspecified 
PDB 3EWQ . unspecified 
# 
loop_
_audit_author.name 
_audit_author.pdbx_ordinal 
'Xu, Y.'      1 
'Cong, L.'    2 
'Chen, C.'    3 
'Wei, L.'     4 
'Zhao, Q.'    5 
'Xu, X.'      6 
'Ma, Y.'      7 
'Bartlam, M.' 8 
'Rao, Z.'     9 
# 
_citation.id                        primary 
_citation.title                     
;Crystal structures of two coronavirus ADP-ribose-1''-monophosphatases and their complexes with ADP-Ribose: a systematic structural analysis of the viral ADRP domain.
;
_citation.journal_abbrev            J.Virol. 
_citation.journal_volume            83 
_citation.page_first                1083 
_citation.page_last                 1092 
_citation.year                      2009 
_citation.journal_id_ASTM           JOVIAM 
_citation.country                   US 
_citation.journal_id_ISSN           0022-538X 
_citation.journal_id_CSD            0825 
_citation.book_publisher            ? 
_citation.pdbx_database_id_PubMed   18987156 
_citation.pdbx_database_id_DOI      10.1128/JVI.01862-08 
# 
loop_
_citation_author.citation_id 
_citation_author.name 
_citation_author.ordinal 
_citation_author.identifier_ORCID 
primary 'Xu, Y.'      1 ? 
primary 'Cong, L.'    2 ? 
primary 'Chen, C.'    3 ? 
primary 'Wei, L.'     4 ? 
primary 'Zhao, Q.'    5 ? 
primary 'Xu, X.'      6 ? 
primary 'Ma, Y.'      7 ? 
primary 'Bartlam, M.' 8 ? 
primary 'Rao, Z.'     9 ? 
# 
loop_
_entity.id 
_entity.type 
_entity.src_method 
_entity.pdbx_description 
_entity.formula_weight 
_entity.pdbx_number_of_molecules 
_entity.pdbx_ec 
_entity.pdbx_mutation 
_entity.pdbx_fragment 
_entity.details 
1 polymer     man 'Non-structural protein 3'  18349.154 1   3.4.22.- ? 'ADRP domain' ? 
2 non-polymer syn ADENOSINE-5-DIPHOSPHORIBOSE 559.316   1   ?        ? ?             ? 
3 water       nat water                       18.015    109 ?        ? ?             ? 
# 
_entity_name_com.entity_id   1 
_entity_name_com.name        'nsp3, Papain-like proteinases 1/2, PL1-PRO/PL2-PRO, p195' 
# 
_entity_poly.entity_id                      1 
_entity_poly.type                           'polypeptide(L)' 
_entity_poly.nstd_linkage                   no 
_entity_poly.nstd_monomer                   no 
_entity_poly.pdbx_seq_one_letter_code       
;KEKLNAFLVHDNVAFYQGDVDTVVNGVDFDFIVNAANENLAHGGGLAKALDVYTKGKLQRLSKEHIGLAGKVKVGTGVMV
ECDSLRIFNVVGPRKGKHERDLLIKAYNTINNEQGTPLTPILSCGIFGIKLETSLEVLLDVCNTKEVKVFVYTDTEVCKV
KDFVSGLV
;
_entity_poly.pdbx_seq_one_letter_code_can   
;KEKLNAFLVHDNVAFYQGDVDTVVNGVDFDFIVNAANENLAHGGGLAKALDVYTKGKLQRLSKEHIGLAGKVKVGTGVMV
ECDSLRIFNVVGPRKGKHERDLLIKAYNTINNEQGTPLTPILSCGIFGIKLETSLEVLLDVCNTKEVKVFVYTDTEVCKV
KDFVSGLV
;
_entity_poly.pdbx_strand_id                 A 
_entity_poly.pdbx_target_identifier         ? 
# 
loop_
_pdbx_entity_nonpoly.entity_id 
_pdbx_entity_nonpoly.name 
_pdbx_entity_nonpoly.comp_id 
2 ADENOSINE-5-DIPHOSPHORIBOSE APR 
3 water                       HOH 
# 
loop_
_entity_poly_seq.entity_id 
_entity_poly_seq.num 
_entity_poly_seq.mon_id 
_entity_poly_seq.hetero 
1 1   LYS n 
1 2   GLU n 
1 3   LYS n 
1 4   LEU n 
1 5   ASN n 
1 6   ALA n 
1 7   PHE n 
1 8   LEU n 
1 9   VAL n 
1 10  HIS n 
1 11  ASP n 
1 12  ASN n 
1 13  VAL n 
1 14  ALA n 
1 15  PHE n 
1 16  TYR n 
1 17  GLN n 
1 18  GLY n 
1 19  ASP n 
1 20  VAL n 
1 21  ASP n 
1 22  THR n 
1 23  VAL n 
1 24  VAL n 
1 25  ASN n 
1 26  GLY n 
1 27  VAL n 
1 28  ASP n 
1 29  PHE n 
1 30  ASP n 
1 31  PHE n 
1 32  ILE n 
1 33  VAL n 
1 34  ASN n 
1 35  ALA n 
1 36  ALA n 
1 37  ASN n 
1 38  GLU n 
1 39  ASN n 
1 40  LEU n 
1 41  ALA n 
1 42  HIS n 
1 43  GLY n 
1 44  GLY n 
1 45  GLY n 
1 46  LEU n 
1 47  ALA n 
1 48  LYS n 
1 49  ALA n 
1 50  LEU n 
1 51  ASP n 
1 52  VAL n 
1 53  TYR n 
1 54  THR n 
1 55  LYS n 
1 56  GLY n 
1 57  LYS n 
1 58  LEU n 
1 59  GLN n 
1 60  ARG n 
1 61  LEU n 
1 62  SER n 
1 63  LYS n 
1 64  GLU n 
1 65  HIS n 
1 66  ILE n 
1 67  GLY n 
1 68  LEU n 
1 69  ALA n 
1 70  GLY n 
1 71  LYS n 
1 72  VAL n 
1 73  LYS n 
1 74  VAL n 
1 75  GLY n 
1 76  THR n 
1 77  GLY n 
1 78  VAL n 
1 79  MET n 
1 80  VAL n 
1 81  GLU n 
1 82  CYS n 
1 83  ASP n 
1 84  SER n 
1 85  LEU n 
1 86  ARG n 
1 87  ILE n 
1 88  PHE n 
1 89  ASN n 
1 90  VAL n 
1 91  VAL n 
1 92  GLY n 
1 93  PRO n 
1 94  ARG n 
1 95  LYS n 
1 96  GLY n 
1 97  LYS n 
1 98  HIS n 
1 99  GLU n 
1 100 ARG n 
1 101 ASP n 
1 102 LEU n 
1 103 LEU n 
1 104 ILE n 
1 105 LYS n 
1 106 ALA n 
1 107 TYR n 
1 108 ASN n 
1 109 THR n 
1 110 ILE n 
1 111 ASN n 
1 112 ASN n 
1 113 GLU n 
1 114 GLN n 
1 115 GLY n 
1 116 THR n 
1 117 PRO n 
1 118 LEU n 
1 119 THR n 
1 120 PRO n 
1 121 ILE n 
1 122 LEU n 
1 123 SER n 
1 124 CYS n 
1 125 GLY n 
1 126 ILE n 
1 127 PHE n 
1 128 GLY n 
1 129 ILE n 
1 130 LYS n 
1 131 LEU n 
1 132 GLU n 
1 133 THR n 
1 134 SER n 
1 135 LEU n 
1 136 GLU n 
1 137 VAL n 
1 138 LEU n 
1 139 LEU n 
1 140 ASP n 
1 141 VAL n 
1 142 CYS n 
1 143 ASN n 
1 144 THR n 
1 145 LYS n 
1 146 GLU n 
1 147 VAL n 
1 148 LYS n 
1 149 VAL n 
1 150 PHE n 
1 151 VAL n 
1 152 TYR n 
1 153 THR n 
1 154 ASP n 
1 155 THR n 
1 156 GLU n 
1 157 VAL n 
1 158 CYS n 
1 159 LYS n 
1 160 VAL n 
1 161 LYS n 
1 162 ASP n 
1 163 PHE n 
1 164 VAL n 
1 165 SER n 
1 166 GLY n 
1 167 LEU n 
1 168 VAL n 
# 
_entity_src_gen.entity_id                          1 
_entity_src_gen.pdbx_src_id                        1 
_entity_src_gen.pdbx_alt_source_flag               sample 
_entity_src_gen.pdbx_seq_type                      ? 
_entity_src_gen.pdbx_beg_seq_num                   ? 
_entity_src_gen.pdbx_end_seq_num                   ? 
_entity_src_gen.gene_src_common_name               HCoV-229E 
_entity_src_gen.gene_src_genus                     ? 
_entity_src_gen.pdbx_gene_src_gene                 ? 
_entity_src_gen.gene_src_species                   ? 
_entity_src_gen.gene_src_strain                    ? 
_entity_src_gen.gene_src_tissue                    ? 
_entity_src_gen.gene_src_tissue_fraction           ? 
_entity_src_gen.gene_src_details                   ? 
_entity_src_gen.pdbx_gene_src_fragment             ? 
_entity_src_gen.pdbx_gene_src_scientific_name      'Human coronavirus 229E' 
_entity_src_gen.pdbx_gene_src_ncbi_taxonomy_id     11137 
_entity_src_gen.pdbx_gene_src_variant              ? 
_entity_src_gen.pdbx_gene_src_cell_line            ? 
_entity_src_gen.pdbx_gene_src_atcc                 ? 
_entity_src_gen.pdbx_gene_src_organ                ? 
_entity_src_gen.pdbx_gene_src_organelle            ? 
_entity_src_gen.pdbx_gene_src_cell                 ? 
_entity_src_gen.pdbx_gene_src_cellular_location    ? 
_entity_src_gen.host_org_common_name               ? 
_entity_src_gen.pdbx_host_org_scientific_name      'Escherichia coli' 
_entity_src_gen.pdbx_host_org_ncbi_taxonomy_id     562 
_entity_src_gen.host_org_genus                     ? 
_entity_src_gen.pdbx_host_org_gene                 ? 
_entity_src_gen.pdbx_host_org_organ                ? 
_entity_src_gen.host_org_species                   ? 
_entity_src_gen.pdbx_host_org_tissue               ? 
_entity_src_gen.pdbx_host_org_tissue_fraction      ? 
_entity_src_gen.pdbx_host_org_strain               BL21 
_entity_src_gen.pdbx_host_org_variant              ? 
_entity_src_gen.pdbx_host_org_cell_line            ? 
_entity_src_gen.pdbx_host_org_atcc                 ? 
_entity_src_gen.pdbx_host_org_culture_collection   ? 
_entity_src_gen.pdbx_host_org_cell                 ? 
_entity_src_gen.pdbx_host_org_organelle            ? 
_entity_src_gen.pdbx_host_org_cellular_location    ? 
_entity_src_gen.pdbx_host_org_vector_type          PLASMID 
_entity_src_gen.pdbx_host_org_vector               ? 
_entity_src_gen.host_org_details                   ? 
_entity_src_gen.expression_system_id               ? 
_entity_src_gen.plasmid_name                       pGEX-6P-1 
_entity_src_gen.plasmid_details                    ? 
_entity_src_gen.pdbx_description                   ? 
# 
loop_
_chem_comp.id 
_chem_comp.type 
_chem_comp.mon_nstd_flag 
_chem_comp.name 
_chem_comp.pdbx_synonyms 
_chem_comp.formula 
_chem_comp.formula_weight 
ALA 'L-peptide linking' y ALANINE                     ? 'C3 H7 N O2'        89.093  
APR non-polymer         . ADENOSINE-5-DIPHOSPHORIBOSE ? 'C15 H23 N5 O14 P2' 559.316 
ARG 'L-peptide linking' y ARGININE                    ? 'C6 H15 N4 O2 1'    175.209 
ASN 'L-peptide linking' y ASPARAGINE                  ? 'C4 H8 N2 O3'       132.118 
ASP 'L-peptide linking' y 'ASPARTIC ACID'             ? 'C4 H7 N O4'        133.103 
CYS 'L-peptide linking' y CYSTEINE                    ? 'C3 H7 N O2 S'      121.158 
GLN 'L-peptide linking' y GLUTAMINE                   ? 'C5 H10 N2 O3'      146.144 
GLU 'L-peptide linking' y 'GLUTAMIC ACID'             ? 'C5 H9 N O4'        147.129 
GLY 'peptide linking'   y GLYCINE                     ? 'C2 H5 N O2'        75.067  
HIS 'L-peptide linking' y HISTIDINE                   ? 'C6 H10 N3 O2 1'    156.162 
HOH non-polymer         . WATER                       ? 'H2 O'              18.015  
ILE 'L-peptide linking' y ISOLEUCINE                  ? 'C6 H13 N O2'       131.173 
LEU 'L-peptide linking' y LEUCINE                     ? 'C6 H13 N O2'       131.173 
LYS 'L-peptide linking' y LYSINE                      ? 'C6 H15 N2 O2 1'    147.195 
MET 'L-peptide linking' y METHIONINE                  ? 'C5 H11 N O2 S'     149.211 
PHE 'L-peptide linking' y PHENYLALANINE               ? 'C9 H11 N O2'       165.189 
PRO 'L-peptide linking' y PROLINE                     ? 'C5 H9 N O2'        115.130 
SER 'L-peptide linking' y SERINE                      ? 'C3 H7 N O3'        105.093 
THR 'L-peptide linking' y THREONINE                   ? 'C4 H9 N O3'        119.119 
TYR 'L-peptide linking' y TYROSINE                    ? 'C9 H11 N O3'       181.189 
VAL 'L-peptide linking' y VALINE                      ? 'C5 H11 N O2'       117.146 
# 
loop_
_pdbx_poly_seq_scheme.asym_id 
_pdbx_poly_seq_scheme.entity_id 
_pdbx_poly_seq_scheme.seq_id 
_pdbx_poly_seq_scheme.mon_id 
_pdbx_poly_seq_scheme.ndb_seq_num 
_pdbx_poly_seq_scheme.pdb_seq_num 
_pdbx_poly_seq_scheme.auth_seq_num 
_pdbx_poly_seq_scheme.pdb_mon_id 
_pdbx_poly_seq_scheme.auth_mon_id 
_pdbx_poly_seq_scheme.pdb_strand_id 
_pdbx_poly_seq_scheme.pdb_ins_code 
_pdbx_poly_seq_scheme.hetero 
A 1 1   LYS 1   1   1   LYS LYS A . n 
A 1 2   GLU 2   2   2   GLU GLU A . n 
A 1 3   LYS 3   3   3   LYS LYS A . n 
A 1 4   LEU 4   4   4   LEU LEU A . n 
A 1 5   ASN 5   5   5   ASN ASN A . n 
A 1 6   ALA 6   6   6   ALA ALA A . n 
A 1 7   PHE 7   7   7   PHE PHE A . n 
A 1 8   LEU 8   8   8   LEU LEU A . n 
A 1 9   VAL 9   9   9   VAL VAL A . n 
A 1 10  HIS 10  10  10  HIS HIS A . n 
A 1 11  ASP 11  11  11  ASP ASP A . n 
A 1 12  ASN 12  12  12  ASN ASN A . n 
A 1 13  VAL 13  13  13  VAL VAL A . n 
A 1 14  ALA 14  14  14  ALA ALA A . n 
A 1 15  PHE 15  15  15  PHE PHE A . n 
A 1 16  TYR 16  16  16  TYR TYR A . n 
A 1 17  GLN 17  17  17  GLN GLN A . n 
A 1 18  GLY 18  18  18  GLY GLY A . n 
A 1 19  ASP 19  19  19  ASP ASP A . n 
A 1 20  VAL 20  20  20  VAL VAL A . n 
A 1 21  ASP 21  21  21  ASP ASP A . n 
A 1 22  THR 22  22  22  THR THR A . n 
A 1 23  VAL 23  23  23  VAL VAL A . n 
A 1 24  VAL 24  24  24  VAL VAL A . n 
A 1 25  ASN 25  25  25  ASN ASN A . n 
A 1 26  GLY 26  26  26  GLY GLY A . n 
A 1 27  VAL 27  27  27  VAL VAL A . n 
A 1 28  ASP 28  28  28  ASP ASP A . n 
A 1 29  PHE 29  29  29  PHE PHE A . n 
A 1 30  ASP 30  30  30  ASP ASP A . n 
A 1 31  PHE 31  31  31  PHE PHE A . n 
A 1 32  ILE 32  32  32  ILE ILE A . n 
A 1 33  VAL 33  33  33  VAL VAL A . n 
A 1 34  ASN 34  34  34  ASN ASN A . n 
A 1 35  ALA 35  35  35  ALA ALA A . n 
A 1 36  ALA 36  36  36  ALA ALA A . n 
A 1 37  ASN 37  37  37  ASN ASN A . n 
A 1 38  GLU 38  38  38  GLU GLU A . n 
A 1 39  ASN 39  39  39  ASN ASN A . n 
A 1 40  LEU 40  40  40  LEU LEU A . n 
A 1 41  ALA 41  41  41  ALA ALA A . n 
A 1 42  HIS 42  42  42  HIS HIS A . n 
A 1 43  GLY 43  43  43  GLY GLY A . n 
A 1 44  GLY 44  44  44  GLY GLY A . n 
A 1 45  GLY 45  45  45  GLY GLY A . n 
A 1 46  LEU 46  46  46  LEU LEU A . n 
A 1 47  ALA 47  47  47  ALA ALA A . n 
A 1 48  LYS 48  48  48  LYS LYS A . n 
A 1 49  ALA 49  49  49  ALA ALA A . n 
A 1 50  LEU 50  50  50  LEU LEU A . n 
A 1 51  ASP 51  51  51  ASP ASP A . n 
A 1 52  VAL 52  52  52  VAL VAL A . n 
A 1 53  TYR 53  53  53  TYR TYR A . n 
A 1 54  THR 54  54  54  THR THR A . n 
A 1 55  LYS 55  55  55  LYS LYS A . n 
A 1 56  GLY 56  56  56  GLY GLY A . n 
A 1 57  LYS 57  57  57  LYS LYS A . n 
A 1 58  LEU 58  58  58  LEU LEU A . n 
A 1 59  GLN 59  59  59  GLN GLN A . n 
A 1 60  ARG 60  60  60  ARG ARG A . n 
A 1 61  LEU 61  61  61  LEU LEU A . n 
A 1 62  SER 62  62  62  SER SER A . n 
A 1 63  LYS 63  63  63  LYS LYS A . n 
A 1 64  GLU 64  64  64  GLU GLU A . n 
A 1 65  HIS 65  65  65  HIS HIS A . n 
A 1 66  ILE 66  66  66  ILE ILE A . n 
A 1 67  GLY 67  67  67  GLY GLY A . n 
A 1 68  LEU 68  68  68  LEU LEU A . n 
A 1 69  ALA 69  69  69  ALA ALA A . n 
A 1 70  GLY 70  70  70  GLY GLY A . n 
A 1 71  LYS 71  71  71  LYS LYS A . n 
A 1 72  VAL 72  72  72  VAL VAL A . n 
A 1 73  LYS 73  73  73  LYS LYS A . n 
A 1 74  VAL 74  74  74  VAL VAL A . n 
A 1 75  GLY 75  75  75  GLY GLY A . n 
A 1 76  THR 76  76  76  THR THR A . n 
A 1 77  GLY 77  77  77  GLY GLY A . n 
A 1 78  VAL 78  78  78  VAL VAL A . n 
A 1 79  MET 79  79  79  MET MET A . n 
A 1 80  VAL 80  80  80  VAL VAL A . n 
A 1 81  GLU 81  81  81  GLU GLU A . n 
A 1 82  CYS 82  82  82  CYS CYS A . n 
A 1 83  ASP 83  83  83  ASP ASP A . n 
A 1 84  SER 84  84  84  SER SER A . n 
A 1 85  LEU 85  85  85  LEU LEU A . n 
A 1 86  ARG 86  86  86  ARG ARG A . n 
A 1 87  ILE 87  87  87  ILE ILE A . n 
A 1 88  PHE 88  88  88  PHE PHE A . n 
A 1 89  ASN 89  89  89  ASN ASN A . n 
A 1 90  VAL 90  90  90  VAL VAL A . n 
A 1 91  VAL 91  91  91  VAL VAL A . n 
A 1 92  GLY 92  92  92  GLY GLY A . n 
A 1 93  PRO 93  93  93  PRO PRO A . n 
A 1 94  ARG 94  94  94  ARG ARG A . n 
A 1 95  LYS 95  95  95  LYS LYS A . n 
A 1 96  GLY 96  96  96  GLY GLY A . n 
A 1 97  LYS 97  97  97  LYS LYS A . n 
A 1 98  HIS 98  98  98  HIS HIS A . n 
A 1 99  GLU 99  99  99  GLU GLU A . n 
A 1 100 ARG 100 100 100 ARG ARG A . n 
A 1 101 ASP 101 101 101 ASP ASP A . n 
A 1 102 LEU 102 102 102 LEU LEU A . n 
A 1 103 LEU 103 103 103 LEU LEU A . n 
A 1 104 ILE 104 104 104 ILE ILE A . n 
A 1 105 LYS 105 105 105 LYS LYS A . n 
A 1 106 ALA 106 106 106 ALA ALA A . n 
A 1 107 TYR 107 107 107 TYR TYR A . n 
A 1 108 ASN 108 108 108 ASN ASN A . n 
A 1 109 THR 109 109 109 THR THR A . n 
A 1 110 ILE 110 110 110 ILE ILE A . n 
A 1 111 ASN 111 111 111 ASN ASN A . n 
A 1 112 ASN 112 112 112 ASN ASN A . n 
A 1 113 GLU 113 113 113 GLU GLU A . n 
A 1 114 GLN 114 114 114 GLN GLN A . n 
A 1 115 GLY 115 115 115 GLY GLY A . n 
A 1 116 THR 116 116 116 THR THR A . n 
A 1 117 PRO 117 117 117 PRO PRO A . n 
A 1 118 LEU 118 118 118 LEU LEU A . n 
A 1 119 THR 119 119 119 THR THR A . n 
A 1 120 PRO 120 120 120 PRO PRO A . n 
A 1 121 ILE 121 121 121 ILE ILE A . n 
A 1 122 LEU 122 122 122 LEU LEU A . n 
A 1 123 SER 123 123 123 SER SER A . n 
A 1 124 CYS 124 124 124 CYS CYS A . n 
A 1 125 GLY 125 125 125 GLY GLY A . n 
A 1 126 ILE 126 126 126 ILE ILE A . n 
A 1 127 PHE 127 127 127 PHE PHE A . n 
A 1 128 GLY 128 128 128 GLY GLY A . n 
A 1 129 ILE 129 129 129 ILE ILE A . n 
A 1 130 LYS 130 130 130 LYS LYS A . n 
A 1 131 LEU 131 131 131 LEU LEU A . n 
A 1 132 GLU 132 132 132 GLU GLU A . n 
A 1 133 THR 133 133 133 THR THR A . n 
A 1 134 SER 134 134 134 SER SER A . n 
A 1 135 LEU 135 135 135 LEU LEU A . n 
A 1 136 GLU 136 136 136 GLU GLU A . n 
A 1 137 VAL 137 137 137 VAL VAL A . n 
A 1 138 LEU 138 138 138 LEU LEU A . n 
A 1 139 LEU 139 139 139 LEU LEU A . n 
A 1 140 ASP 140 140 140 ASP ASP A . n 
A 1 141 VAL 141 141 141 VAL VAL A . n 
A 1 142 CYS 142 142 142 CYS CYS A . n 
A 1 143 ASN 143 143 143 ASN ASN A . n 
A 1 144 THR 144 144 144 THR THR A . n 
A 1 145 LYS 145 145 145 LYS LYS A . n 
A 1 146 GLU 146 146 146 GLU GLU A . n 
A 1 147 VAL 147 147 147 VAL VAL A . n 
A 1 148 LYS 148 148 148 LYS LYS A . n 
A 1 149 VAL 149 149 149 VAL VAL A . n 
A 1 150 PHE 150 150 150 PHE PHE A . n 
A 1 151 VAL 151 151 151 VAL VAL A . n 
A 1 152 TYR 152 152 152 TYR TYR A . n 
A 1 153 THR 153 153 153 THR THR A . n 
A 1 154 ASP 154 154 154 ASP ASP A . n 
A 1 155 THR 155 155 155 THR THR A . n 
A 1 156 GLU 156 156 156 GLU GLU A . n 
A 1 157 VAL 157 157 157 VAL VAL A . n 
A 1 158 CYS 158 158 158 CYS CYS A . n 
A 1 159 LYS 159 159 159 LYS LYS A . n 
A 1 160 VAL 160 160 160 VAL VAL A . n 
A 1 161 LYS 161 161 161 LYS LYS A . n 
A 1 162 ASP 162 162 162 ASP ASP A . n 
A 1 163 PHE 163 163 163 PHE PHE A . n 
A 1 164 VAL 164 164 164 VAL VAL A . n 
A 1 165 SER 165 165 165 SER SER A . n 
A 1 166 GLY 166 166 166 GLY GLY A . n 
A 1 167 LEU 167 167 167 LEU LEU A . n 
A 1 168 VAL 168 168 ?   ?   ?   A . n 
# 
loop_
_pdbx_nonpoly_scheme.asym_id 
_pdbx_nonpoly_scheme.entity_id 
_pdbx_nonpoly_scheme.mon_id 
_pdbx_nonpoly_scheme.ndb_seq_num 
_pdbx_nonpoly_scheme.pdb_seq_num 
_pdbx_nonpoly_scheme.auth_seq_num 
_pdbx_nonpoly_scheme.pdb_mon_id 
_pdbx_nonpoly_scheme.auth_mon_id 
_pdbx_nonpoly_scheme.pdb_strand_id 
_pdbx_nonpoly_scheme.pdb_ins_code 
B 2 APR 1   169 1   APR APR A . 
C 3 HOH 1   170 1   HOH HOH A . 
C 3 HOH 2   171 2   HOH HOH A . 
C 3 HOH 3   172 3   HOH HOH A . 
C 3 HOH 4   173 4   HOH HOH A . 
C 3 HOH 5   174 5   HOH HOH A . 
C 3 HOH 6   175 6   HOH HOH A . 
C 3 HOH 7   176 7   HOH HOH A . 
C 3 HOH 8   177 8   HOH HOH A . 
C 3 HOH 9   178 9   HOH HOH A . 
C 3 HOH 10  179 10  HOH HOH A . 
C 3 HOH 11  180 11  HOH HOH A . 
C 3 HOH 12  181 12  HOH HOH A . 
C 3 HOH 13  182 13  HOH HOH A . 
C 3 HOH 14  183 14  HOH HOH A . 
C 3 HOH 15  184 15  HOH HOH A . 
C 3 HOH 16  185 16  HOH HOH A . 
C 3 HOH 17  186 17  HOH HOH A . 
C 3 HOH 18  187 18  HOH HOH A . 
C 3 HOH 19  188 19  HOH HOH A . 
C 3 HOH 20  189 20  HOH HOH A . 
C 3 HOH 21  190 21  HOH HOH A . 
C 3 HOH 22  191 22  HOH HOH A . 
C 3 HOH 23  192 23  HOH HOH A . 
C 3 HOH 24  193 24  HOH HOH A . 
C 3 HOH 25  194 25  HOH HOH A . 
C 3 HOH 26  195 26  HOH HOH A . 
C 3 HOH 27  196 27  HOH HOH A . 
C 3 HOH 28  197 28  HOH HOH A . 
C 3 HOH 29  198 29  HOH HOH A . 
C 3 HOH 30  199 30  HOH HOH A . 
C 3 HOH 31  200 31  HOH HOH A . 
C 3 HOH 32  201 32  HOH HOH A . 
C 3 HOH 33  202 33  HOH HOH A . 
C 3 HOH 34  203 34  HOH HOH A . 
C 3 HOH 35  204 35  HOH HOH A . 
C 3 HOH 36  205 36  HOH HOH A . 
C 3 HOH 37  206 37  HOH HOH A . 
C 3 HOH 38  207 38  HOH HOH A . 
C 3 HOH 39  208 39  HOH HOH A . 
C 3 HOH 40  209 40  HOH HOH A . 
C 3 HOH 41  210 41  HOH HOH A . 
C 3 HOH 42  211 42  HOH HOH A . 
C 3 HOH 43  212 43  HOH HOH A . 
C 3 HOH 44  213 44  HOH HOH A . 
C 3 HOH 45  214 45  HOH HOH A . 
C 3 HOH 46  215 46  HOH HOH A . 
C 3 HOH 47  216 47  HOH HOH A . 
C 3 HOH 48  217 48  HOH HOH A . 
C 3 HOH 49  218 49  HOH HOH A . 
C 3 HOH 50  219 50  HOH HOH A . 
C 3 HOH 51  220 51  HOH HOH A . 
C 3 HOH 52  221 52  HOH HOH A . 
C 3 HOH 53  222 53  HOH HOH A . 
C 3 HOH 54  223 54  HOH HOH A . 
C 3 HOH 55  224 55  HOH HOH A . 
C 3 HOH 56  225 56  HOH HOH A . 
C 3 HOH 57  226 57  HOH HOH A . 
C 3 HOH 58  227 58  HOH HOH A . 
C 3 HOH 59  228 59  HOH HOH A . 
C 3 HOH 60  229 60  HOH HOH A . 
C 3 HOH 61  230 61  HOH HOH A . 
C 3 HOH 62  231 62  HOH HOH A . 
C 3 HOH 63  232 63  HOH HOH A . 
C 3 HOH 64  233 64  HOH HOH A . 
C 3 HOH 65  234 65  HOH HOH A . 
C 3 HOH 66  235 66  HOH HOH A . 
C 3 HOH 67  236 67  HOH HOH A . 
C 3 HOH 68  237 68  HOH HOH A . 
C 3 HOH 69  238 69  HOH HOH A . 
C 3 HOH 70  239 70  HOH HOH A . 
C 3 HOH 71  240 71  HOH HOH A . 
C 3 HOH 72  241 72  HOH HOH A . 
C 3 HOH 73  242 73  HOH HOH A . 
C 3 HOH 74  243 74  HOH HOH A . 
C 3 HOH 75  244 75  HOH HOH A . 
C 3 HOH 76  245 76  HOH HOH A . 
C 3 HOH 77  246 77  HOH HOH A . 
C 3 HOH 78  247 78  HOH HOH A . 
C 3 HOH 79  248 79  HOH HOH A . 
C 3 HOH 80  249 80  HOH HOH A . 
C 3 HOH 81  250 81  HOH HOH A . 
C 3 HOH 82  251 82  HOH HOH A . 
C 3 HOH 83  252 83  HOH HOH A . 
C 3 HOH 84  253 84  HOH HOH A . 
C 3 HOH 85  254 85  HOH HOH A . 
C 3 HOH 86  255 86  HOH HOH A . 
C 3 HOH 87  256 87  HOH HOH A . 
C 3 HOH 88  257 88  HOH HOH A . 
C 3 HOH 89  258 89  HOH HOH A . 
C 3 HOH 90  259 90  HOH HOH A . 
C 3 HOH 91  260 91  HOH HOH A . 
C 3 HOH 92  261 92  HOH HOH A . 
C 3 HOH 93  262 93  HOH HOH A . 
C 3 HOH 94  263 94  HOH HOH A . 
C 3 HOH 95  264 95  HOH HOH A . 
C 3 HOH 96  265 96  HOH HOH A . 
C 3 HOH 97  266 97  HOH HOH A . 
C 3 HOH 98  267 98  HOH HOH A . 
C 3 HOH 99  268 99  HOH HOH A . 
C 3 HOH 100 269 100 HOH HOH A . 
C 3 HOH 101 270 101 HOH HOH A . 
C 3 HOH 102 271 102 HOH HOH A . 
C 3 HOH 103 272 103 HOH HOH A . 
C 3 HOH 104 273 104 HOH HOH A . 
C 3 HOH 105 274 105 HOH HOH A . 
C 3 HOH 106 275 106 HOH HOH A . 
C 3 HOH 107 276 107 HOH HOH A . 
C 3 HOH 108 277 108 HOH HOH A . 
C 3 HOH 109 278 109 HOH HOH A . 
# 
loop_
_software.name 
_software.classification 
_software.version 
_software.citation_id 
_software.pdbx_ordinal 
HKL-2000 'data collection' .        ? 1 
CCP4     'model building'  .        ? 2 
REFMAC   refinement        5.2.0019 ? 3 
HKL-2000 'data reduction'  .        ? 4 
HKL-2000 'data scaling'    .        ? 5 
CCP4     phasing           .        ? 6 
# 
_cell.entry_id           3EWR 
_cell.length_a           47.776 
_cell.length_b           51.024 
_cell.length_c           68.077 
_cell.angle_alpha        90.00 
_cell.angle_beta         90.00 
_cell.angle_gamma        90.00 
_cell.Z_PDB              4 
_cell.pdbx_unique_axis   ? 
_cell.length_a_esd       ? 
_cell.length_b_esd       ? 
_cell.length_c_esd       ? 
_cell.angle_alpha_esd    ? 
_cell.angle_beta_esd     ? 
_cell.angle_gamma_esd    ? 
# 
_symmetry.entry_id                         3EWR 
_symmetry.space_group_name_H-M             'P 21 21 21' 
_symmetry.pdbx_full_space_group_name_H-M   ? 
_symmetry.cell_setting                     ? 
_symmetry.Int_Tables_number                19 
_symmetry.space_group_name_Hall            ? 
# 
_exptl.entry_id          3EWR 
_exptl.method            'X-RAY DIFFRACTION' 
_exptl.crystals_number   1 
# 
_exptl_crystal.id                    1 
_exptl_crystal.density_meas          ? 
_exptl_crystal.density_Matthews      2.26 
_exptl_crystal.density_percent_sol   45.60 
_exptl_crystal.description           ? 
_exptl_crystal.F_000                 ? 
_exptl_crystal.preparation           ? 
# 
_exptl_crystal_grow.crystal_id      1 
_exptl_crystal_grow.method          'VAPOR DIFFUSION' 
_exptl_crystal_grow.temp            291.0 
_exptl_crystal_grow.temp_details    ? 
_exptl_crystal_grow.pH              7.5 
_exptl_crystal_grow.pdbx_details    '0.1M HEPES pH 7.5, 25% w/v PEG 3350 , VAPOR DIFFUSION, temperature 291.0K' 
_exptl_crystal_grow.pdbx_pH_range   . 
# 
_diffrn.id                     1 
_diffrn.ambient_temp           100.0 
_diffrn.ambient_temp_details   ? 
_diffrn.crystal_id             1 
# 
_diffrn_detector.diffrn_id              1 
_diffrn_detector.detector               'IMAGE PLATE' 
_diffrn_detector.type                   'RIGAKU RAXIS IV++' 
_diffrn_detector.pdbx_collection_date   2008-05-27 
_diffrn_detector.details                mirrors 
# 
_diffrn_radiation.diffrn_id                        1 
_diffrn_radiation.wavelength_id                    1 
_diffrn_radiation.pdbx_monochromatic_or_laue_m_l   M 
_diffrn_radiation.monochromator                    GRAPHITE 
_diffrn_radiation.pdbx_diffrn_protocol             'SINGLE WAVELENGTH' 
_diffrn_radiation.pdbx_scattering_type             x-ray 
# 
_diffrn_radiation_wavelength.id           1 
_diffrn_radiation_wavelength.wavelength   1.5418 
_diffrn_radiation_wavelength.wt           1.0 
# 
_diffrn_source.diffrn_id                   1 
_diffrn_source.source                      'ROTATING ANODE' 
_diffrn_source.type                        'RIGAKU MICROMAX-007' 
_diffrn_source.pdbx_synchrotron_site       ? 
_diffrn_source.pdbx_synchrotron_beamline   ? 
_diffrn_source.pdbx_wavelength             ? 
_diffrn_source.pdbx_wavelength_list        1.5418 
# 
_reflns.entry_id                     3EWR 
_reflns.observed_criterion_sigma_I   0 
_reflns.observed_criterion_sigma_F   0 
_reflns.d_resolution_low             50.00 
_reflns.d_resolution_high            2.00 
_reflns.number_obs                   11578 
_reflns.number_all                   ? 
_reflns.percent_possible_obs         94.8 
_reflns.pdbx_Rmerge_I_obs            0.204 
_reflns.pdbx_Rsym_value              ? 
_reflns.pdbx_netI_over_sigmaI        ? 
_reflns.B_iso_Wilson_estimate        ? 
_reflns.pdbx_redundancy              5.4 
_reflns.R_free_details               ? 
_reflns.limit_h_max                  ? 
_reflns.limit_h_min                  ? 
_reflns.limit_k_max                  ? 
_reflns.limit_k_min                  ? 
_reflns.limit_l_max                  ? 
_reflns.limit_l_min                  ? 
_reflns.observed_criterion_F_max     ? 
_reflns.observed_criterion_F_min     ? 
_reflns.pdbx_chi_squared             ? 
_reflns.pdbx_scaling_rejects         ? 
_reflns.pdbx_diffrn_id               1 
_reflns.pdbx_ordinal                 1 
# 
_reflns_shell.d_res_high             2.00 
_reflns_shell.d_res_low              2.06 
_reflns_shell.percent_possible_all   99.3 
_reflns_shell.Rmerge_I_obs           0.204 
_reflns_shell.pdbx_Rsym_value        ? 
_reflns_shell.meanI_over_sigI_obs    5.0 
_reflns_shell.pdbx_redundancy        5.4 
_reflns_shell.percent_possible_obs   ? 
_reflns_shell.number_unique_all      ? 
_reflns_shell.number_measured_all    ? 
_reflns_shell.number_measured_obs    ? 
_reflns_shell.number_unique_obs      ? 
_reflns_shell.pdbx_chi_squared       ? 
_reflns_shell.pdbx_diffrn_id         ? 
_reflns_shell.pdbx_ordinal           1 
# 
_refine.entry_id                                 3EWR 
_refine.ls_number_reflns_obs                     10993 
_refine.ls_number_reflns_all                     ? 
_refine.pdbx_ls_sigma_I                          ? 
_refine.pdbx_ls_sigma_F                          ? 
_refine.pdbx_data_cutoff_high_absF               ? 
_refine.pdbx_data_cutoff_low_absF                ? 
_refine.pdbx_data_cutoff_high_rms_absF           ? 
_refine.ls_d_res_low                             34.88 
_refine.ls_d_res_high                            2.01 
_refine.ls_percent_reflns_obs                    99.33 
_refine.ls_R_factor_obs                          0.21137 
_refine.ls_R_factor_all                          ? 
_refine.ls_R_factor_R_work                       0.20876 
_refine.ls_R_factor_R_free                       0.26368 
_refine.ls_R_factor_R_free_error                 ? 
_refine.ls_R_factor_R_free_error_details         ? 
_refine.ls_percent_reflns_R_free                 4.8 
_refine.ls_number_reflns_R_free                  550 
_refine.ls_number_parameters                     ? 
_refine.ls_number_restraints                     ? 
_refine.occupancy_min                            ? 
_refine.occupancy_max                            ? 
_refine.correlation_coeff_Fo_to_Fc               0.938 
_refine.correlation_coeff_Fo_to_Fc_free          0.920 
_refine.B_iso_mean                               27.004 
_refine.aniso_B[1][1]                            0.00 
_refine.aniso_B[2][2]                            0.00 
_refine.aniso_B[3][3]                            0.00 
_refine.aniso_B[1][2]                            0.00 
_refine.aniso_B[1][3]                            0.00 
_refine.aniso_B[2][3]                            0.00 
_refine.solvent_model_details                    MASK 
_refine.solvent_model_param_ksol                 ? 
_refine.solvent_model_param_bsol                 ? 
_refine.pdbx_solvent_vdw_probe_radii             1.20 
_refine.pdbx_solvent_ion_probe_radii             0.80 
_refine.pdbx_solvent_shrinkage_radii             0.80 
_refine.pdbx_ls_cross_valid_method               THROUGHOUT 
_refine.details                                  'HYDROGENS HAVE BEEN ADDED IN THE RIDING POSITIONS' 
_refine.pdbx_starting_model                      ? 
_refine.pdbx_method_to_determine_struct          'MOLECULAR REPLACEMENT' 
_refine.pdbx_isotropic_thermal_model             ? 
_refine.pdbx_stereochemistry_target_values       'MAXIMUM LIKELIHOOD' 
_refine.pdbx_stereochem_target_val_spec_case     ? 
_refine.pdbx_R_Free_selection_details            RANDOM 
_refine.pdbx_overall_ESU_R                       0.222 
_refine.pdbx_overall_ESU_R_Free                  0.194 
_refine.overall_SU_ML                            0.144 
_refine.overall_SU_B                             4.964 
_refine.ls_redundancy_reflns_obs                 ? 
_refine.B_iso_min                                ? 
_refine.B_iso_max                                ? 
_refine.overall_SU_R_Cruickshank_DPI             ? 
_refine.overall_SU_R_free                        ? 
_refine.ls_wR_factor_R_free                      ? 
_refine.ls_wR_factor_R_work                      ? 
_refine.overall_FOM_free_R_set                   ? 
_refine.overall_FOM_work_R_set                   ? 
_refine.pdbx_refine_id                           'X-RAY DIFFRACTION' 
_refine.pdbx_overall_phase_error                 ? 
_refine.pdbx_diffrn_id                           1 
_refine.pdbx_TLS_residual_ADP_flag               ? 
_refine.pdbx_overall_SU_R_free_Cruickshank_DPI   ? 
_refine.pdbx_overall_SU_R_Blow_DPI               ? 
_refine.pdbx_overall_SU_R_free_Blow_DPI          ? 
# 
_refine_hist.pdbx_refine_id                   'X-RAY DIFFRACTION' 
_refine_hist.cycle_id                         LAST 
_refine_hist.pdbx_number_atoms_protein        1281 
_refine_hist.pdbx_number_atoms_nucleic_acid   0 
_refine_hist.pdbx_number_atoms_ligand         36 
_refine_hist.number_atoms_solvent             109 
_refine_hist.number_atoms_total               1426 
_refine_hist.d_res_high                       2.01 
_refine_hist.d_res_low                        34.88 
# 
loop_
_refine_ls_restr.type 
_refine_ls_restr.dev_ideal 
_refine_ls_restr.dev_ideal_target 
_refine_ls_restr.weight 
_refine_ls_restr.number 
_refine_ls_restr.pdbx_refine_id 
_refine_ls_restr.pdbx_restraint_function 
r_bond_refined_d         0.021  0.022  ? 1338 'X-RAY DIFFRACTION' ? 
r_angle_refined_deg      2.176  2.002  ? 1814 'X-RAY DIFFRACTION' ? 
r_dihedral_angle_1_deg   12.840 5.000  ? 166  'X-RAY DIFFRACTION' ? 
r_dihedral_angle_2_deg   41.006 25.636 ? 55   'X-RAY DIFFRACTION' ? 
r_dihedral_angle_3_deg   15.308 15.000 ? 236  'X-RAY DIFFRACTION' ? 
r_dihedral_angle_4_deg   20.614 15.000 ? 4    'X-RAY DIFFRACTION' ? 
r_chiral_restr           0.166  0.200  ? 217  'X-RAY DIFFRACTION' ? 
r_gen_planes_refined     0.008  0.020  ? 959  'X-RAY DIFFRACTION' ? 
r_nbd_refined            0.235  0.200  ? 638  'X-RAY DIFFRACTION' ? 
r_nbtor_refined          0.305  0.200  ? 888  'X-RAY DIFFRACTION' ? 
r_xyhbond_nbd_refined    0.159  0.200  ? 94   'X-RAY DIFFRACTION' ? 
r_symmetry_vdw_refined   0.199  0.200  ? 26   'X-RAY DIFFRACTION' ? 
r_symmetry_hbond_refined 0.124  0.200  ? 12   'X-RAY DIFFRACTION' ? 
r_mcbond_it              1.039  1.500  ? 854  'X-RAY DIFFRACTION' ? 
r_mcangle_it             1.569  2.000  ? 1325 'X-RAY DIFFRACTION' ? 
r_scbond_it              2.514  3.000  ? 554  'X-RAY DIFFRACTION' ? 
r_scangle_it             3.628  4.500  ? 489  'X-RAY DIFFRACTION' ? 
# 
_refine_ls_shell.pdbx_total_number_of_bins_used   20 
_refine_ls_shell.d_res_high                       2.007 
_refine_ls_shell.d_res_low                        2.059 
_refine_ls_shell.number_reflns_R_work             735 
_refine_ls_shell.R_factor_R_work                  0.255 
_refine_ls_shell.percent_reflns_obs               92.57 
_refine_ls_shell.R_factor_R_free                  0.500 
_refine_ls_shell.R_factor_R_free_error            ? 
_refine_ls_shell.percent_reflns_R_free            ? 
_refine_ls_shell.number_reflns_R_free             37 
_refine_ls_shell.number_reflns_all                ? 
_refine_ls_shell.R_factor_all                     ? 
_refine_ls_shell.number_reflns_obs                ? 
_refine_ls_shell.redundancy_reflns_obs            ? 
_refine_ls_shell.pdbx_refine_id                   'X-RAY DIFFRACTION' 
# 
_struct.entry_id                  3EWR 
_struct.title                     'complex of substrate ADP-ribose with HCoV-229E Nsp3 ADRP domain' 
_struct.pdbx_model_details        ? 
_struct.pdbx_CASP_flag            ? 
_struct.pdbx_model_type_details   ? 
# 
_struct_keywords.entry_id        3EWR 
_struct_keywords.pdbx_keywords   HYDROLASE 
_struct_keywords.text            
;Globular like, Cytoplasm, Hydrolase, Membrane, Metal-binding, Protease, Ribosomal frameshifting, RNA-binding, Thiol protease, Transmembrane, Zinc, Zinc-finger
;
# 
loop_
_struct_asym.id 
_struct_asym.pdbx_blank_PDB_chainid_flag 
_struct_asym.pdbx_modified 
_struct_asym.entity_id 
_struct_asym.details 
A N N 1 ? 
B N N 2 ? 
C N N 3 ? 
# 
_struct_ref.id                         1 
_struct_ref.db_name                    UNP 
_struct_ref.db_code                    R1A_CVH22 
_struct_ref.pdbx_db_accession          P0C6U2 
_struct_ref.entity_id                  1 
_struct_ref.pdbx_seq_one_letter_code   
;KEKLNAFLVHDNVAFYQGDVDTVVNGVDFDFIVNAANENLAHGGGLAKALDVYTKGKLQRLSKEHIGLAGKVKVGTGVMV
ECDSLRIFNVVGPRKGKHERDLLIKAYNTINNEQGTPLTPILSCGIFGIKLETSLEVLLDVCNTKEVKVFVYTDTEVCKV
KDFVSGLV
;
_struct_ref.pdbx_align_begin           1269 
_struct_ref.pdbx_db_isoform            ? 
# 
_struct_ref_seq.align_id                      1 
_struct_ref_seq.ref_id                        1 
_struct_ref_seq.pdbx_PDB_id_code              3EWR 
_struct_ref_seq.pdbx_strand_id                A 
_struct_ref_seq.seq_align_beg                 1 
_struct_ref_seq.pdbx_seq_align_beg_ins_code   ? 
_struct_ref_seq.seq_align_end                 168 
_struct_ref_seq.pdbx_seq_align_end_ins_code   ? 
_struct_ref_seq.pdbx_db_accession             P0C6U2 
_struct_ref_seq.db_align_beg                  1269 
_struct_ref_seq.pdbx_db_align_beg_ins_code    ? 
_struct_ref_seq.db_align_end                  1436 
_struct_ref_seq.pdbx_db_align_end_ins_code    ? 
_struct_ref_seq.pdbx_auth_seq_align_beg       1 
_struct_ref_seq.pdbx_auth_seq_align_end       168 
# 
_pdbx_struct_assembly.id                   1 
_pdbx_struct_assembly.details              author_and_software_defined_assembly 
_pdbx_struct_assembly.method_details       PISA 
_pdbx_struct_assembly.oligomeric_details   monomeric 
_pdbx_struct_assembly.oligomeric_count     1 
# 
_pdbx_struct_assembly_gen.assembly_id       1 
_pdbx_struct_assembly_gen.oper_expression   1 
_pdbx_struct_assembly_gen.asym_id_list      A,B,C 
# 
_pdbx_struct_oper_list.id                   1 
_pdbx_struct_oper_list.type                 'identity operation' 
_pdbx_struct_oper_list.name                 1_555 
_pdbx_struct_oper_list.symmetry_operation   x,y,z 
_pdbx_struct_oper_list.matrix[1][1]         1.0000000000 
_pdbx_struct_oper_list.matrix[1][2]         0.0000000000 
_pdbx_struct_oper_list.matrix[1][3]         0.0000000000 
_pdbx_struct_oper_list.vector[1]            0.0000000000 
_pdbx_struct_oper_list.matrix[2][1]         0.0000000000 
_pdbx_struct_oper_list.matrix[2][2]         1.0000000000 
_pdbx_struct_oper_list.matrix[2][3]         0.0000000000 
_pdbx_struct_oper_list.vector[2]            0.0000000000 
_pdbx_struct_oper_list.matrix[3][1]         0.0000000000 
_pdbx_struct_oper_list.matrix[3][2]         0.0000000000 
_pdbx_struct_oper_list.matrix[3][3]         1.0000000000 
_pdbx_struct_oper_list.vector[3]            0.0000000000 
# 
_struct_biol.id        1 
_struct_biol.details   ? 
# 
loop_
_struct_conf.conf_type_id 
_struct_conf.id 
_struct_conf.pdbx_PDB_helix_id 
_struct_conf.beg_label_comp_id 
_struct_conf.beg_label_asym_id 
_struct_conf.beg_label_seq_id 
_struct_conf.pdbx_beg_PDB_ins_code 
_struct_conf.end_label_comp_id 
_struct_conf.end_label_asym_id 
_struct_conf.end_label_seq_id 
_struct_conf.pdbx_end_PDB_ins_code 
_struct_conf.beg_auth_comp_id 
_struct_conf.beg_auth_asym_id 
_struct_conf.beg_auth_seq_id 
_struct_conf.end_auth_comp_id 
_struct_conf.end_auth_asym_id 
_struct_conf.end_auth_seq_id 
_struct_conf.pdbx_PDB_helix_class 
_struct_conf.details 
_struct_conf.pdbx_PDB_helix_length 
HELX_P HELX_P1 1 ASP A 19  ? VAL A 27  ? ASP A 19  VAL A 27  1 ? 9  
HELX_P HELX_P2 2 GLY A 44  ? THR A 54  ? GLY A 44  THR A 54  1 ? 11 
HELX_P HELX_P3 3 GLY A 56  ? ILE A 66  ? GLY A 56  ILE A 66  1 ? 11 
HELX_P HELX_P4 4 HIS A 98  ? GLU A 113 ? HIS A 98  GLU A 113 1 ? 16 
HELX_P HELX_P5 5 LYS A 130 ? CYS A 142 ? LYS A 130 CYS A 142 1 ? 13 
HELX_P HELX_P6 6 THR A 153 ? GLY A 166 ? THR A 153 GLY A 166 1 ? 14 
# 
_struct_conf_type.id          HELX_P 
_struct_conf_type.criteria    ? 
_struct_conf_type.reference   ? 
# 
loop_
_struct_mon_prot_cis.pdbx_id 
_struct_mon_prot_cis.label_comp_id 
_struct_mon_prot_cis.label_seq_id 
_struct_mon_prot_cis.label_asym_id 
_struct_mon_prot_cis.label_alt_id 
_struct_mon_prot_cis.pdbx_PDB_ins_code 
_struct_mon_prot_cis.auth_comp_id 
_struct_mon_prot_cis.auth_seq_id 
_struct_mon_prot_cis.auth_asym_id 
_struct_mon_prot_cis.pdbx_label_comp_id_2 
_struct_mon_prot_cis.pdbx_label_seq_id_2 
_struct_mon_prot_cis.pdbx_label_asym_id_2 
_struct_mon_prot_cis.pdbx_PDB_ins_code_2 
_struct_mon_prot_cis.pdbx_auth_comp_id_2 
_struct_mon_prot_cis.pdbx_auth_seq_id_2 
_struct_mon_prot_cis.pdbx_auth_asym_id_2 
_struct_mon_prot_cis.pdbx_PDB_model_num 
_struct_mon_prot_cis.pdbx_omega_angle 
1 ALA 69 A . ? ALA 69 A GLY 70 A ? GLY 70 A 1 6.28   
2 GLY 75 A . ? GLY 75 A THR 76 A ? THR 76 A 1 -10.48 
# 
_struct_sheet.id               A 
_struct_sheet.type             ? 
_struct_sheet.number_strands   7 
_struct_sheet.details          ? 
# 
loop_
_struct_sheet_order.sheet_id 
_struct_sheet_order.range_id_1 
_struct_sheet_order.range_id_2 
_struct_sheet_order.offset 
_struct_sheet_order.sense 
A 1 2 ? anti-parallel 
A 2 3 ? parallel      
A 3 4 ? parallel      
A 4 5 ? parallel      
A 5 6 ? parallel      
A 6 7 ? anti-parallel 
# 
loop_
_struct_sheet_range.sheet_id 
_struct_sheet_range.id 
_struct_sheet_range.beg_label_comp_id 
_struct_sheet_range.beg_label_asym_id 
_struct_sheet_range.beg_label_seq_id 
_struct_sheet_range.pdbx_beg_PDB_ins_code 
_struct_sheet_range.end_label_comp_id 
_struct_sheet_range.end_label_asym_id 
_struct_sheet_range.end_label_seq_id 
_struct_sheet_range.pdbx_end_PDB_ins_code 
_struct_sheet_range.beg_auth_comp_id 
_struct_sheet_range.beg_auth_asym_id 
_struct_sheet_range.beg_auth_seq_id 
_struct_sheet_range.end_auth_comp_id 
_struct_sheet_range.end_auth_asym_id 
_struct_sheet_range.end_auth_seq_id 
A 1 LEU A 8   ? HIS A 10  ? LEU A 8   HIS A 10  
A 2 VAL A 13  ? GLN A 17  ? VAL A 13  GLN A 17  
A 3 VAL A 147 ? VAL A 151 ? VAL A 147 VAL A 151 
A 4 PRO A 117 ? THR A 119 ? PRO A 117 THR A 119 
A 5 PHE A 31  ? ALA A 36  ? PHE A 31  ALA A 36  
A 6 LEU A 85  ? VAL A 91  ? LEU A 85  VAL A 91  
A 7 GLY A 77  ? CYS A 82  ? GLY A 77  CYS A 82  
# 
loop_
_pdbx_struct_sheet_hbond.sheet_id 
_pdbx_struct_sheet_hbond.range_id_1 
_pdbx_struct_sheet_hbond.range_id_2 
_pdbx_struct_sheet_hbond.range_1_label_atom_id 
_pdbx_struct_sheet_hbond.range_1_label_comp_id 
_pdbx_struct_sheet_hbond.range_1_label_asym_id 
_pdbx_struct_sheet_hbond.range_1_label_seq_id 
_pdbx_struct_sheet_hbond.range_1_PDB_ins_code 
_pdbx_struct_sheet_hbond.range_1_auth_atom_id 
_pdbx_struct_sheet_hbond.range_1_auth_comp_id 
_pdbx_struct_sheet_hbond.range_1_auth_asym_id 
_pdbx_struct_sheet_hbond.range_1_auth_seq_id 
_pdbx_struct_sheet_hbond.range_2_label_atom_id 
_pdbx_struct_sheet_hbond.range_2_label_comp_id 
_pdbx_struct_sheet_hbond.range_2_label_asym_id 
_pdbx_struct_sheet_hbond.range_2_label_seq_id 
_pdbx_struct_sheet_hbond.range_2_PDB_ins_code 
_pdbx_struct_sheet_hbond.range_2_auth_atom_id 
_pdbx_struct_sheet_hbond.range_2_auth_comp_id 
_pdbx_struct_sheet_hbond.range_2_auth_asym_id 
_pdbx_struct_sheet_hbond.range_2_auth_seq_id 
A 1 2 N HIS A 10  ? N HIS A 10  O VAL A 13  ? O VAL A 13  
A 2 3 N ALA A 14  ? N ALA A 14  O VAL A 149 ? O VAL A 149 
A 3 4 O LYS A 148 ? O LYS A 148 N THR A 119 ? N THR A 119 
A 4 5 O LEU A 118 ? O LEU A 118 N VAL A 33  ? N VAL A 33  
A 5 6 N ILE A 32  ? N ILE A 32  O PHE A 88  ? O PHE A 88  
A 6 7 O LEU A 85  ? O LEU A 85  N CYS A 82  ? N CYS A 82  
# 
_struct_site.id                   AC1 
_struct_site.pdbx_evidence_code   Software 
_struct_site.pdbx_auth_asym_id    A 
_struct_site.pdbx_auth_comp_id    APR 
_struct_site.pdbx_auth_seq_id     169 
_struct_site.pdbx_auth_ins_code   ? 
_struct_site.pdbx_num_residues    25 
_struct_site.details              'BINDING SITE FOR RESIDUE APR A 169' 
# 
loop_
_struct_site_gen.id 
_struct_site_gen.site_id 
_struct_site_gen.pdbx_num_res 
_struct_site_gen.label_comp_id 
_struct_site_gen.label_asym_id 
_struct_site_gen.label_seq_id 
_struct_site_gen.pdbx_auth_ins_code 
_struct_site_gen.auth_comp_id 
_struct_site_gen.auth_asym_id 
_struct_site_gen.auth_seq_id 
_struct_site_gen.label_atom_id 
_struct_site_gen.label_alt_id 
_struct_site_gen.symmetry 
_struct_site_gen.details 
1  AC1 25 GLY A 18  ? GLY A 18  . ? 1_555 ? 
2  AC1 25 ASP A 19  ? ASP A 19  . ? 1_555 ? 
3  AC1 25 VAL A 20  ? VAL A 20  . ? 1_555 ? 
4  AC1 25 ALA A 35  ? ALA A 35  . ? 1_555 ? 
5  AC1 25 ASN A 37  ? ASN A 37  . ? 1_555 ? 
6  AC1 25 ALA A 41  ? ALA A 41  . ? 1_555 ? 
7  AC1 25 GLY A 44  ? GLY A 44  . ? 1_555 ? 
8  AC1 25 GLY A 45  ? GLY A 45  . ? 1_555 ? 
9  AC1 25 LEU A 46  ? LEU A 46  . ? 1_555 ? 
10 AC1 25 ALA A 47  ? ALA A 47  . ? 1_555 ? 
11 AC1 25 ALA A 49  ? ALA A 49  . ? 1_555 ? 
12 AC1 25 LEU A 68  ? LEU A 68  . ? 3_645 ? 
13 AC1 25 SER A 123 ? SER A 123 . ? 1_555 ? 
14 AC1 25 CYS A 124 ? CYS A 124 . ? 1_555 ? 
15 AC1 25 GLY A 125 ? GLY A 125 . ? 1_555 ? 
16 AC1 25 ILE A 126 ? ILE A 126 . ? 1_555 ? 
17 AC1 25 PHE A 127 ? PHE A 127 . ? 1_555 ? 
18 AC1 25 PHE A 150 ? PHE A 150 . ? 1_555 ? 
19 AC1 25 TYR A 152 ? TYR A 152 . ? 1_555 ? 
20 AC1 25 GLU A 156 ? GLU A 156 . ? 1_555 ? 
21 AC1 25 HOH C .   ? HOH A 173 . ? 1_555 ? 
22 AC1 25 HOH C .   ? HOH A 198 . ? 1_555 ? 
23 AC1 25 HOH C .   ? HOH A 204 . ? 1_555 ? 
24 AC1 25 HOH C .   ? HOH A 218 . ? 1_555 ? 
25 AC1 25 HOH C .   ? HOH A 236 . ? 1_555 ? 
# 
loop_
_pdbx_validate_torsion.id 
_pdbx_validate_torsion.PDB_model_num 
_pdbx_validate_torsion.auth_comp_id 
_pdbx_validate_torsion.auth_asym_id 
_pdbx_validate_torsion.auth_seq_id 
_pdbx_validate_torsion.PDB_ins_code 
_pdbx_validate_torsion.label_alt_id 
_pdbx_validate_torsion.phi 
_pdbx_validate_torsion.psi 
1 1 ASP A 11  ? ? 54.90   -120.85 
2 1 LEU A 68  ? ? -48.65  162.13  
3 1 ALA A 69  ? ? -18.95  91.92   
4 1 LYS A 71  ? ? 136.66  172.05  
5 1 THR A 76  ? ? 87.51   106.18  
6 1 ASP A 83  ? ? 61.35   -123.12 
7 1 THR A 144 ? ? -125.81 -90.08  
# 
loop_
_pdbx_validate_peptide_omega.id 
_pdbx_validate_peptide_omega.PDB_model_num 
_pdbx_validate_peptide_omega.auth_comp_id_1 
_pdbx_validate_peptide_omega.auth_asym_id_1 
_pdbx_validate_peptide_omega.auth_seq_id_1 
_pdbx_validate_peptide_omega.PDB_ins_code_1 
_pdbx_validate_peptide_omega.label_alt_id_1 
_pdbx_validate_peptide_omega.auth_comp_id_2 
_pdbx_validate_peptide_omega.auth_asym_id_2 
_pdbx_validate_peptide_omega.auth_seq_id_2 
_pdbx_validate_peptide_omega.PDB_ins_code_2 
_pdbx_validate_peptide_omega.label_alt_id_2 
_pdbx_validate_peptide_omega.omega 
1 1 ILE A 66 ? ? GLY A 67 ? ? -36.08 
2 1 VAL A 74 ? ? GLY A 75 ? ? -94.62 
# 
loop_
_pdbx_validate_chiral.id 
_pdbx_validate_chiral.PDB_model_num 
_pdbx_validate_chiral.auth_atom_id 
_pdbx_validate_chiral.label_alt_id 
_pdbx_validate_chiral.auth_asym_id 
_pdbx_validate_chiral.auth_comp_id 
_pdbx_validate_chiral.auth_seq_id 
_pdbx_validate_chiral.PDB_ins_code 
_pdbx_validate_chiral.details 
_pdbx_validate_chiral.omega 
1 1 "C1'" ? A APR 169 ? 'WRONG HAND' . 
2 1 "C2'" ? A APR 169 ? 'WRONG HAND' . 
3 1 C1D   ? A APR 169 ? 'WRONG HAND' . 
# 
_pdbx_unobs_or_zero_occ_residues.id               1 
_pdbx_unobs_or_zero_occ_residues.PDB_model_num    1 
_pdbx_unobs_or_zero_occ_residues.polymer_flag     Y 
_pdbx_unobs_or_zero_occ_residues.occupancy_flag   1 
_pdbx_unobs_or_zero_occ_residues.auth_asym_id     A 
_pdbx_unobs_or_zero_occ_residues.auth_comp_id     VAL 
_pdbx_unobs_or_zero_occ_residues.auth_seq_id      168 
_pdbx_unobs_or_zero_occ_residues.PDB_ins_code     ? 
_pdbx_unobs_or_zero_occ_residues.label_asym_id    A 
_pdbx_unobs_or_zero_occ_residues.label_comp_id    VAL 
_pdbx_unobs_or_zero_occ_residues.label_seq_id     168 
# 
loop_
_chem_comp_atom.comp_id 
_chem_comp_atom.atom_id 
_chem_comp_atom.type_symbol 
_chem_comp_atom.pdbx_aromatic_flag 
_chem_comp_atom.pdbx_stereo_config 
_chem_comp_atom.pdbx_ordinal 
ALA N      N N N 1   
ALA CA     C N S 2   
ALA C      C N N 3   
ALA O      O N N 4   
ALA CB     C N N 5   
ALA OXT    O N N 6   
ALA H      H N N 7   
ALA H2     H N N 8   
ALA HA     H N N 9   
ALA HB1    H N N 10  
ALA HB2    H N N 11  
ALA HB3    H N N 12  
ALA HXT    H N N 13  
APR N1     N Y N 14  
APR C2     C Y N 15  
APR N3     N Y N 16  
APR C4     C Y N 17  
APR C5     C Y N 18  
APR C6     C Y N 19  
APR N6     N N N 20  
APR N7     N Y N 21  
APR C8     C Y N 22  
APR N9     N Y N 23  
APR "C1'"  C N R 24  
APR "C2'"  C N R 25  
APR "O2'"  O N N 26  
APR "C3'"  C N S 27  
APR "O3'"  O N N 28  
APR "O4'"  O N N 29  
APR "C4'"  C N R 30  
APR "C5'"  C N N 31  
APR "O5'"  O N N 32  
APR PA     P N S 33  
APR O1A    O N N 34  
APR O2A    O N N 35  
APR O3A    O N N 36  
APR PB     P N R 37  
APR O1B    O N N 38  
APR O2B    O N N 39  
APR O5D    O N N 40  
APR C5D    C N N 41  
APR O4D    O N N 42  
APR O1D    O N N 43  
APR C1D    C N R 44  
APR O2D    O N N 45  
APR C2D    C N R 46  
APR O3D    O N N 47  
APR C3D    C N S 48  
APR C4D    C N R 49  
APR H2     H N N 50  
APR H61    H N N 51  
APR H62    H N N 52  
APR H8     H N N 53  
APR "H'1"  H N N 54  
APR "H'2"  H N N 55  
APR "HO'2" H N N 56  
APR "H'3"  H N N 57  
APR "HO'3" H N N 58  
APR "H'4"  H N N 59  
APR "H5'1" H N N 60  
APR "H5'2" H N N 61  
APR HOA2   H N N 62  
APR HOB2   H N N 63  
APR H5R1   H N N 64  
APR H5R2   H N N 65  
APR HOR1   H N N 66  
APR "HR'1" H N N 67  
APR HOR2   H N N 68  
APR "HR'2" H N N 69  
APR HOR3   H N N 70  
APR "HR'3" H N N 71  
APR "HR'4" H N N 72  
ARG N      N N N 73  
ARG CA     C N S 74  
ARG C      C N N 75  
ARG O      O N N 76  
ARG CB     C N N 77  
ARG CG     C N N 78  
ARG CD     C N N 79  
ARG NE     N N N 80  
ARG CZ     C N N 81  
ARG NH1    N N N 82  
ARG NH2    N N N 83  
ARG OXT    O N N 84  
ARG H      H N N 85  
ARG H2     H N N 86  
ARG HA     H N N 87  
ARG HB2    H N N 88  
ARG HB3    H N N 89  
ARG HG2    H N N 90  
ARG HG3    H N N 91  
ARG HD2    H N N 92  
ARG HD3    H N N 93  
ARG HE     H N N 94  
ARG HH11   H N N 95  
ARG HH12   H N N 96  
ARG HH21   H N N 97  
ARG HH22   H N N 98  
ARG HXT    H N N 99  
ASN N      N N N 100 
ASN CA     C N S 101 
ASN C      C N N 102 
ASN O      O N N 103 
ASN CB     C N N 104 
ASN CG     C N N 105 
ASN OD1    O N N 106 
ASN ND2    N N N 107 
ASN OXT    O N N 108 
ASN H      H N N 109 
ASN H2     H N N 110 
ASN HA     H N N 111 
ASN HB2    H N N 112 
ASN HB3    H N N 113 
ASN HD21   H N N 114 
ASN HD22   H N N 115 
ASN HXT    H N N 116 
ASP N      N N N 117 
ASP CA     C N S 118 
ASP C      C N N 119 
ASP O      O N N 120 
ASP CB     C N N 121 
ASP CG     C N N 122 
ASP OD1    O N N 123 
ASP OD2    O N N 124 
ASP OXT    O N N 125 
ASP H      H N N 126 
ASP H2     H N N 127 
ASP HA     H N N 128 
ASP HB2    H N N 129 
ASP HB3    H N N 130 
ASP HD2    H N N 131 
ASP HXT    H N N 132 
CYS N      N N N 133 
CYS CA     C N R 134 
CYS C      C N N 135 
CYS O      O N N 136 
CYS CB     C N N 137 
CYS SG     S N N 138 
CYS OXT    O N N 139 
CYS H      H N N 140 
CYS H2     H N N 141 
CYS HA     H N N 142 
CYS HB2    H N N 143 
CYS HB3    H N N 144 
CYS HG     H N N 145 
CYS HXT    H N N 146 
GLN N      N N N 147 
GLN CA     C N S 148 
GLN C      C N N 149 
GLN O      O N N 150 
GLN CB     C N N 151 
GLN CG     C N N 152 
GLN CD     C N N 153 
GLN OE1    O N N 154 
GLN NE2    N N N 155 
GLN OXT    O N N 156 
GLN H      H N N 157 
GLN H2     H N N 158 
GLN HA     H N N 159 
GLN HB2    H N N 160 
GLN HB3    H N N 161 
GLN HG2    H N N 162 
GLN HG3    H N N 163 
GLN HE21   H N N 164 
GLN HE22   H N N 165 
GLN HXT    H N N 166 
GLU N      N N N 167 
GLU CA     C N S 168 
GLU C      C N N 169 
GLU O      O N N 170 
GLU CB     C N N 171 
GLU CG     C N N 172 
GLU CD     C N N 173 
GLU OE1    O N N 174 
GLU OE2    O N N 175 
GLU OXT    O N N 176 
GLU H      H N N 177 
GLU H2     H N N 178 
GLU HA     H N N 179 
GLU HB2    H N N 180 
GLU HB3    H N N 181 
GLU HG2    H N N 182 
GLU HG3    H N N 183 
GLU HE2    H N N 184 
GLU HXT    H N N 185 
GLY N      N N N 186 
GLY CA     C N N 187 
GLY C      C N N 188 
GLY O      O N N 189 
GLY OXT    O N N 190 
GLY H      H N N 191 
GLY H2     H N N 192 
GLY HA2    H N N 193 
GLY HA3    H N N 194 
GLY HXT    H N N 195 
HIS N      N N N 196 
HIS CA     C N S 197 
HIS C      C N N 198 
HIS O      O N N 199 
HIS CB     C N N 200 
HIS CG     C Y N 201 
HIS ND1    N Y N 202 
HIS CD2    C Y N 203 
HIS CE1    C Y N 204 
HIS NE2    N Y N 205 
HIS OXT    O N N 206 
HIS H      H N N 207 
HIS H2     H N N 208 
HIS HA     H N N 209 
HIS HB2    H N N 210 
HIS HB3    H N N 211 
HIS HD1    H N N 212 
HIS HD2    H N N 213 
HIS HE1    H N N 214 
HIS HE2    H N N 215 
HIS HXT    H N N 216 
HOH O      O N N 217 
HOH H1     H N N 218 
HOH H2     H N N 219 
ILE N      N N N 220 
ILE CA     C N S 221 
ILE C      C N N 222 
ILE O      O N N 223 
ILE CB     C N S 224 
ILE CG1    C N N 225 
ILE CG2    C N N 226 
ILE CD1    C N N 227 
ILE OXT    O N N 228 
ILE H      H N N 229 
ILE H2     H N N 230 
ILE HA     H N N 231 
ILE HB     H N N 232 
ILE HG12   H N N 233 
ILE HG13   H N N 234 
ILE HG21   H N N 235 
ILE HG22   H N N 236 
ILE HG23   H N N 237 
ILE HD11   H N N 238 
ILE HD12   H N N 239 
ILE HD13   H N N 240 
ILE HXT    H N N 241 
LEU N      N N N 242 
LEU CA     C N S 243 
LEU C      C N N 244 
LEU O      O N N 245 
LEU CB     C N N 246 
LEU CG     C N N 247 
LEU CD1    C N N 248 
LEU CD2    C N N 249 
LEU OXT    O N N 250 
LEU H      H N N 251 
LEU H2     H N N 252 
LEU HA     H N N 253 
LEU HB2    H N N 254 
LEU HB3    H N N 255 
LEU HG     H N N 256 
LEU HD11   H N N 257 
LEU HD12   H N N 258 
LEU HD13   H N N 259 
LEU HD21   H N N 260 
LEU HD22   H N N 261 
LEU HD23   H N N 262 
LEU HXT    H N N 263 
LYS N      N N N 264 
LYS CA     C N S 265 
LYS C      C N N 266 
LYS O      O N N 267 
LYS CB     C N N 268 
LYS CG     C N N 269 
LYS CD     C N N 270 
LYS CE     C N N 271 
LYS NZ     N N N 272 
LYS OXT    O N N 273 
LYS H      H N N 274 
LYS H2     H N N 275 
LYS HA     H N N 276 
LYS HB2    H N N 277 
LYS HB3    H N N 278 
LYS HG2    H N N 279 
LYS HG3    H N N 280 
LYS HD2    H N N 281 
LYS HD3    H N N 282 
LYS HE2    H N N 283 
LYS HE3    H N N 284 
LYS HZ1    H N N 285 
LYS HZ2    H N N 286 
LYS HZ3    H N N 287 
LYS HXT    H N N 288 
MET N      N N N 289 
MET CA     C N S 290 
MET C      C N N 291 
MET O      O N N 292 
MET CB     C N N 293 
MET CG     C N N 294 
MET SD     S N N 295 
MET CE     C N N 296 
MET OXT    O N N 297 
MET H      H N N 298 
MET H2     H N N 299 
MET HA     H N N 300 
MET HB2    H N N 301 
MET HB3    H N N 302 
MET HG2    H N N 303 
MET HG3    H N N 304 
MET HE1    H N N 305 
MET HE2    H N N 306 
MET HE3    H N N 307 
MET HXT    H N N 308 
PHE N      N N N 309 
PHE CA     C N S 310 
PHE C      C N N 311 
PHE O      O N N 312 
PHE CB     C N N 313 
PHE CG     C Y N 314 
PHE CD1    C Y N 315 
PHE CD2    C Y N 316 
PHE CE1    C Y N 317 
PHE CE2    C Y N 318 
PHE CZ     C Y N 319 
PHE OXT    O N N 320 
PHE H      H N N 321 
PHE H2     H N N 322 
PHE HA     H N N 323 
PHE HB2    H N N 324 
PHE HB3    H N N 325 
PHE HD1    H N N 326 
PHE HD2    H N N 327 
PHE HE1    H N N 328 
PHE HE2    H N N 329 
PHE HZ     H N N 330 
PHE HXT    H N N 331 
PRO N      N N N 332 
PRO CA     C N S 333 
PRO C      C N N 334 
PRO O      O N N 335 
PRO CB     C N N 336 
PRO CG     C N N 337 
PRO CD     C N N 338 
PRO OXT    O N N 339 
PRO H      H N N 340 
PRO HA     H N N 341 
PRO HB2    H N N 342 
PRO HB3    H N N 343 
PRO HG2    H N N 344 
PRO HG3    H N N 345 
PRO HD2    H N N 346 
PRO HD3    H N N 347 
PRO HXT    H N N 348 
SER N      N N N 349 
SER CA     C N S 350 
SER C      C N N 351 
SER O      O N N 352 
SER CB     C N N 353 
SER OG     O N N 354 
SER OXT    O N N 355 
SER H      H N N 356 
SER H2     H N N 357 
SER HA     H N N 358 
SER HB2    H N N 359 
SER HB3    H N N 360 
SER HG     H N N 361 
SER HXT    H N N 362 
THR N      N N N 363 
THR CA     C N S 364 
THR C      C N N 365 
THR O      O N N 366 
THR CB     C N R 367 
THR OG1    O N N 368 
THR CG2    C N N 369 
THR OXT    O N N 370 
THR H      H N N 371 
THR H2     H N N 372 
THR HA     H N N 373 
THR HB     H N N 374 
THR HG1    H N N 375 
THR HG21   H N N 376 
THR HG22   H N N 377 
THR HG23   H N N 378 
THR HXT    H N N 379 
TYR N      N N N 380 
TYR CA     C N S 381 
TYR C      C N N 382 
TYR O      O N N 383 
TYR CB     C N N 384 
TYR CG     C Y N 385 
TYR CD1    C Y N 386 
TYR CD2    C Y N 387 
TYR CE1    C Y N 388 
TYR CE2    C Y N 389 
TYR CZ     C Y N 390 
TYR OH     O N N 391 
TYR OXT    O N N 392 
TYR H      H N N 393 
TYR H2     H N N 394 
TYR HA     H N N 395 
TYR HB2    H N N 396 
TYR HB3    H N N 397 
TYR HD1    H N N 398 
TYR HD2    H N N 399 
TYR HE1    H N N 400 
TYR HE2    H N N 401 
TYR HH     H N N 402 
TYR HXT    H N N 403 
VAL N      N N N 404 
VAL CA     C N S 405 
VAL C      C N N 406 
VAL O      O N N 407 
VAL CB     C N N 408 
VAL CG1    C N N 409 
VAL CG2    C N N 410 
VAL OXT    O N N 411 
VAL H      H N N 412 
VAL H2     H N N 413 
VAL HA     H N N 414 
VAL HB     H N N 415 
VAL HG11   H N N 416 
VAL HG12   H N N 417 
VAL HG13   H N N 418 
VAL HG21   H N N 419 
VAL HG22   H N N 420 
VAL HG23   H N N 421 
VAL HXT    H N N 422 
# 
loop_
_chem_comp_bond.comp_id 
_chem_comp_bond.atom_id_1 
_chem_comp_bond.atom_id_2 
_chem_comp_bond.value_order 
_chem_comp_bond.pdbx_aromatic_flag 
_chem_comp_bond.pdbx_stereo_config 
_chem_comp_bond.pdbx_ordinal 
ALA N     CA     sing N N 1   
ALA N     H      sing N N 2   
ALA N     H2     sing N N 3   
ALA CA    C      sing N N 4   
ALA CA    CB     sing N N 5   
ALA CA    HA     sing N N 6   
ALA C     O      doub N N 7   
ALA C     OXT    sing N N 8   
ALA CB    HB1    sing N N 9   
ALA CB    HB2    sing N N 10  
ALA CB    HB3    sing N N 11  
ALA OXT   HXT    sing N N 12  
APR N1    C2     sing Y N 13  
APR N1    C6     doub Y N 14  
APR C2    N3     doub Y N 15  
APR C2    H2     sing N N 16  
APR N3    C4     sing Y N 17  
APR C4    C5     doub Y N 18  
APR C4    N9     sing Y N 19  
APR C5    C6     sing Y N 20  
APR C5    N7     sing Y N 21  
APR C6    N6     sing N N 22  
APR N6    H61    sing N N 23  
APR N6    H62    sing N N 24  
APR N7    C8     doub Y N 25  
APR C8    N9     sing Y N 26  
APR C8    H8     sing N N 27  
APR N9    "C1'"  sing N N 28  
APR "C1'" "C2'"  sing N N 29  
APR "C1'" "O4'"  sing N N 30  
APR "C1'" "H'1"  sing N N 31  
APR "C2'" "O2'"  sing N N 32  
APR "C2'" "C3'"  sing N N 33  
APR "C2'" "H'2"  sing N N 34  
APR "O2'" "HO'2" sing N N 35  
APR "C3'" "O3'"  sing N N 36  
APR "C3'" "C4'"  sing N N 37  
APR "C3'" "H'3"  sing N N 38  
APR "O3'" "HO'3" sing N N 39  
APR "O4'" "C4'"  sing N N 40  
APR "C4'" "C5'"  sing N N 41  
APR "C4'" "H'4"  sing N N 42  
APR "C5'" "O5'"  sing N N 43  
APR "C5'" "H5'1" sing N N 44  
APR "C5'" "H5'2" sing N N 45  
APR "O5'" PA     sing N N 46  
APR PA    O1A    doub N N 47  
APR PA    O2A    sing N N 48  
APR PA    O3A    sing N N 49  
APR O2A   HOA2   sing N N 50  
APR O3A   PB     sing N N 51  
APR PB    O1B    doub N N 52  
APR PB    O2B    sing N N 53  
APR PB    O5D    sing N N 54  
APR O2B   HOB2   sing N N 55  
APR O5D   C5D    sing N N 56  
APR C5D   C4D    sing N N 57  
APR C5D   H5R1   sing N N 58  
APR C5D   H5R2   sing N N 59  
APR O4D   C1D    sing N N 60  
APR O4D   C4D    sing N N 61  
APR O1D   C1D    sing N N 62  
APR O1D   HOR1   sing N N 63  
APR C1D   C2D    sing N N 64  
APR C1D   "HR'1" sing N N 65  
APR O2D   C2D    sing N N 66  
APR O2D   HOR2   sing N N 67  
APR C2D   C3D    sing N N 68  
APR C2D   "HR'2" sing N N 69  
APR O3D   C3D    sing N N 70  
APR O3D   HOR3   sing N N 71  
APR C3D   C4D    sing N N 72  
APR C3D   "HR'3" sing N N 73  
APR C4D   "HR'4" sing N N 74  
ARG N     CA     sing N N 75  
ARG N     H      sing N N 76  
ARG N     H2     sing N N 77  
ARG CA    C      sing N N 78  
ARG CA    CB     sing N N 79  
ARG CA    HA     sing N N 80  
ARG C     O      doub N N 81  
ARG C     OXT    sing N N 82  
ARG CB    CG     sing N N 83  
ARG CB    HB2    sing N N 84  
ARG CB    HB3    sing N N 85  
ARG CG    CD     sing N N 86  
ARG CG    HG2    sing N N 87  
ARG CG    HG3    sing N N 88  
ARG CD    NE     sing N N 89  
ARG CD    HD2    sing N N 90  
ARG CD    HD3    sing N N 91  
ARG NE    CZ     sing N N 92  
ARG NE    HE     sing N N 93  
ARG CZ    NH1    sing N N 94  
ARG CZ    NH2    doub N N 95  
ARG NH1   HH11   sing N N 96  
ARG NH1   HH12   sing N N 97  
ARG NH2   HH21   sing N N 98  
ARG NH2   HH22   sing N N 99  
ARG OXT   HXT    sing N N 100 
ASN N     CA     sing N N 101 
ASN N     H      sing N N 102 
ASN N     H2     sing N N 103 
ASN CA    C      sing N N 104 
ASN CA    CB     sing N N 105 
ASN CA    HA     sing N N 106 
ASN C     O      doub N N 107 
ASN C     OXT    sing N N 108 
ASN CB    CG     sing N N 109 
ASN CB    HB2    sing N N 110 
ASN CB    HB3    sing N N 111 
ASN CG    OD1    doub N N 112 
ASN CG    ND2    sing N N 113 
ASN ND2   HD21   sing N N 114 
ASN ND2   HD22   sing N N 115 
ASN OXT   HXT    sing N N 116 
ASP N     CA     sing N N 117 
ASP N     H      sing N N 118 
ASP N     H2     sing N N 119 
ASP CA    C      sing N N 120 
ASP CA    CB     sing N N 121 
ASP CA    HA     sing N N 122 
ASP C     O      doub N N 123 
ASP C     OXT    sing N N 124 
ASP CB    CG     sing N N 125 
ASP CB    HB2    sing N N 126 
ASP CB    HB3    sing N N 127 
ASP CG    OD1    doub N N 128 
ASP CG    OD2    sing N N 129 
ASP OD2   HD2    sing N N 130 
ASP OXT   HXT    sing N N 131 
CYS N     CA     sing N N 132 
CYS N     H      sing N N 133 
CYS N     H2     sing N N 134 
CYS CA    C      sing N N 135 
CYS CA    CB     sing N N 136 
CYS CA    HA     sing N N 137 
CYS C     O      doub N N 138 
CYS C     OXT    sing N N 139 
CYS CB    SG     sing N N 140 
CYS CB    HB2    sing N N 141 
CYS CB    HB3    sing N N 142 
CYS SG    HG     sing N N 143 
CYS OXT   HXT    sing N N 144 
GLN N     CA     sing N N 145 
GLN N     H      sing N N 146 
GLN N     H2     sing N N 147 
GLN CA    C      sing N N 148 
GLN CA    CB     sing N N 149 
GLN CA    HA     sing N N 150 
GLN C     O      doub N N 151 
GLN C     OXT    sing N N 152 
GLN CB    CG     sing N N 153 
GLN CB    HB2    sing N N 154 
GLN CB    HB3    sing N N 155 
GLN CG    CD     sing N N 156 
GLN CG    HG2    sing N N 157 
GLN CG    HG3    sing N N 158 
GLN CD    OE1    doub N N 159 
GLN CD    NE2    sing N N 160 
GLN NE2   HE21   sing N N 161 
GLN NE2   HE22   sing N N 162 
GLN OXT   HXT    sing N N 163 
GLU N     CA     sing N N 164 
GLU N     H      sing N N 165 
GLU N     H2     sing N N 166 
GLU CA    C      sing N N 167 
GLU CA    CB     sing N N 168 
GLU CA    HA     sing N N 169 
GLU C     O      doub N N 170 
GLU C     OXT    sing N N 171 
GLU CB    CG     sing N N 172 
GLU CB    HB2    sing N N 173 
GLU CB    HB3    sing N N 174 
GLU CG    CD     sing N N 175 
GLU CG    HG2    sing N N 176 
GLU CG    HG3    sing N N 177 
GLU CD    OE1    doub N N 178 
GLU CD    OE2    sing N N 179 
GLU OE2   HE2    sing N N 180 
GLU OXT   HXT    sing N N 181 
GLY N     CA     sing N N 182 
GLY N     H      sing N N 183 
GLY N     H2     sing N N 184 
GLY CA    C      sing N N 185 
GLY CA    HA2    sing N N 186 
GLY CA    HA3    sing N N 187 
GLY C     O      doub N N 188 
GLY C     OXT    sing N N 189 
GLY OXT   HXT    sing N N 190 
HIS N     CA     sing N N 191 
HIS N     H      sing N N 192 
HIS N     H2     sing N N 193 
HIS CA    C      sing N N 194 
HIS CA    CB     sing N N 195 
HIS CA    HA     sing N N 196 
HIS C     O      doub N N 197 
HIS C     OXT    sing N N 198 
HIS CB    CG     sing N N 199 
HIS CB    HB2    sing N N 200 
HIS CB    HB3    sing N N 201 
HIS CG    ND1    sing Y N 202 
HIS CG    CD2    doub Y N 203 
HIS ND1   CE1    doub Y N 204 
HIS ND1   HD1    sing N N 205 
HIS CD2   NE2    sing Y N 206 
HIS CD2   HD2    sing N N 207 
HIS CE1   NE2    sing Y N 208 
HIS CE1   HE1    sing N N 209 
HIS NE2   HE2    sing N N 210 
HIS OXT   HXT    sing N N 211 
HOH O     H1     sing N N 212 
HOH O     H2     sing N N 213 
ILE N     CA     sing N N 214 
ILE N     H      sing N N 215 
ILE N     H2     sing N N 216 
ILE CA    C      sing N N 217 
ILE CA    CB     sing N N 218 
ILE CA    HA     sing N N 219 
ILE C     O      doub N N 220 
ILE C     OXT    sing N N 221 
ILE CB    CG1    sing N N 222 
ILE CB    CG2    sing N N 223 
ILE CB    HB     sing N N 224 
ILE CG1   CD1    sing N N 225 
ILE CG1   HG12   sing N N 226 
ILE CG1   HG13   sing N N 227 
ILE CG2   HG21   sing N N 228 
ILE CG2   HG22   sing N N 229 
ILE CG2   HG23   sing N N 230 
ILE CD1   HD11   sing N N 231 
ILE CD1   HD12   sing N N 232 
ILE CD1   HD13   sing N N 233 
ILE OXT   HXT    sing N N 234 
LEU N     CA     sing N N 235 
LEU N     H      sing N N 236 
LEU N     H2     sing N N 237 
LEU CA    C      sing N N 238 
LEU CA    CB     sing N N 239 
LEU CA    HA     sing N N 240 
LEU C     O      doub N N 241 
LEU C     OXT    sing N N 242 
LEU CB    CG     sing N N 243 
LEU CB    HB2    sing N N 244 
LEU CB    HB3    sing N N 245 
LEU CG    CD1    sing N N 246 
LEU CG    CD2    sing N N 247 
LEU CG    HG     sing N N 248 
LEU CD1   HD11   sing N N 249 
LEU CD1   HD12   sing N N 250 
LEU CD1   HD13   sing N N 251 
LEU CD2   HD21   sing N N 252 
LEU CD2   HD22   sing N N 253 
LEU CD2   HD23   sing N N 254 
LEU OXT   HXT    sing N N 255 
LYS N     CA     sing N N 256 
LYS N     H      sing N N 257 
LYS N     H2     sing N N 258 
LYS CA    C      sing N N 259 
LYS CA    CB     sing N N 260 
LYS CA    HA     sing N N 261 
LYS C     O      doub N N 262 
LYS C     OXT    sing N N 263 
LYS CB    CG     sing N N 264 
LYS CB    HB2    sing N N 265 
LYS CB    HB3    sing N N 266 
LYS CG    CD     sing N N 267 
LYS CG    HG2    sing N N 268 
LYS CG    HG3    sing N N 269 
LYS CD    CE     sing N N 270 
LYS CD    HD2    sing N N 271 
LYS CD    HD3    sing N N 272 
LYS CE    NZ     sing N N 273 
LYS CE    HE2    sing N N 274 
LYS CE    HE3    sing N N 275 
LYS NZ    HZ1    sing N N 276 
LYS NZ    HZ2    sing N N 277 
LYS NZ    HZ3    sing N N 278 
LYS OXT   HXT    sing N N 279 
MET N     CA     sing N N 280 
MET N     H      sing N N 281 
MET N     H2     sing N N 282 
MET CA    C      sing N N 283 
MET CA    CB     sing N N 284 
MET CA    HA     sing N N 285 
MET C     O      doub N N 286 
MET C     OXT    sing N N 287 
MET CB    CG     sing N N 288 
MET CB    HB2    sing N N 289 
MET CB    HB3    sing N N 290 
MET CG    SD     sing N N 291 
MET CG    HG2    sing N N 292 
MET CG    HG3    sing N N 293 
MET SD    CE     sing N N 294 
MET CE    HE1    sing N N 295 
MET CE    HE2    sing N N 296 
MET CE    HE3    sing N N 297 
MET OXT   HXT    sing N N 298 
PHE N     CA     sing N N 299 
PHE N     H      sing N N 300 
PHE N     H2     sing N N 301 
PHE CA    C      sing N N 302 
PHE CA    CB     sing N N 303 
PHE CA    HA     sing N N 304 
PHE C     O      doub N N 305 
PHE C     OXT    sing N N 306 
PHE CB    CG     sing N N 307 
PHE CB    HB2    sing N N 308 
PHE CB    HB3    sing N N 309 
PHE CG    CD1    doub Y N 310 
PHE CG    CD2    sing Y N 311 
PHE CD1   CE1    sing Y N 312 
PHE CD1   HD1    sing N N 313 
PHE CD2   CE2    doub Y N 314 
PHE CD2   HD2    sing N N 315 
PHE CE1   CZ     doub Y N 316 
PHE CE1   HE1    sing N N 317 
PHE CE2   CZ     sing Y N 318 
PHE CE2   HE2    sing N N 319 
PHE CZ    HZ     sing N N 320 
PHE OXT   HXT    sing N N 321 
PRO N     CA     sing N N 322 
PRO N     CD     sing N N 323 
PRO N     H      sing N N 324 
PRO CA    C      sing N N 325 
PRO CA    CB     sing N N 326 
PRO CA    HA     sing N N 327 
PRO C     O      doub N N 328 
PRO C     OXT    sing N N 329 
PRO CB    CG     sing N N 330 
PRO CB    HB2    sing N N 331 
PRO CB    HB3    sing N N 332 
PRO CG    CD     sing N N 333 
PRO CG    HG2    sing N N 334 
PRO CG    HG3    sing N N 335 
PRO CD    HD2    sing N N 336 
PRO CD    HD3    sing N N 337 
PRO OXT   HXT    sing N N 338 
SER N     CA     sing N N 339 
SER N     H      sing N N 340 
SER N     H2     sing N N 341 
SER CA    C      sing N N 342 
SER CA    CB     sing N N 343 
SER CA    HA     sing N N 344 
SER C     O      doub N N 345 
SER C     OXT    sing N N 346 
SER CB    OG     sing N N 347 
SER CB    HB2    sing N N 348 
SER CB    HB3    sing N N 349 
SER OG    HG     sing N N 350 
SER OXT   HXT    sing N N 351 
THR N     CA     sing N N 352 
THR N     H      sing N N 353 
THR N     H2     sing N N 354 
THR CA    C      sing N N 355 
THR CA    CB     sing N N 356 
THR CA    HA     sing N N 357 
THR C     O      doub N N 358 
THR C     OXT    sing N N 359 
THR CB    OG1    sing N N 360 
THR CB    CG2    sing N N 361 
THR CB    HB     sing N N 362 
THR OG1   HG1    sing N N 363 
THR CG2   HG21   sing N N 364 
THR CG2   HG22   sing N N 365 
THR CG2   HG23   sing N N 366 
THR OXT   HXT    sing N N 367 
TYR N     CA     sing N N 368 
TYR N     H      sing N N 369 
TYR N     H2     sing N N 370 
TYR CA    C      sing N N 371 
TYR CA    CB     sing N N 372 
TYR CA    HA     sing N N 373 
TYR C     O      doub N N 374 
TYR C     OXT    sing N N 375 
TYR CB    CG     sing N N 376 
TYR CB    HB2    sing N N 377 
TYR CB    HB3    sing N N 378 
TYR CG    CD1    doub Y N 379 
TYR CG    CD2    sing Y N 380 
TYR CD1   CE1    sing Y N 381 
TYR CD1   HD1    sing N N 382 
TYR CD2   CE2    doub Y N 383 
TYR CD2   HD2    sing N N 384 
TYR CE1   CZ     doub Y N 385 
TYR CE1   HE1    sing N N 386 
TYR CE2   CZ     sing Y N 387 
TYR CE2   HE2    sing N N 388 
TYR CZ    OH     sing N N 389 
TYR OH    HH     sing N N 390 
TYR OXT   HXT    sing N N 391 
VAL N     CA     sing N N 392 
VAL N     H      sing N N 393 
VAL N     H2     sing N N 394 
VAL CA    C      sing N N 395 
VAL CA    CB     sing N N 396 
VAL CA    HA     sing N N 397 
VAL C     O      doub N N 398 
VAL C     OXT    sing N N 399 
VAL CB    CG1    sing N N 400 
VAL CB    CG2    sing N N 401 
VAL CB    HB     sing N N 402 
VAL CG1   HG11   sing N N 403 
VAL CG1   HG12   sing N N 404 
VAL CG1   HG13   sing N N 405 
VAL CG2   HG21   sing N N 406 
VAL CG2   HG22   sing N N 407 
VAL CG2   HG23   sing N N 408 
VAL OXT   HXT    sing N N 409 
# 
_atom_sites.entry_id                    3EWR 
_atom_sites.fract_transf_matrix[1][1]   0.01681861 
_atom_sites.fract_transf_matrix[1][2]   -0.00754741 
_atom_sites.fract_transf_matrix[1][3]   0.00991351 
_atom_sites.fract_transf_matrix[2][1]   0.00921789 
_atom_sites.fract_transf_matrix[2][2]   -0.00202144 
_atom_sites.fract_transf_matrix[2][3]   -0.01717746 
_atom_sites.fract_transf_matrix[3][1]   0.00535977 
_atom_sites.fract_transf_matrix[3][2]   0.01361679 
_atom_sites.fract_transf_matrix[3][3]   0.00127378 
_atom_sites.fract_transf_vector[1]      0.224887 
_atom_sites.fract_transf_vector[2]      0.116457 
_atom_sites.fract_transf_vector[3]      0.203339 
# 
loop_
_atom_type.symbol 
C 
N 
O 
P 
S 
# 
loop_
_atom_site.group_PDB 
_atom_site.id 
_atom_site.type_symbol 
_atom_site.label_atom_id 
_atom_site.label_alt_id 
_atom_site.label_comp_id 
_atom_site.label_asym_id 
_atom_site.label_entity_id 
_atom_site.label_seq_id 
_atom_site.pdbx_PDB_ins_code 
_atom_site.Cartn_x 
_atom_site.Cartn_y 
_atom_site.Cartn_z 
_atom_site.occupancy 
_atom_site.B_iso_or_equiv 
_atom_site.pdbx_formal_charge 
_atom_site.auth_seq_id 
_atom_site.auth_comp_id 
_atom_site.auth_asym_id 
_atom_site.auth_atom_id 
_atom_site.pdbx_PDB_model_num 
ATOM   1    N N     . LYS A 1 1   ? -10.909 -20.359 -4.160  1.00 42.17 ? 1   LYS A N     1 
ATOM   2    C CA    . LYS A 1 1   ? -9.479  -20.507 -4.589  1.00 41.37 ? 1   LYS A CA    1 
ATOM   3    C C     . LYS A 1 1   ? -8.539  -19.660 -3.699  1.00 39.91 ? 1   LYS A C     1 
ATOM   4    O O     . LYS A 1 1   ? -7.866  -20.187 -2.789  1.00 40.45 ? 1   LYS A O     1 
ATOM   5    C CB    . LYS A 1 1   ? -9.305  -20.217 -6.101  1.00 41.53 ? 1   LYS A CB    1 
ATOM   6    C CG    . LYS A 1 1   ? -10.100 -19.031 -6.661  1.00 44.73 ? 1   LYS A CG    1 
ATOM   7    C CD    . LYS A 1 1   ? -11.416 -19.444 -7.336  1.00 46.03 ? 1   LYS A CD    1 
ATOM   8    C CE    . LYS A 1 1   ? -11.267 -19.583 -8.870  1.00 46.93 ? 1   LYS A CE    1 
ATOM   9    N NZ    . LYS A 1 1   ? -10.481 -20.773 -9.353  1.00 45.54 ? 1   LYS A NZ    1 
ATOM   10   N N     . GLU A 1 2   ? -8.480  -18.358 -3.977  1.00 37.23 ? 2   GLU A N     1 
ATOM   11   C CA    . GLU A 1 2   ? -7.955  -17.349 -3.053  1.00 33.78 ? 2   GLU A CA    1 
ATOM   12   C C     . GLU A 1 2   ? -8.705  -17.522 -1.705  1.00 31.84 ? 2   GLU A C     1 
ATOM   13   O O     . GLU A 1 2   ? -9.910  -17.682 -1.724  1.00 30.94 ? 2   GLU A O     1 
ATOM   14   C CB    . GLU A 1 2   ? -8.248  -15.996 -3.704  1.00 33.61 ? 2   GLU A CB    1 
ATOM   15   C CG    . GLU A 1 2   ? -8.141  -14.781 -2.856  1.00 32.12 ? 2   GLU A CG    1 
ATOM   16   C CD    . GLU A 1 2   ? -7.898  -13.549 -3.702  1.00 29.60 ? 2   GLU A CD    1 
ATOM   17   O OE1   . GLU A 1 2   ? -8.875  -13.012 -4.254  1.00 26.56 ? 2   GLU A OE1   1 
ATOM   18   O OE2   . GLU A 1 2   ? -6.729  -13.127 -3.817  1.00 26.18 ? 2   GLU A OE2   1 
ATOM   19   N N     . LYS A 1 3   ? -8.017  -17.548 -0.560  1.00 29.65 ? 3   LYS A N     1 
ATOM   20   C CA    . LYS A 1 3   ? -8.707  -17.876 0.712   1.00 28.32 ? 3   LYS A CA    1 
ATOM   21   C C     . LYS A 1 3   ? -9.746  -16.841 1.163   1.00 27.23 ? 3   LYS A C     1 
ATOM   22   O O     . LYS A 1 3   ? -10.891 -17.167 1.547   1.00 25.40 ? 3   LYS A O     1 
ATOM   23   C CB    . LYS A 1 3   ? -7.706  -18.172 1.815   1.00 29.29 ? 3   LYS A CB    1 
ATOM   24   C CG    . LYS A 1 3   ? -6.832  -19.407 1.519   1.00 30.54 ? 3   LYS A CG    1 
ATOM   25   C CD    . LYS A 1 3   ? -5.571  -19.448 2.400   1.00 32.02 ? 3   LYS A CD    1 
ATOM   26   C CE    . LYS A 1 3   ? -4.664  -20.610 1.992   1.00 34.14 ? 3   LYS A CE    1 
ATOM   27   N NZ    . LYS A 1 3   ? -3.988  -20.474 0.647   1.00 35.39 ? 3   LYS A NZ    1 
ATOM   28   N N     . LEU A 1 4   ? -9.341  -15.584 1.111   1.00 26.69 ? 4   LEU A N     1 
ATOM   29   C CA    . LEU A 1 4   ? -10.172 -14.477 1.555   1.00 26.13 ? 4   LEU A CA    1 
ATOM   30   C C     . LEU A 1 4   ? -10.880 -13.881 0.350   1.00 26.20 ? 4   LEU A C     1 
ATOM   31   O O     . LEU A 1 4   ? -10.219 -13.508 -0.638  1.00 25.96 ? 4   LEU A O     1 
ATOM   32   C CB    . LEU A 1 4   ? -9.300  -13.441 2.263   1.00 26.01 ? 4   LEU A CB    1 
ATOM   33   C CG    . LEU A 1 4   ? -9.872  -12.042 2.481   1.00 26.43 ? 4   LEU A CG    1 
ATOM   34   C CD1   . LEU A 1 4   ? -10.985 -12.100 3.503   1.00 28.85 ? 4   LEU A CD1   1 
ATOM   35   C CD2   . LEU A 1 4   ? -8.752  -11.096 2.919   1.00 23.64 ? 4   LEU A CD2   1 
ATOM   36   N N     . ASN A 1 5   ? -12.206 -13.788 0.427   1.00 26.92 ? 5   ASN A N     1 
ATOM   37   C CA    . ASN A 1 5   ? -13.011 -13.208 -0.678  1.00 28.30 ? 5   ASN A CA    1 
ATOM   38   C C     . ASN A 1 5   ? -12.876 -11.666 -0.710  1.00 27.34 ? 5   ASN A C     1 
ATOM   39   O O     . ASN A 1 5   ? -12.841 -11.040 0.342   1.00 27.48 ? 5   ASN A O     1 
ATOM   40   C CB    . ASN A 1 5   ? -14.509 -13.621 -0.571  1.00 29.35 ? 5   ASN A CB    1 
ATOM   41   C CG    . ASN A 1 5   ? -14.717 -15.171 -0.589  1.00 33.76 ? 5   ASN A CG    1 
ATOM   42   O OD1   . ASN A 1 5   ? -15.318 -15.766 0.345   1.00 37.09 ? 5   ASN A OD1   1 
ATOM   43   N ND2   . ASN A 1 5   ? -14.207 -15.819 -1.649  1.00 36.63 ? 5   ASN A ND2   1 
ATOM   44   N N     . ALA A 1 6   ? -12.811 -11.062 -1.904  1.00 26.73 ? 6   ALA A N     1 
ATOM   45   C CA    . ALA A 1 6   ? -12.912 -9.577  -2.013  1.00 26.02 ? 6   ALA A CA    1 
ATOM   46   C C     . ALA A 1 6   ? -14.328 -9.085  -1.629  1.00 26.25 ? 6   ALA A C     1 
ATOM   47   O O     . ALA A 1 6   ? -15.334 -9.744  -1.949  1.00 25.81 ? 6   ALA A O     1 
ATOM   48   C CB    . ALA A 1 6   ? -12.537 -9.116  -3.417  1.00 26.56 ? 6   ALA A CB    1 
ATOM   49   N N     . PHE A 1 7   ? -14.407 -7.918  -0.970  1.00 25.07 ? 7   PHE A N     1 
ATOM   50   C CA    . PHE A 1 7   ? -15.674 -7.408  -0.562  1.00 23.86 ? 7   PHE A CA    1 
ATOM   51   C C     . PHE A 1 7   ? -16.286 -6.611  -1.722  1.00 24.43 ? 7   PHE A C     1 
ATOM   52   O O     . PHE A 1 7   ? -17.484 -6.336  -1.760  1.00 23.43 ? 7   PHE A O     1 
ATOM   53   C CB    . PHE A 1 7   ? -15.581 -6.634  0.780   1.00 23.24 ? 7   PHE A CB    1 
ATOM   54   C CG    . PHE A 1 7   ? -14.830 -5.289  0.715   1.00 22.78 ? 7   PHE A CG    1 
ATOM   55   C CD1   . PHE A 1 7   ? -15.390 -4.184  0.095   1.00 23.00 ? 7   PHE A CD1   1 
ATOM   56   C CD2   . PHE A 1 7   ? -13.576 -5.144  1.344   1.00 22.31 ? 7   PHE A CD2   1 
ATOM   57   C CE1   . PHE A 1 7   ? -14.674 -2.910  0.071   1.00 24.12 ? 7   PHE A CE1   1 
ATOM   58   C CE2   . PHE A 1 7   ? -12.885 -3.930  1.343   1.00 21.34 ? 7   PHE A CE2   1 
ATOM   59   C CZ    . PHE A 1 7   ? -13.435 -2.811  0.706   1.00 20.21 ? 7   PHE A CZ    1 
ATOM   60   N N     . LEU A 1 8   ? -15.446 -6.271  -2.692  1.00 23.13 ? 8   LEU A N     1 
ATOM   61   C CA    . LEU A 1 8   ? -15.888 -5.456  -3.795  1.00 23.68 ? 8   LEU A CA    1 
ATOM   62   C C     . LEU A 1 8   ? -14.891 -5.526  -4.929  1.00 23.24 ? 8   LEU A C     1 
ATOM   63   O O     . LEU A 1 8   ? -13.709 -5.654  -4.690  1.00 21.27 ? 8   LEU A O     1 
ATOM   64   C CB    . LEU A 1 8   ? -16.074 -3.988  -3.366  1.00 23.22 ? 8   LEU A CB    1 
ATOM   65   C CG    . LEU A 1 8   ? -16.564 -3.031  -4.454  1.00 22.80 ? 8   LEU A CG    1 
ATOM   66   C CD1   . LEU A 1 8   ? -17.979 -3.345  -4.875  1.00 23.39 ? 8   LEU A CD1   1 
ATOM   67   C CD2   . LEU A 1 8   ? -16.410 -1.602  -3.980  1.00 25.12 ? 8   LEU A CD2   1 
ATOM   68   N N     . VAL A 1 9   ? -15.412 -5.443  -6.159  1.00 24.31 ? 9   VAL A N     1 
ATOM   69   C CA    . VAL A 1 9   ? -14.590 -5.400  -7.374  1.00 25.11 ? 9   VAL A CA    1 
ATOM   70   C C     . VAL A 1 9   ? -15.014 -4.223  -8.215  1.00 24.77 ? 9   VAL A C     1 
ATOM   71   O O     . VAL A 1 9   ? -16.224 -4.000  -8.466  1.00 25.17 ? 9   VAL A O     1 
ATOM   72   C CB    . VAL A 1 9   ? -14.628 -6.737  -8.212  1.00 26.06 ? 9   VAL A CB    1 
ATOM   73   C CG1   . VAL A 1 9   ? -13.806 -6.589  -9.538  1.00 27.43 ? 9   VAL A CG1   1 
ATOM   74   C CG2   . VAL A 1 9   ? -14.108 -7.956  -7.375  1.00 27.57 ? 9   VAL A CG2   1 
ATOM   75   N N     . HIS A 1 10  ? -14.030 -3.424  -8.599  1.00 24.50 ? 10  HIS A N     1 
ATOM   76   C CA    . HIS A 1 10  ? -14.273 -2.339  -9.545  1.00 24.20 ? 10  HIS A CA    1 
ATOM   77   C C     . HIS A 1 10  ? -13.330 -2.390  -10.726 1.00 23.92 ? 10  HIS A C     1 
ATOM   78   O O     . HIS A 1 10  ? -12.136 -2.137  -10.587 1.00 23.98 ? 10  HIS A O     1 
ATOM   79   C CB    . HIS A 1 10  ? -14.266 -0.948  -8.886  1.00 24.76 ? 10  HIS A CB    1 
ATOM   80   C CG    . HIS A 1 10  ? -14.820 0.114   -9.781  1.00 23.04 ? 10  HIS A CG    1 
ATOM   81   N ND1   . HIS A 1 10  ? -16.157 0.172   -10.111 1.00 26.30 ? 10  HIS A ND1   1 
ATOM   82   C CD2   . HIS A 1 10  ? -14.215 1.100   -10.477 1.00 24.37 ? 10  HIS A CD2   1 
ATOM   83   C CE1   . HIS A 1 10  ? -16.354 1.165   -10.963 1.00 27.07 ? 10  HIS A CE1   1 
ATOM   84   N NE2   . HIS A 1 10  ? -15.188 1.747   -11.197 1.00 22.85 ? 10  HIS A NE2   1 
ATOM   85   N N     . ASP A 1 11  ? -13.866 -2.698  -11.915 1.00 25.04 ? 11  ASP A N     1 
ATOM   86   C CA    . ASP A 1 11  ? -13.026 -2.798  -13.113 1.00 24.75 ? 11  ASP A CA    1 
ATOM   87   C C     . ASP A 1 11  ? -11.887 -3.811  -12.818 1.00 24.08 ? 11  ASP A C     1 
ATOM   88   O O     . ASP A 1 11  ? -12.148 -4.926  -12.426 1.00 24.83 ? 11  ASP A O     1 
ATOM   89   C CB    . ASP A 1 11  ? -12.441 -1.428  -13.509 1.00 25.45 ? 11  ASP A CB    1 
ATOM   90   C CG    . ASP A 1 11  ? -13.501 -0.372  -13.905 1.00 27.64 ? 11  ASP A CG    1 
ATOM   91   O OD1   . ASP A 1 11  ? -14.665 -0.703  -14.249 1.00 31.03 ? 11  ASP A OD1   1 
ATOM   92   O OD2   . ASP A 1 11  ? -13.144 0.840   -13.889 1.00 27.30 ? 11  ASP A OD2   1 
ATOM   93   N N     . ASN A 1 12  ? -10.634 -3.380  -12.912 1.00 23.34 ? 12  ASN A N     1 
ATOM   94   C CA    . ASN A 1 12  ? -9.445  -4.240  -12.732 1.00 23.86 ? 12  ASN A CA    1 
ATOM   95   C C     . ASN A 1 12  ? -8.878  -4.180  -11.296 1.00 23.08 ? 12  ASN A C     1 
ATOM   96   O O     . ASN A 1 12  ? -7.749  -4.575  -11.049 1.00 23.65 ? 12  ASN A O     1 
ATOM   97   C CB    . ASN A 1 12  ? -8.325  -3.734  -13.651 1.00 23.49 ? 12  ASN A CB    1 
ATOM   98   C CG    . ASN A 1 12  ? -7.907  -2.277  -13.301 1.00 24.11 ? 12  ASN A CG    1 
ATOM   99   O OD1   . ASN A 1 12  ? -8.720  -1.368  -13.378 1.00 22.27 ? 12  ASN A OD1   1 
ATOM   100  N ND2   . ASN A 1 12  ? -6.658  -2.081  -12.870 1.00 25.41 ? 12  ASN A ND2   1 
ATOM   101  N N     . VAL A 1 13  ? -9.659  -3.648  -10.378 1.00 23.11 ? 13  VAL A N     1 
ATOM   102  C CA    . VAL A 1 13  ? -9.257  -3.483  -8.971  1.00 23.55 ? 13  VAL A CA    1 
ATOM   103  C C     . VAL A 1 13  ? -10.180 -4.259  -8.059  1.00 23.43 ? 13  VAL A C     1 
ATOM   104  O O     . VAL A 1 13  ? -11.393 -4.159  -8.150  1.00 24.66 ? 13  VAL A O     1 
ATOM   105  C CB    . VAL A 1 13  ? -9.295  -1.994  -8.578  1.00 24.03 ? 13  VAL A CB    1 
ATOM   106  C CG1   . VAL A 1 13  ? -8.868  -1.776  -7.113  1.00 20.34 ? 13  VAL A CG1   1 
ATOM   107  C CG2   . VAL A 1 13  ? -8.417  -1.220  -9.518  1.00 23.27 ? 13  VAL A CG2   1 
ATOM   108  N N     . ALA A 1 14  ? -9.584  -5.054  -7.189  1.00 24.64 ? 14  ALA A N     1 
ATOM   109  C CA    . ALA A 1 14  ? -10.301 -5.916  -6.266  1.00 23.77 ? 14  ALA A CA    1 
ATOM   110  C C     . ALA A 1 14  ? -9.928  -5.486  -4.832  1.00 23.32 ? 14  ALA A C     1 
ATOM   111  O O     . ALA A 1 14  ? -8.759  -5.291  -4.527  1.00 23.10 ? 14  ALA A O     1 
ATOM   112  C CB    . ALA A 1 14  ? -9.923  -7.330  -6.503  1.00 24.03 ? 14  ALA A CB    1 
ATOM   113  N N     . PHE A 1 15  ? -10.937 -5.324  -3.982  1.00 21.94 ? 15  PHE A N     1 
ATOM   114  C CA    . PHE A 1 15  ? -10.811 -4.756  -2.602  1.00 21.54 ? 15  PHE A CA    1 
ATOM   115  C C     . PHE A 1 15  ? -11.003 -5.807  -1.490  1.00 21.35 ? 15  PHE A C     1 
ATOM   116  O O     . PHE A 1 15  ? -11.986 -6.544  -1.522  1.00 20.50 ? 15  PHE A O     1 
ATOM   117  C CB    . PHE A 1 15  ? -11.867 -3.656  -2.370  1.00 20.57 ? 15  PHE A CB    1 
ATOM   118  C CG    . PHE A 1 15  ? -11.701 -2.441  -3.250  1.00 22.57 ? 15  PHE A CG    1 
ATOM   119  C CD1   . PHE A 1 15  ? -12.420 -2.318  -4.455  1.00 22.51 ? 15  PHE A CD1   1 
ATOM   120  C CD2   . PHE A 1 15  ? -10.791 -1.429  -2.901  1.00 19.02 ? 15  PHE A CD2   1 
ATOM   121  C CE1   . PHE A 1 15  ? -12.255 -1.218  -5.279  1.00 23.40 ? 15  PHE A CE1   1 
ATOM   122  C CE2   . PHE A 1 15  ? -10.655 -0.298  -3.705  1.00 18.01 ? 15  PHE A CE2   1 
ATOM   123  C CZ    . PHE A 1 15  ? -11.357 -0.180  -4.891  1.00 21.32 ? 15  PHE A CZ    1 
ATOM   124  N N     . TYR A 1 16  ? -10.069 -5.843  -0.525  1.00 20.89 ? 16  TYR A N     1 
ATOM   125  C CA    . TYR A 1 16  ? -10.092 -6.797  0.571   1.00 21.66 ? 16  TYR A CA    1 
ATOM   126  C C     . TYR A 1 16  ? -10.016 -6.078  1.915   1.00 21.78 ? 16  TYR A C     1 
ATOM   127  O O     . TYR A 1 16  ? -9.510  -4.921  1.992   1.00 21.54 ? 16  TYR A O     1 
ATOM   128  C CB    . TYR A 1 16  ? -8.928  -7.770  0.464   1.00 22.19 ? 16  TYR A CB    1 
ATOM   129  C CG    . TYR A 1 16  ? -8.890  -8.527  -0.868  1.00 24.73 ? 16  TYR A CG    1 
ATOM   130  C CD1   . TYR A 1 16  ? -8.386  -7.918  -2.017  1.00 23.63 ? 16  TYR A CD1   1 
ATOM   131  C CD2   . TYR A 1 16  ? -9.349  -9.858  -0.962  1.00 25.21 ? 16  TYR A CD2   1 
ATOM   132  C CE1   . TYR A 1 16  ? -8.316  -8.604  -3.231  1.00 22.33 ? 16  TYR A CE1   1 
ATOM   133  C CE2   . TYR A 1 16  ? -9.292  -10.560 -2.186  1.00 22.68 ? 16  TYR A CE2   1 
ATOM   134  C CZ    . TYR A 1 16  ? -8.785  -9.920  -3.312  1.00 23.87 ? 16  TYR A CZ    1 
ATOM   135  O OH    . TYR A 1 16  ? -8.699  -10.572 -4.548  1.00 25.10 ? 16  TYR A OH    1 
ATOM   136  N N     . GLN A 1 17  ? -10.578 -6.733  2.934   1.00 22.45 ? 17  GLN A N     1 
ATOM   137  C CA    . GLN A 1 17  ? -10.493 -6.253  4.316   1.00 22.17 ? 17  GLN A CA    1 
ATOM   138  C C     . GLN A 1 17  ? -9.716  -7.242  5.159   1.00 22.40 ? 17  GLN A C     1 
ATOM   139  O O     . GLN A 1 17  ? -10.020 -8.452  5.181   1.00 21.45 ? 17  GLN A O     1 
ATOM   140  C CB    . GLN A 1 17  ? -11.878 -5.945  4.952   1.00 23.23 ? 17  GLN A CB    1 
ATOM   141  C CG    . GLN A 1 17  ? -11.755 -5.242  6.319   1.00 21.25 ? 17  GLN A CG    1 
ATOM   142  C CD    . GLN A 1 17  ? -13.061 -5.117  7.122   1.00 23.08 ? 17  GLN A CD    1 
ATOM   143  O OE1   . GLN A 1 17  ? -14.083 -5.671  6.780   1.00 21.89 ? 17  GLN A OE1   1 
ATOM   144  N NE2   . GLN A 1 17  ? -13.016 -4.304  8.172   1.00 26.46 ? 17  GLN A NE2   1 
ATOM   145  N N     . GLY A 1 18  ? -8.689  -6.721  5.836   1.00 20.62 ? 18  GLY A N     1 
ATOM   146  C CA    . GLY A 1 18  ? -8.091  -7.421  6.936   1.00 22.42 ? 18  GLY A CA    1 
ATOM   147  C C     . GLY A 1 18  ? -6.898  -6.691  7.516   1.00 23.02 ? 18  GLY A C     1 
ATOM   148  O O     . GLY A 1 18  ? -6.399  -5.710  6.941   1.00 24.62 ? 18  GLY A O     1 
ATOM   149  N N     . ASP A 1 19  ? -6.415  -7.178  8.638   1.00 23.34 ? 19  ASP A N     1 
ATOM   150  C CA    . ASP A 1 19  ? -5.071  -6.809  9.069   1.00 24.04 ? 19  ASP A CA    1 
ATOM   151  C C     . ASP A 1 19  ? -3.981  -7.482  8.195   1.00 23.78 ? 19  ASP A C     1 
ATOM   152  O O     . ASP A 1 19  ? -4.286  -8.330  7.293   1.00 22.05 ? 19  ASP A O     1 
ATOM   153  C CB    . ASP A 1 19  ? -4.865  -7.089  10.576  1.00 24.94 ? 19  ASP A CB    1 
ATOM   154  C CG    . ASP A 1 19  ? -4.987  -8.601  10.954  1.00 28.70 ? 19  ASP A CG    1 
ATOM   155  O OD1   . ASP A 1 19  ? -4.912  -9.501  10.098  1.00 28.26 ? 19  ASP A OD1   1 
ATOM   156  O OD2   . ASP A 1 19  ? -5.139  -8.885  12.149  1.00 32.14 ? 19  ASP A OD2   1 
ATOM   157  N N     . VAL A 1 20  ? -2.718  -7.141  8.479   1.00 22.46 ? 20  VAL A N     1 
ATOM   158  C CA    . VAL A 1 20  ? -1.576  -7.712  7.753   1.00 22.35 ? 20  VAL A CA    1 
ATOM   159  C C     . VAL A 1 20  ? -1.559  -9.237  7.590   1.00 22.54 ? 20  VAL A C     1 
ATOM   160  O O     . VAL A 1 20  ? -1.457  -9.750  6.462   1.00 22.78 ? 20  VAL A O     1 
ATOM   161  C CB    . VAL A 1 20  ? -0.223  -7.247  8.320   1.00 22.11 ? 20  VAL A CB    1 
ATOM   162  C CG1   . VAL A 1 20  ? 0.917   -7.998  7.634   1.00 22.19 ? 20  VAL A CG1   1 
ATOM   163  C CG2   . VAL A 1 20  ? -0.063  -5.738  8.098   1.00 22.25 ? 20  VAL A CG2   1 
ATOM   164  N N     . ASP A 1 21  ? -1.700  -9.953  8.700   1.00 24.10 ? 21  ASP A N     1 
ATOM   165  C CA    . ASP A 1 21  ? -1.596  -11.416 8.715   1.00 23.70 ? 21  ASP A CA    1 
ATOM   166  C C     . ASP A 1 21  ? -2.752  -11.979 7.881   1.00 23.45 ? 21  ASP A C     1 
ATOM   167  O O     . ASP A 1 21  ? -2.569  -12.859 7.025   1.00 23.05 ? 21  ASP A O     1 
ATOM   168  C CB    . ASP A 1 21  ? -1.556  -11.937 10.186  1.00 23.97 ? 21  ASP A CB    1 
ATOM   169  C CG    . ASP A 1 21  ? -1.378  -13.468 10.275  1.00 25.02 ? 21  ASP A CG    1 
ATOM   170  O OD1   . ASP A 1 21  ? -0.235  -13.948 10.346  1.00 28.27 ? 21  ASP A OD1   1 
ATOM   171  O OD2   . ASP A 1 21  ? -2.370  -14.200 10.242  1.00 28.06 ? 21  ASP A OD2   1 
ATOM   172  N N     . THR A 1 22  ? -3.940  -11.423 8.069   1.00 23.36 ? 22  THR A N     1 
ATOM   173  C CA    . THR A 1 22  ? -5.088  -11.825 7.238   1.00 23.88 ? 22  THR A CA    1 
ATOM   174  C C     . THR A 1 22  ? -4.841  -11.634 5.759   1.00 23.27 ? 22  THR A C     1 
ATOM   175  O O     . THR A 1 22  ? -5.068  -12.575 4.982   1.00 22.28 ? 22  THR A O     1 
ATOM   176  C CB    . THR A 1 22  ? -6.380  -11.125 7.657   1.00 23.85 ? 22  THR A CB    1 
ATOM   177  O OG1   . THR A 1 22  ? -6.560  -11.380 9.043   1.00 29.44 ? 22  THR A OG1   1 
ATOM   178  C CG2   . THR A 1 22  ? -7.570  -11.690 6.953   1.00 24.13 ? 22  THR A CG2   1 
ATOM   179  N N     . VAL A 1 23  ? -4.333  -10.460 5.346   1.00 22.10 ? 23  VAL A N     1 
ATOM   180  C CA    . VAL A 1 23  ? -4.221  -10.251 3.885   1.00 22.17 ? 23  VAL A CA    1 
ATOM   181  C C     . VAL A 1 23  ? -3.028  -11.000 3.269   1.00 21.61 ? 23  VAL A C     1 
ATOM   182  O O     . VAL A 1 23  ? -3.081  -11.398 2.111   1.00 23.11 ? 23  VAL A O     1 
ATOM   183  C CB    . VAL A 1 23  ? -4.258  -8.738  3.448   1.00 21.46 ? 23  VAL A CB    1 
ATOM   184  C CG1   . VAL A 1 23  ? -5.615  -8.081  3.802   1.00 21.39 ? 23  VAL A CG1   1 
ATOM   185  C CG2   . VAL A 1 23  ? -3.096  -7.969  4.067   1.00 20.16 ? 23  VAL A CG2   1 
ATOM   186  N N     . VAL A 1 24  ? -1.926  -11.084 4.013   1.00 22.02 ? 24  VAL A N     1 
ATOM   187  C CA    . VAL A 1 24  ? -0.718  -11.763 3.573   1.00 22.99 ? 24  VAL A CA    1 
ATOM   188  C C     . VAL A 1 24  ? -1.056  -13.258 3.390   1.00 23.87 ? 24  VAL A C     1 
ATOM   189  O O     . VAL A 1 24  ? -0.631  -13.876 2.426   1.00 23.19 ? 24  VAL A O     1 
ATOM   190  C CB    . VAL A 1 24  ? 0.447   -11.549 4.586   1.00 23.55 ? 24  VAL A CB    1 
ATOM   191  C CG1   . VAL A 1 24  ? 1.663   -12.436 4.252   1.00 23.83 ? 24  VAL A CG1   1 
ATOM   192  C CG2   . VAL A 1 24  ? 0.849   -10.078 4.579   1.00 22.19 ? 24  VAL A CG2   1 
ATOM   193  N N     . ASN A 1 25  ? -1.857  -13.808 4.305   1.00 22.91 ? 25  ASN A N     1 
ATOM   194  C CA    . ASN A 1 25  ? -2.218  -15.214 4.246   1.00 23.68 ? 25  ASN A CA    1 
ATOM   195  C C     . ASN A 1 25  ? -3.354  -15.529 3.326   1.00 22.93 ? 25  ASN A C     1 
ATOM   196  O O     . ASN A 1 25  ? -3.410  -16.643 2.805   1.00 22.92 ? 25  ASN A O     1 
ATOM   197  C CB    . ASN A 1 25  ? -2.492  -15.758 5.670   1.00 23.86 ? 25  ASN A CB    1 
ATOM   198  C CG    . ASN A 1 25  ? -1.217  -15.974 6.419   1.00 25.96 ? 25  ASN A CG    1 
ATOM   199  O OD1   . ASN A 1 25  ? -0.406  -16.853 6.057   1.00 27.74 ? 25  ASN A OD1   1 
ATOM   200  N ND2   . ASN A 1 25  ? -0.962  -15.133 7.397   1.00 28.86 ? 25  ASN A ND2   1 
ATOM   201  N N     . GLY A 1 26  ? -4.271  -14.571 3.154   1.00 22.43 ? 26  GLY A N     1 
ATOM   202  C CA    . GLY A 1 26  ? -5.498  -14.791 2.460   1.00 23.17 ? 26  GLY A CA    1 
ATOM   203  C C     . GLY A 1 26  ? -5.626  -14.251 1.045   1.00 24.40 ? 26  GLY A C     1 
ATOM   204  O O     . GLY A 1 26  ? -6.602  -14.551 0.378   1.00 25.18 ? 26  GLY A O     1 
ATOM   205  N N     . VAL A 1 27  ? -4.673  -13.443 0.584   1.00 23.75 ? 27  VAL A N     1 
ATOM   206  C CA    . VAL A 1 27  ? -4.827  -12.820 -0.728  1.00 23.75 ? 27  VAL A CA    1 
ATOM   207  C C     . VAL A 1 27  ? -3.716  -13.308 -1.612  1.00 24.36 ? 27  VAL A C     1 
ATOM   208  O O     . VAL A 1 27  ? -2.565  -13.406 -1.155  1.00 23.69 ? 27  VAL A O     1 
ATOM   209  C CB    . VAL A 1 27  ? -4.850  -11.252 -0.620  1.00 22.72 ? 27  VAL A CB    1 
ATOM   210  C CG1   . VAL A 1 27  ? -4.979  -10.559 -1.979  1.00 23.17 ? 27  VAL A CG1   1 
ATOM   211  C CG2   . VAL A 1 27  ? -6.038  -10.829 0.277   1.00 23.84 ? 27  VAL A CG2   1 
ATOM   212  N N     . ASP A 1 28  ? -4.050  -13.584 -2.877  1.00 23.76 ? 28  ASP A N     1 
ATOM   213  C CA    . ASP A 1 28  ? -3.031  -13.956 -3.882  1.00 24.57 ? 28  ASP A CA    1 
ATOM   214  C C     . ASP A 1 28  ? -2.428  -12.687 -4.558  1.00 23.76 ? 28  ASP A C     1 
ATOM   215  O O     . ASP A 1 28  ? -3.164  -11.955 -5.194  1.00 23.66 ? 28  ASP A O     1 
ATOM   216  C CB    . ASP A 1 28  ? -3.699  -14.863 -4.928  1.00 25.24 ? 28  ASP A CB    1 
ATOM   217  C CG    . ASP A 1 28  ? -4.253  -16.164 -4.316  1.00 31.25 ? 28  ASP A CG    1 
ATOM   218  O OD1   . ASP A 1 28  ? -3.712  -16.643 -3.260  1.00 33.28 ? 28  ASP A OD1   1 
ATOM   219  O OD2   . ASP A 1 28  ? -5.247  -16.698 -4.899  1.00 35.77 ? 28  ASP A OD2   1 
ATOM   220  N N     . PHE A 1 29  ? -1.117  -12.427 -4.370  1.00 24.41 ? 29  PHE A N     1 
ATOM   221  C CA    . PHE A 1 29  ? -0.405  -11.239 -4.887  1.00 23.52 ? 29  PHE A CA    1 
ATOM   222  C C     . PHE A 1 29  ? 1.100   -11.586 -5.060  1.00 23.46 ? 29  PHE A C     1 
ATOM   223  O O     . PHE A 1 29  ? 1.575   -12.585 -4.523  1.00 21.72 ? 29  PHE A O     1 
ATOM   224  C CB    . PHE A 1 29  ? -0.574  -10.022 -3.938  1.00 23.48 ? 29  PHE A CB    1 
ATOM   225  C CG    . PHE A 1 29  ? -0.063  -10.276 -2.544  1.00 21.95 ? 29  PHE A CG    1 
ATOM   226  C CD1   . PHE A 1 29  ? 1.286   -10.079 -2.238  1.00 22.43 ? 29  PHE A CD1   1 
ATOM   227  C CD2   . PHE A 1 29  ? -0.916  -10.777 -1.558  1.00 22.94 ? 29  PHE A CD2   1 
ATOM   228  C CE1   . PHE A 1 29  ? 1.818   -10.369 -0.962  1.00 19.73 ? 29  PHE A CE1   1 
ATOM   229  C CE2   . PHE A 1 29  ? -0.425  -11.092 -0.283  1.00 22.65 ? 29  PHE A CE2   1 
ATOM   230  C CZ    . PHE A 1 29  ? 0.952   -10.860 0.037   1.00 24.07 ? 29  PHE A CZ    1 
ATOM   231  N N     . ASP A 1 30  ? 1.827   -10.781 -5.836  1.00 21.47 ? 30  ASP A N     1 
ATOM   232  C CA    . ASP A 1 30  ? 3.265   -11.005 -6.039  1.00 22.08 ? 30  ASP A CA    1 
ATOM   233  C C     . ASP A 1 30  ? 4.081   -10.206 -5.033  1.00 21.10 ? 30  ASP A C     1 
ATOM   234  O O     . ASP A 1 30  ? 5.110   -10.680 -4.535  1.00 21.46 ? 30  ASP A O     1 
ATOM   235  C CB    . ASP A 1 30  ? 3.662   -10.620 -7.475  1.00 22.38 ? 30  ASP A CB    1 
ATOM   236  C CG    . ASP A 1 30  ? 3.082   -11.579 -8.503  1.00 23.97 ? 30  ASP A CG    1 
ATOM   237  O OD1   . ASP A 1 30  ? 3.287   -12.791 -8.348  1.00 25.53 ? 30  ASP A OD1   1 
ATOM   238  O OD2   . ASP A 1 30  ? 2.428   -11.137 -9.441  1.00 24.02 ? 30  ASP A OD2   1 
ATOM   239  N N     . PHE A 1 31  ? 3.589   -9.015  -4.695  1.00 20.43 ? 31  PHE A N     1 
ATOM   240  C CA    . PHE A 1 31  ? 4.240   -8.207  -3.658  1.00 21.57 ? 31  PHE A CA    1 
ATOM   241  C C     . PHE A 1 31  ? 3.192   -7.350  -2.918  1.00 21.17 ? 31  PHE A C     1 
ATOM   242  O O     . PHE A 1 31  ? 2.144   -6.995  -3.491  1.00 19.57 ? 31  PHE A O     1 
ATOM   243  C CB    . PHE A 1 31  ? 5.373   -7.304  -4.237  1.00 20.39 ? 31  PHE A CB    1 
ATOM   244  C CG    . PHE A 1 31  ? 4.868   -6.207  -5.146  1.00 22.25 ? 31  PHE A CG    1 
ATOM   245  C CD1   . PHE A 1 31  ? 4.543   -4.938  -4.624  1.00 20.94 ? 31  PHE A CD1   1 
ATOM   246  C CD2   . PHE A 1 31  ? 4.694   -6.449  -6.547  1.00 21.20 ? 31  PHE A CD2   1 
ATOM   247  C CE1   . PHE A 1 31  ? 4.075   -3.923  -5.437  1.00 23.42 ? 31  PHE A CE1   1 
ATOM   248  C CE2   . PHE A 1 31  ? 4.247   -5.446  -7.380  1.00 20.54 ? 31  PHE A CE2   1 
ATOM   249  C CZ    . PHE A 1 31  ? 3.903   -4.165  -6.833  1.00 21.53 ? 31  PHE A CZ    1 
ATOM   250  N N     . ILE A 1 32  ? 3.488   -7.080  -1.638  1.00 21.28 ? 32  ILE A N     1 
ATOM   251  C CA    . ILE A 1 32  ? 2.652   -6.213  -0.826  1.00 21.99 ? 32  ILE A CA    1 
ATOM   252  C C     . ILE A 1 32  ? 3.334   -4.827  -0.725  1.00 21.46 ? 32  ILE A C     1 
ATOM   253  O O     . ILE A 1 32  ? 4.544   -4.705  -0.601  1.00 21.18 ? 32  ILE A O     1 
ATOM   254  C CB    . ILE A 1 32  ? 2.281   -6.863  0.559   1.00 22.40 ? 32  ILE A CB    1 
ATOM   255  C CG1   . ILE A 1 32  ? 1.064   -6.180  1.153   1.00 21.32 ? 32  ILE A CG1   1 
ATOM   256  C CG2   . ILE A 1 32  ? 3.527   -6.895  1.522   1.00 22.37 ? 32  ILE A CG2   1 
ATOM   257  C CD1   . ILE A 1 32  ? 0.608   -6.678  2.585   1.00 23.23 ? 32  ILE A CD1   1 
ATOM   258  N N     . VAL A 1 33  ? 2.538   -3.788  -0.824  1.00 21.71 ? 33  VAL A N     1 
ATOM   259  C CA    . VAL A 1 33  ? 3.027   -2.437  -0.582  1.00 21.25 ? 33  VAL A CA    1 
ATOM   260  C C     . VAL A 1 33  ? 2.899   -2.057  0.893   1.00 21.86 ? 33  VAL A C     1 
ATOM   261  O O     . VAL A 1 33  ? 1.846   -2.294  1.531   1.00 21.07 ? 33  VAL A O     1 
ATOM   262  C CB    . VAL A 1 33  ? 2.249   -1.415  -1.447  1.00 21.19 ? 33  VAL A CB    1 
ATOM   263  C CG1   . VAL A 1 33  ? 2.702   0.109   -1.120  1.00 19.41 ? 33  VAL A CG1   1 
ATOM   264  C CG2   . VAL A 1 33  ? 2.426   -1.780  -2.912  1.00 21.49 ? 33  VAL A CG2   1 
ATOM   265  N N     . ASN A 1 34  ? 3.973   -1.440  1.390   1.00 22.69 ? 34  ASN A N     1 
ATOM   266  C CA    . ASN A 1 34  ? 4.033   -0.772  2.689   1.00 23.74 ? 34  ASN A CA    1 
ATOM   267  C C     . ASN A 1 34  ? 3.925   0.738   2.483   1.00 23.90 ? 34  ASN A C     1 
ATOM   268  O O     . ASN A 1 34  ? 4.695   1.324   1.699   1.00 23.96 ? 34  ASN A O     1 
ATOM   269  C CB    . ASN A 1 34  ? 5.373   -1.056  3.391   1.00 22.75 ? 34  ASN A CB    1 
ATOM   270  C CG    . ASN A 1 34  ? 5.436   -0.465  4.800   1.00 25.48 ? 34  ASN A CG    1 
ATOM   271  O OD1   . ASN A 1 34  ? 6.519   -0.158  5.338   1.00 27.19 ? 34  ASN A OD1   1 
ATOM   272  N ND2   . ASN A 1 34  ? 4.277   -0.281  5.396   1.00 20.09 ? 34  ASN A ND2   1 
ATOM   273  N N     . ALA A 1 35  ? 2.954   1.347   3.169   1.00 24.33 ? 35  ALA A N     1 
ATOM   274  C CA    . ALA A 1 35  ? 2.835   2.798   3.221   1.00 24.58 ? 35  ALA A CA    1 
ATOM   275  C C     . ALA A 1 35  ? 3.885   3.380   4.166   1.00 24.48 ? 35  ALA A C     1 
ATOM   276  O O     . ALA A 1 35  ? 3.600   3.648   5.321   1.00 24.55 ? 35  ALA A O     1 
ATOM   277  C CB    . ALA A 1 35  ? 1.405   3.238   3.597   1.00 23.29 ? 35  ALA A CB    1 
ATOM   278  N N     . ALA A 1 36  ? 5.094   3.607   3.628   1.00 24.08 ? 36  ALA A N     1 
ATOM   279  C CA    . ALA A 1 36  ? 6.266   3.977   4.406   1.00 24.41 ? 36  ALA A CA    1 
ATOM   280  C C     . ALA A 1 36  ? 6.441   5.501   4.489   1.00 25.32 ? 36  ALA A C     1 
ATOM   281  O O     . ALA A 1 36  ? 5.781   6.282   3.777   1.00 22.77 ? 36  ALA A O     1 
ATOM   282  C CB    . ALA A 1 36  ? 7.518   3.340   3.802   1.00 24.42 ? 36  ALA A CB    1 
ATOM   283  N N     . ASN A 1 37  ? 7.347   5.906   5.371   1.00 26.56 ? 37  ASN A N     1 
ATOM   284  C CA    . ASN A 1 37  ? 7.795   7.293   5.416   1.00 27.68 ? 37  ASN A CA    1 
ATOM   285  C C     . ASN A 1 37  ? 9.209   7.324   4.860   1.00 28.62 ? 37  ASN A C     1 
ATOM   286  O O     . ASN A 1 37  ? 9.829   6.266   4.685   1.00 28.84 ? 37  ASN A O     1 
ATOM   287  C CB    . ASN A 1 37  ? 7.681   7.904   6.841   1.00 28.23 ? 37  ASN A CB    1 
ATOM   288  C CG    . ASN A 1 37  ? 8.492   7.134   7.891   1.00 27.83 ? 37  ASN A CG    1 
ATOM   289  O OD1   . ASN A 1 37  ? 9.660   6.857   7.695   1.00 25.10 ? 37  ASN A OD1   1 
ATOM   290  N ND2   . ASN A 1 37  ? 7.868   6.835   9.025   1.00 28.13 ? 37  ASN A ND2   1 
ATOM   291  N N     . GLU A 1 38  ? 9.720   8.523   4.569   1.00 29.03 ? 38  GLU A N     1 
ATOM   292  C CA    . GLU A 1 38  ? 11.017  8.676   3.924   1.00 30.73 ? 38  GLU A CA    1 
ATOM   293  C C     . GLU A 1 38  ? 12.210  8.094   4.711   1.00 29.49 ? 38  GLU A C     1 
ATOM   294  O O     . GLU A 1 38  ? 13.251  7.784   4.121   1.00 29.40 ? 38  GLU A O     1 
ATOM   295  C CB    . GLU A 1 38  ? 11.264  10.148  3.484   1.00 29.90 ? 38  GLU A CB    1 
ATOM   296  C CG    . GLU A 1 38  ? 11.181  11.175  4.601   1.00 32.98 ? 38  GLU A CG    1 
ATOM   297  C CD    . GLU A 1 38  ? 10.833  12.593  4.055   1.00 34.42 ? 38  GLU A CD    1 
ATOM   298  O OE1   . GLU A 1 38  ? 11.461  13.046  3.076   1.00 38.68 ? 38  GLU A OE1   1 
ATOM   299  O OE2   . GLU A 1 38  ? 9.883   13.229  4.585   1.00 40.46 ? 38  GLU A OE2   1 
ATOM   300  N N     . ASN A 1 39  ? 12.048  7.910   6.016   1.00 28.59 ? 39  ASN A N     1 
ATOM   301  C CA    . ASN A 1 39  ? 13.083  7.243   6.858   1.00 28.58 ? 39  ASN A CA    1 
ATOM   302  C C     . ASN A 1 39  ? 13.072  5.695   6.881   1.00 27.95 ? 39  ASN A C     1 
ATOM   303  O O     . ASN A 1 39  ? 14.000  5.059   7.430   1.00 27.87 ? 39  ASN A O     1 
ATOM   304  C CB    . ASN A 1 39  ? 12.958  7.766   8.295   1.00 29.77 ? 39  ASN A CB    1 
ATOM   305  C CG    . ASN A 1 39  ? 13.051  9.257   8.365   1.00 32.94 ? 39  ASN A CG    1 
ATOM   306  O OD1   . ASN A 1 39  ? 12.226  9.923   9.022   1.00 41.44 ? 39  ASN A OD1   1 
ATOM   307  N ND2   . ASN A 1 39  ? 14.037  9.817   7.669   1.00 33.22 ? 39  ASN A ND2   1 
ATOM   308  N N     . LEU A 1 40  ? 12.015  5.098   6.321   1.00 26.40 ? 40  LEU A N     1 
ATOM   309  C CA    . LEU A 1 40  ? 11.735  3.649   6.431   1.00 26.83 ? 40  LEU A CA    1 
ATOM   310  C C     . LEU A 1 40  ? 11.840  3.197   7.891   1.00 27.38 ? 40  LEU A C     1 
ATOM   311  O O     . LEU A 1 40  ? 12.434  2.162   8.197   1.00 27.09 ? 40  LEU A O     1 
ATOM   312  C CB    . LEU A 1 40  ? 12.612  2.812   5.476   1.00 26.96 ? 40  LEU A CB    1 
ATOM   313  C CG    . LEU A 1 40  ? 12.632  3.246   4.001   1.00 26.35 ? 40  LEU A CG    1 
ATOM   314  C CD1   . LEU A 1 40  ? 13.655  2.475   3.220   1.00 26.22 ? 40  LEU A CD1   1 
ATOM   315  C CD2   . LEU A 1 40  ? 11.248  3.155   3.342   1.00 26.52 ? 40  LEU A CD2   1 
ATOM   316  N N     . ALA A 1 41  ? 11.250  4.031   8.756   1.00 27.55 ? 41  ALA A N     1 
ATOM   317  C CA    . ALA A 1 41  ? 11.189  3.912   10.180  1.00 28.22 ? 41  ALA A CA    1 
ATOM   318  C C     . ALA A 1 41  ? 9.737   3.542   10.430  1.00 29.23 ? 41  ALA A C     1 
ATOM   319  O O     . ALA A 1 41  ? 8.815   4.388   10.375  1.00 30.66 ? 41  ALA A O     1 
ATOM   320  C CB    . ALA A 1 41  ? 11.507  5.259   10.838  1.00 27.51 ? 41  ALA A CB    1 
ATOM   321  N N     . HIS A 1 42  ? 9.518   2.269   10.643  1.00 29.08 ? 42  HIS A N     1 
ATOM   322  C CA    . HIS A 1 42  ? 8.191   1.702   10.671  1.00 29.04 ? 42  HIS A CA    1 
ATOM   323  C C     . HIS A 1 42  ? 7.505   1.768   12.054  1.00 28.64 ? 42  HIS A C     1 
ATOM   324  O O     . HIS A 1 42  ? 7.308   0.788   12.703  1.00 28.95 ? 42  HIS A O     1 
ATOM   325  C CB    . HIS A 1 42  ? 8.224   0.257   10.147  1.00 28.87 ? 42  HIS A CB    1 
ATOM   326  C CG    . HIS A 1 42  ? 9.017   0.076   8.885   1.00 28.49 ? 42  HIS A CG    1 
ATOM   327  N ND1   . HIS A 1 42  ? 8.711   0.727   7.715   1.00 27.20 ? 42  HIS A ND1   1 
ATOM   328  C CD2   . HIS A 1 42  ? 10.094  -0.683  8.613   1.00 26.89 ? 42  HIS A CD2   1 
ATOM   329  C CE1   . HIS A 1 42  ? 9.569   0.387   6.786   1.00 26.72 ? 42  HIS A CE1   1 
ATOM   330  N NE2   . HIS A 1 42  ? 10.414  -0.475  7.304   1.00 29.88 ? 42  HIS A NE2   1 
ATOM   331  N N     . GLY A 1 43  ? 7.097   2.942   12.468  1.00 29.91 ? 43  GLY A N     1 
ATOM   332  C CA    . GLY A 1 43  ? 6.612   3.118   13.814  1.00 31.01 ? 43  GLY A CA    1 
ATOM   333  C C     . GLY A 1 43  ? 5.166   2.867   14.126  1.00 31.28 ? 43  GLY A C     1 
ATOM   334  O O     . GLY A 1 43  ? 4.806   2.673   15.252  1.00 30.70 ? 43  GLY A O     1 
ATOM   335  N N     . GLY A 1 44  ? 4.356   2.904   13.090  1.00 32.74 ? 44  GLY A N     1 
ATOM   336  C CA    . GLY A 1 44  ? 2.930   2.936   13.218  1.00 31.71 ? 44  GLY A CA    1 
ATOM   337  C C     . GLY A 1 44  ? 2.218   2.328   12.045  1.00 29.99 ? 44  GLY A C     1 
ATOM   338  O O     . GLY A 1 44  ? 2.806   2.005   11.067  1.00 29.85 ? 44  GLY A O     1 
ATOM   339  N N     . GLY A 1 45  ? 0.927   2.175   12.210  1.00 29.62 ? 45  GLY A N     1 
ATOM   340  C CA    . GLY A 1 45  ? 0.056   1.623   11.225  1.00 28.17 ? 45  GLY A CA    1 
ATOM   341  C C     . GLY A 1 45  ? 0.512   0.378   10.531  1.00 28.11 ? 45  GLY A C     1 
ATOM   342  O O     . GLY A 1 45  ? 1.004   -0.557  11.089  1.00 28.33 ? 45  GLY A O     1 
ATOM   343  N N     . LEU A 1 46  ? 0.317   0.404   9.246   1.00 26.77 ? 46  LEU A N     1 
ATOM   344  C CA    . LEU A 1 46  ? 0.572   -0.764  8.450   1.00 26.31 ? 46  LEU A CA    1 
ATOM   345  C C     . LEU A 1 46  ? 2.080   -1.105  8.535   1.00 25.86 ? 46  LEU A C     1 
ATOM   346  O O     . LEU A 1 46  ? 2.472   -2.282  8.646   1.00 24.05 ? 46  LEU A O     1 
ATOM   347  C CB    . LEU A 1 46  ? 0.172   -0.450  6.993   1.00 26.56 ? 46  LEU A CB    1 
ATOM   348  C CG    . LEU A 1 46  ? 0.709   -1.408  5.930   1.00 26.43 ? 46  LEU A CG    1 
ATOM   349  C CD1   . LEU A 1 46  ? 0.054   -2.829  6.096   1.00 26.50 ? 46  LEU A CD1   1 
ATOM   350  C CD2   . LEU A 1 46  ? 0.521   -0.835  4.485   1.00 18.08 ? 46  LEU A CD2   1 
ATOM   351  N N     . ALA A 1 47  ? 2.911   -0.055  8.496   1.00 25.73 ? 47  ALA A N     1 
ATOM   352  C CA    . ALA A 1 47  ? 4.364   -0.239  8.546   1.00 25.45 ? 47  ALA A CA    1 
ATOM   353  C C     . ALA A 1 47  ? 4.825   -1.080  9.753   1.00 25.85 ? 47  ALA A C     1 
ATOM   354  O O     . ALA A 1 47  ? 5.558   -2.043  9.577   1.00 25.46 ? 47  ALA A O     1 
ATOM   355  C CB    . ALA A 1 47  ? 5.123   1.113   8.442   1.00 25.21 ? 47  ALA A CB    1 
ATOM   356  N N     . LYS A 1 48  ? 4.415   -0.701  10.965  1.00 26.83 ? 48  LYS A N     1 
ATOM   357  C CA    . LYS A 1 48  ? 4.655   -1.473  12.208  1.00 26.09 ? 48  LYS A CA    1 
ATOM   358  C C     . LYS A 1 48  ? 4.162   -2.915  12.073  1.00 25.98 ? 48  LYS A C     1 
ATOM   359  O O     . LYS A 1 48  ? 4.893   -3.859  12.358  1.00 25.13 ? 48  LYS A O     1 
ATOM   360  C CB    . LYS A 1 48  ? 3.939   -0.789  13.424  1.00 27.27 ? 48  LYS A CB    1 
ATOM   361  C CG    . LYS A 1 48  ? 4.157   -1.487  14.829  1.00 26.81 ? 48  LYS A CG    1 
ATOM   362  C CD    . LYS A 1 48  ? 3.306   -0.901  16.076  1.00 27.48 ? 48  LYS A CD    1 
ATOM   363  C CE    . LYS A 1 48  ? 2.649   -2.067  17.021  1.00 31.16 ? 48  LYS A CE    1 
ATOM   364  N NZ    . LYS A 1 48  ? 1.898   -1.692  18.378  1.00 23.68 ? 48  LYS A NZ    1 
ATOM   365  N N     . ALA A 1 49  ? 2.921   -3.069  11.624  1.00 26.69 ? 49  ALA A N     1 
ATOM   366  C CA    . ALA A 1 49  ? 2.282   -4.380  11.492  1.00 26.30 ? 49  ALA A CA    1 
ATOM   367  C C     . ALA A 1 49  ? 3.019   -5.247  10.490  1.00 26.42 ? 49  ALA A C     1 
ATOM   368  O O     . ALA A 1 49  ? 3.244   -6.413  10.757  1.00 24.84 ? 49  ALA A O     1 
ATOM   369  C CB    . ALA A 1 49  ? 0.771   -4.248  11.154  1.00 26.22 ? 49  ALA A CB    1 
ATOM   370  N N     . LEU A 1 50  ? 3.454   -4.679  9.357   1.00 27.13 ? 50  LEU A N     1 
ATOM   371  C CA    . LEU A 1 50  ? 4.345   -5.461  8.477   1.00 27.54 ? 50  LEU A CA    1 
ATOM   372  C C     . LEU A 1 50  ? 5.681   -5.831  9.147   1.00 28.12 ? 50  LEU A C     1 
ATOM   373  O O     . LEU A 1 50  ? 6.180   -6.947  8.985   1.00 27.67 ? 50  LEU A O     1 
ATOM   374  C CB    . LEU A 1 50  ? 4.595   -4.707  7.177   1.00 28.91 ? 50  LEU A CB    1 
ATOM   375  C CG    . LEU A 1 50  ? 3.420   -4.827  6.210   1.00 27.55 ? 50  LEU A CG    1 
ATOM   376  C CD1   . LEU A 1 50  ? 3.624   -3.793  5.126   1.00 29.45 ? 50  LEU A CD1   1 
ATOM   377  C CD2   . LEU A 1 50  ? 3.351   -6.243  5.631   1.00 29.43 ? 50  LEU A CD2   1 
ATOM   378  N N     . ASP A 1 51  ? 6.267   -4.894  9.899   1.00 28.72 ? 51  ASP A N     1 
ATOM   379  C CA    . ASP A 1 51  ? 7.521   -5.186  10.601  1.00 29.03 ? 51  ASP A CA    1 
ATOM   380  C C     . ASP A 1 51  ? 7.359   -6.338  11.607  1.00 29.60 ? 51  ASP A C     1 
ATOM   381  O O     . ASP A 1 51  ? 8.129   -7.321  11.562  1.00 30.49 ? 51  ASP A O     1 
ATOM   382  C CB    . ASP A 1 51  ? 8.086   -3.938  11.283  1.00 28.98 ? 51  ASP A CB    1 
ATOM   383  C CG    . ASP A 1 51  ? 9.506   -4.150  11.742  1.00 28.99 ? 51  ASP A CG    1 
ATOM   384  O OD1   . ASP A 1 51  ? 10.261  -4.788  10.984  1.00 27.19 ? 51  ASP A OD1   1 
ATOM   385  O OD2   . ASP A 1 51  ? 9.855   -3.721  12.865  1.00 26.58 ? 51  ASP A OD2   1 
ATOM   386  N N     . VAL A 1 52  ? 6.357   -6.232  12.488  1.00 28.77 ? 52  VAL A N     1 
ATOM   387  C CA    . VAL A 1 52  ? 5.968   -7.304  13.399  1.00 28.76 ? 52  VAL A CA    1 
ATOM   388  C C     . VAL A 1 52  ? 5.803   -8.645  12.644  1.00 29.94 ? 52  VAL A C     1 
ATOM   389  O O     . VAL A 1 52  ? 6.334   -9.678  13.064  1.00 28.51 ? 52  VAL A O     1 
ATOM   390  C CB    . VAL A 1 52  ? 4.624   -6.962  14.124  1.00 29.30 ? 52  VAL A CB    1 
ATOM   391  C CG1   . VAL A 1 52  ? 4.189   -8.110  15.045  1.00 28.75 ? 52  VAL A CG1   1 
ATOM   392  C CG2   . VAL A 1 52  ? 4.692   -5.643  14.920  1.00 29.10 ? 52  VAL A CG2   1 
ATOM   393  N N     . TYR A 1 53  ? 5.077   -8.632  11.514  1.00 29.65 ? 53  TYR A N     1 
ATOM   394  C CA    . TYR A 1 53  ? 4.917   -9.853  10.720  1.00 30.37 ? 53  TYR A CA    1 
ATOM   395  C C     . TYR A 1 53  ? 6.223   -10.549 10.349  1.00 30.87 ? 53  TYR A C     1 
ATOM   396  O O     . TYR A 1 53  ? 6.261   -11.772 10.362  1.00 29.40 ? 53  TYR A O     1 
ATOM   397  C CB    . TYR A 1 53  ? 4.128   -9.573  9.433   1.00 30.81 ? 53  TYR A CB    1 
ATOM   398  C CG    . TYR A 1 53  ? 3.711   -10.843 8.749   1.00 30.65 ? 53  TYR A CG    1 
ATOM   399  C CD1   . TYR A 1 53  ? 2.625   -11.557 9.221   1.00 30.37 ? 53  TYR A CD1   1 
ATOM   400  C CD2   . TYR A 1 53  ? 4.419   -11.351 7.647   1.00 32.49 ? 53  TYR A CD2   1 
ATOM   401  C CE1   . TYR A 1 53  ? 2.233   -12.731 8.635   1.00 31.10 ? 53  TYR A CE1   1 
ATOM   402  C CE2   . TYR A 1 53  ? 4.040   -12.560 7.056   1.00 31.87 ? 53  TYR A CE2   1 
ATOM   403  C CZ    . TYR A 1 53  ? 2.944   -13.222 7.560   1.00 31.52 ? 53  TYR A CZ    1 
ATOM   404  O OH    . TYR A 1 53  ? 2.511   -14.388 7.022   1.00 33.92 ? 53  TYR A OH    1 
ATOM   405  N N     . THR A 1 54  ? 7.215   -9.766  9.980   1.00 32.08 ? 54  THR A N     1 
ATOM   406  C CA    . THR A 1 54  ? 8.497   -10.245 9.544   1.00 34.75 ? 54  THR A CA    1 
ATOM   407  C C     . THR A 1 54  ? 9.419   -10.417 10.715  1.00 36.39 ? 54  THR A C     1 
ATOM   408  O O     . THR A 1 54  ? 10.519  -10.813 10.557  1.00 40.06 ? 54  THR A O     1 
ATOM   409  C CB    . THR A 1 54  ? 9.158   -9.291  8.540   1.00 33.43 ? 54  THR A CB    1 
ATOM   410  O OG1   . THR A 1 54  ? 9.369   -8.016  9.132   1.00 32.27 ? 54  THR A OG1   1 
ATOM   411  C CG2   . THR A 1 54  ? 8.321   -9.157  7.320   1.00 33.18 ? 54  THR A CG2   1 
ATOM   412  N N     . LYS A 1 55  ? 8.950   -10.084 11.903  1.00 37.31 ? 55  LYS A N     1 
ATOM   413  C CA    . LYS A 1 55  ? 9.698   -10.340 13.090  1.00 37.48 ? 55  LYS A CA    1 
ATOM   414  C C     . LYS A 1 55  ? 10.955  -9.466  13.128  1.00 37.09 ? 55  LYS A C     1 
ATOM   415  O O     . LYS A 1 55  ? 11.964  -9.873  13.626  1.00 36.17 ? 55  LYS A O     1 
ATOM   416  C CB    . LYS A 1 55  ? 10.051  -11.830 13.147  1.00 37.25 ? 55  LYS A CB    1 
ATOM   417  C CG    . LYS A 1 55  ? 8.964   -12.740 13.545  1.00 38.26 ? 55  LYS A CG    1 
ATOM   418  C CD    . LYS A 1 55  ? 9.379   -14.139 13.465  1.00 38.22 ? 55  LYS A CD    1 
ATOM   419  C CE    . LYS A 1 55  ? 8.217   -15.081 13.528  1.00 41.40 ? 55  LYS A CE    1 
ATOM   420  N NZ    . LYS A 1 55  ? 8.358   -16.100 12.469  1.00 44.76 ? 55  LYS A NZ    1 
ATOM   421  N N     . GLY A 1 56  ? 10.845  -8.258  12.600  1.00 36.56 ? 56  GLY A N     1 
ATOM   422  C CA    . GLY A 1 56  ? 11.892  -7.267  12.559  1.00 34.84 ? 56  GLY A CA    1 
ATOM   423  C C     . GLY A 1 56  ? 12.786  -7.227  11.350  1.00 33.13 ? 56  GLY A C     1 
ATOM   424  O O     . GLY A 1 56  ? 13.534  -6.334  11.197  1.00 32.65 ? 56  GLY A O     1 
ATOM   425  N N     . LYS A 1 57  ? 12.701  -8.224  10.498  1.00 32.27 ? 57  LYS A N     1 
ATOM   426  C CA    . LYS A 1 57  ? 13.544  -8.336  9.347   1.00 32.22 ? 57  LYS A CA    1 
ATOM   427  C C     . LYS A 1 57  ? 13.378  -7.064  8.483   1.00 31.70 ? 57  LYS A C     1 
ATOM   428  O O     . LYS A 1 57  ? 14.340  -6.501  8.028   1.00 31.31 ? 57  LYS A O     1 
ATOM   429  C CB    . LYS A 1 57  ? 13.236  -9.621  8.582   1.00 32.14 ? 57  LYS A CB    1 
ATOM   430  C CG    . LYS A 1 57  ? 14.126  -9.862  7.453   1.00 35.42 ? 57  LYS A CG    1 
ATOM   431  C CD    . LYS A 1 57  ? 14.056  -11.237 6.867   1.00 33.40 ? 57  LYS A CD    1 
ATOM   432  C CE    . LYS A 1 57  ? 15.088  -11.363 5.769   1.00 37.32 ? 57  LYS A CE    1 
ATOM   433  N NZ    . LYS A 1 57  ? 15.009  -12.579 4.940   1.00 42.64 ? 57  LYS A NZ    1 
ATOM   434  N N     . LEU A 1 58  ? 12.139  -6.617  8.324   1.00 29.75 ? 58  LEU A N     1 
ATOM   435  C CA    . LEU A 1 58  ? 11.825  -5.449  7.493   1.00 29.83 ? 58  LEU A CA    1 
ATOM   436  C C     . LEU A 1 58  ? 12.575  -4.201  7.983   1.00 29.68 ? 58  LEU A C     1 
ATOM   437  O O     . LEU A 1 58  ? 13.258  -3.550  7.198   1.00 28.72 ? 58  LEU A O     1 
ATOM   438  C CB    . LEU A 1 58  ? 10.287  -5.198  7.356   1.00 28.41 ? 58  LEU A CB    1 
ATOM   439  C CG    . LEU A 1 58  ? 9.790   -3.904  6.666   1.00 29.65 ? 58  LEU A CG    1 
ATOM   440  C CD1   . LEU A 1 58  ? 10.222  -3.792  5.184   1.00 25.73 ? 58  LEU A CD1   1 
ATOM   441  C CD2   . LEU A 1 58  ? 8.303   -3.805  6.728   1.00 27.35 ? 58  LEU A CD2   1 
ATOM   442  N N     . GLN A 1 59  ? 12.439  -3.881  9.267   1.00 29.54 ? 59  GLN A N     1 
ATOM   443  C CA    . GLN A 1 59  ? 13.143  -2.746  9.859   1.00 30.82 ? 59  GLN A CA    1 
ATOM   444  C C     . GLN A 1 59  ? 14.652  -2.905  9.715   1.00 31.60 ? 59  GLN A C     1 
ATOM   445  O O     . GLN A 1 59  ? 15.368  -1.929  9.431   1.00 31.18 ? 59  GLN A O     1 
ATOM   446  C CB    . GLN A 1 59  ? 12.774  -2.570  11.333  1.00 31.48 ? 59  GLN A CB    1 
ATOM   447  C CG    . GLN A 1 59  ? 13.221  -1.236  11.940  1.00 31.77 ? 59  GLN A CG    1 
ATOM   448  C CD    . GLN A 1 59  ? 12.688  -0.032  11.179  1.00 33.73 ? 59  GLN A CD    1 
ATOM   449  O OE1   . GLN A 1 59  ? 13.384  0.550   10.321  1.00 34.75 ? 59  GLN A OE1   1 
ATOM   450  N NE2   . GLN A 1 59  ? 11.465  0.344   11.472  1.00 29.57 ? 59  GLN A NE2   1 
ATOM   451  N N     . ARG A 1 60  ? 15.143  -4.120  9.920   1.00 31.90 ? 60  ARG A N     1 
ATOM   452  C CA    . ARG A 1 60  ? 16.576  -4.337  9.884   1.00 33.08 ? 60  ARG A CA    1 
ATOM   453  C C     . ARG A 1 60  ? 17.091  -4.014  8.499   1.00 33.16 ? 60  ARG A C     1 
ATOM   454  O O     . ARG A 1 60  ? 18.022  -3.234  8.372   1.00 32.74 ? 60  ARG A O     1 
ATOM   455  C CB    . ARG A 1 60  ? 16.917  -5.762  10.293  1.00 33.57 ? 60  ARG A CB    1 
ATOM   456  C CG    . ARG A 1 60  ? 18.366  -6.150  10.162  1.00 34.61 ? 60  ARG A CG    1 
ATOM   457  C CD    . ARG A 1 60  ? 18.441  -7.665  10.282  1.00 38.46 ? 60  ARG A CD    1 
ATOM   458  N NE    . ARG A 1 60  ? 19.430  -8.182  9.360   1.00 41.59 ? 60  ARG A NE    1 
ATOM   459  C CZ    . ARG A 1 60  ? 19.197  -8.988  8.330   1.00 41.04 ? 60  ARG A CZ    1 
ATOM   460  N NH1   . ARG A 1 60  ? 17.989  -9.458  8.057   1.00 38.29 ? 60  ARG A NH1   1 
ATOM   461  N NH2   . ARG A 1 60  ? 20.223  -9.333  7.571   1.00 42.93 ? 60  ARG A NH2   1 
ATOM   462  N N     . LEU A 1 61  ? 16.446  -4.600  7.476   1.00 33.36 ? 61  LEU A N     1 
ATOM   463  C CA    . LEU A 1 61  ? 16.724  -4.330  6.048   1.00 33.17 ? 61  LEU A CA    1 
ATOM   464  C C     . LEU A 1 61  ? 16.527  -2.874  5.624   1.00 33.95 ? 61  LEU A C     1 
ATOM   465  O O     . LEU A 1 61  ? 17.288  -2.350  4.807   1.00 34.53 ? 61  LEU A O     1 
ATOM   466  C CB    . LEU A 1 61  ? 15.864  -5.228  5.157   1.00 32.77 ? 61  LEU A CB    1 
ATOM   467  C CG    . LEU A 1 61  ? 16.143  -6.711  5.303   1.00 30.77 ? 61  LEU A CG    1 
ATOM   468  C CD1   . LEU A 1 61  ? 15.224  -7.495  4.415   1.00 31.54 ? 61  LEU A CD1   1 
ATOM   469  C CD2   . LEU A 1 61  ? 17.623  -7.012  4.985   1.00 30.89 ? 61  LEU A CD2   1 
ATOM   470  N N     . SER A 1 62  ? 15.490  -2.239  6.159   1.00 34.12 ? 62  SER A N     1 
ATOM   471  C CA    . SER A 1 62  ? 15.229  -0.817  5.935   1.00 34.08 ? 62  SER A CA    1 
ATOM   472  C C     . SER A 1 62  ? 16.396  0.058   6.383   1.00 34.54 ? 62  SER A C     1 
ATOM   473  O O     . SER A 1 62  ? 16.701  1.072   5.732   1.00 32.48 ? 62  SER A O     1 
ATOM   474  C CB    . SER A 1 62  ? 13.945  -0.377  6.637   1.00 34.21 ? 62  SER A CB    1 
ATOM   475  O OG    . SER A 1 62  ? 12.794  -0.924  5.980   1.00 33.95 ? 62  SER A OG    1 
ATOM   476  N N     . LYS A 1 63  ? 17.009  -0.298  7.516   1.00 35.03 ? 63  LYS A N     1 
ATOM   477  C CA    . LYS A 1 63  ? 18.093  0.447   8.176   1.00 36.54 ? 63  LYS A CA    1 
ATOM   478  C C     . LYS A 1 63  ? 19.327  0.339   7.366   1.00 36.97 ? 63  LYS A C     1 
ATOM   479  O O     . LYS A 1 63  ? 20.005  1.278   7.143   1.00 37.70 ? 63  LYS A O     1 
ATOM   480  C CB    . LYS A 1 63  ? 18.399  -0.108  9.552   1.00 36.60 ? 63  LYS A CB    1 
ATOM   481  C CG    . LYS A 1 63  ? 17.515  0.433   10.634  1.00 37.03 ? 63  LYS A CG    1 
ATOM   482  C CD    . LYS A 1 63  ? 17.975  0.060   12.005  1.00 38.40 ? 63  LYS A CD    1 
ATOM   483  C CE    . LYS A 1 63  ? 17.353  0.957   13.058  1.00 40.37 ? 63  LYS A CE    1 
ATOM   484  N NZ    . LYS A 1 63  ? 16.181  0.317   13.675  1.00 42.02 ? 63  LYS A NZ    1 
ATOM   485  N N     . GLU A 1 64  ? 19.557  -0.866  6.921   1.00 38.20 ? 64  GLU A N     1 
ATOM   486  C CA    . GLU A 1 64  ? 20.508  -1.171  5.929   1.00 37.30 ? 64  GLU A CA    1 
ATOM   487  C C     . GLU A 1 64  ? 20.381  -0.298  4.702   1.00 36.83 ? 64  GLU A C     1 
ATOM   488  O O     . GLU A 1 64  ? 21.332  0.236   4.251   1.00 34.92 ? 64  GLU A O     1 
ATOM   489  C CB    . GLU A 1 64  ? 20.304  -2.580  5.523   1.00 38.29 ? 64  GLU A CB    1 
ATOM   490  C CG    . GLU A 1 64  ? 21.216  -3.481  6.180   1.00 43.56 ? 64  GLU A CG    1 
ATOM   491  C CD    . GLU A 1 64  ? 21.385  -4.752  5.446   1.00 48.94 ? 64  GLU A CD    1 
ATOM   492  O OE1   . GLU A 1 64  ? 21.053  -5.742  6.045   1.00 50.57 ? 64  GLU A OE1   1 
ATOM   493  O OE2   . GLU A 1 64  ? 21.830  -4.780  4.295   1.00 50.42 ? 64  GLU A OE2   1 
ATOM   494  N N     . HIS A 1 65  ? 19.192  -0.176  4.157   1.00 35.92 ? 65  HIS A N     1 
ATOM   495  C CA    . HIS A 1 65  ? 19.008  0.599   2.970   1.00 36.57 ? 65  HIS A CA    1 
ATOM   496  C C     . HIS A 1 65  ? 19.197  2.096   3.237   1.00 37.59 ? 65  HIS A C     1 
ATOM   497  O O     . HIS A 1 65  ? 19.650  2.819   2.410   1.00 37.08 ? 65  HIS A O     1 
ATOM   498  C CB    . HIS A 1 65  ? 17.614  0.343   2.390   1.00 35.66 ? 65  HIS A CB    1 
ATOM   499  C CG    . HIS A 1 65  ? 17.362  1.051   1.102   1.00 33.83 ? 65  HIS A CG    1 
ATOM   500  N ND1   . HIS A 1 65  ? 16.784  2.289   1.032   1.00 33.25 ? 65  HIS A ND1   1 
ATOM   501  C CD2   . HIS A 1 65  ? 17.661  0.712   -0.161  1.00 33.27 ? 65  HIS A CD2   1 
ATOM   502  C CE1   . HIS A 1 65  ? 16.716  2.675   -0.217  1.00 31.80 ? 65  HIS A CE1   1 
ATOM   503  N NE2   . HIS A 1 65  ? 17.230  1.728   -0.963  1.00 36.48 ? 65  HIS A NE2   1 
ATOM   504  N N     . ILE A 1 66  ? 18.823  2.526   4.416   1.00 39.02 ? 66  ILE A N     1 
ATOM   505  C CA    . ILE A 1 66  ? 18.503  3.937   4.672   1.00 41.41 ? 66  ILE A CA    1 
ATOM   506  C C     . ILE A 1 66  ? 19.541  4.985   5.172   1.00 42.58 ? 66  ILE A C     1 
ATOM   507  O O     . ILE A 1 66  ? 19.113  5.921   5.899   1.00 43.29 ? 66  ILE A O     1 
ATOM   508  C CB    . ILE A 1 66  ? 17.178  4.043   5.537   1.00 41.51 ? 66  ILE A CB    1 
ATOM   509  C CG1   . ILE A 1 66  ? 16.170  5.031   4.927   1.00 42.27 ? 66  ILE A CG1   1 
ATOM   510  C CG2   . ILE A 1 66  ? 17.473  4.304   6.996   1.00 42.60 ? 66  ILE A CG2   1 
ATOM   511  C CD1   . ILE A 1 66  ? 15.869  4.750   3.472   1.00 42.91 ? 66  ILE A CD1   1 
ATOM   512  N N     . GLY A 1 67  ? 20.855  4.870   4.886   1.00 42.19 ? 67  GLY A N     1 
ATOM   513  C CA    . GLY A 1 67  ? 21.623  3.621   4.799   1.00 42.77 ? 67  GLY A CA    1 
ATOM   514  C C     . GLY A 1 67  ? 22.783  3.721   3.823   1.00 43.21 ? 67  GLY A C     1 
ATOM   515  O O     . GLY A 1 67  ? 23.618  4.646   3.868   1.00 42.25 ? 67  GLY A O     1 
ATOM   516  N N     . LEU A 1 68  ? 22.835  2.734   2.941   1.00 43.98 ? 68  LEU A N     1 
ATOM   517  C CA    . LEU A 1 68  ? 23.472  2.888   1.639   1.00 45.45 ? 68  LEU A CA    1 
ATOM   518  C C     . LEU A 1 68  ? 22.924  4.178   1.047   1.00 46.09 ? 68  LEU A C     1 
ATOM   519  O O     . LEU A 1 68  ? 21.871  4.670   1.491   1.00 46.17 ? 68  LEU A O     1 
ATOM   520  C CB    . LEU A 1 68  ? 23.021  1.756   0.717   1.00 44.85 ? 68  LEU A CB    1 
ATOM   521  C CG    . LEU A 1 68  ? 23.631  0.342   0.608   1.00 46.75 ? 68  LEU A CG    1 
ATOM   522  C CD1   . LEU A 1 68  ? 25.167  0.352   0.686   1.00 45.33 ? 68  LEU A CD1   1 
ATOM   523  C CD2   . LEU A 1 68  ? 22.989  -0.725  1.550   1.00 47.83 ? 68  LEU A CD2   1 
ATOM   524  N N     . ALA A 1 69  ? 23.598  4.735   0.045   1.00 46.87 ? 69  ALA A N     1 
ATOM   525  C CA    . ALA A 1 69  ? 22.868  5.560   -0.909  1.00 48.37 ? 69  ALA A CA    1 
ATOM   526  C C     . ALA A 1 69  ? 21.384  5.174   -0.753  1.00 48.45 ? 69  ALA A C     1 
ATOM   527  O O     . ALA A 1 69  ? 20.957  4.205   -1.417  1.00 50.59 ? 69  ALA A O     1 
ATOM   528  C CB    . ALA A 1 69  ? 23.344  5.238   -2.352  1.00 47.86 ? 69  ALA A CB    1 
ATOM   529  N N     . GLY A 1 70  ? 20.587  5.849   0.095   1.00 47.88 ? 70  GLY A N     1 
ATOM   530  C CA    . GLY A 1 70  ? 20.935  7.057   0.854   1.00 46.78 ? 70  GLY A CA    1 
ATOM   531  C C     . GLY A 1 70  ? 19.847  7.438   1.849   1.00 45.65 ? 70  GLY A C     1 
ATOM   532  O O     . GLY A 1 70  ? 20.107  8.017   2.898   1.00 45.75 ? 70  GLY A O     1 
ATOM   533  N N     . LYS A 1 71  ? 18.616  7.072   1.508   1.00 45.55 ? 71  LYS A N     1 
ATOM   534  C CA    . LYS A 1 71  ? 17.365  7.584   2.072   1.00 43.59 ? 71  LYS A CA    1 
ATOM   535  C C     . LYS A 1 71  ? 16.429  7.811   0.882   1.00 43.40 ? 71  LYS A C     1 
ATOM   536  O O     . LYS A 1 71  ? 16.863  7.691   -0.292  1.00 43.61 ? 71  LYS A O     1 
ATOM   537  C CB    . LYS A 1 71  ? 17.502  8.869   2.900   1.00 43.82 ? 71  LYS A CB    1 
ATOM   538  C CG    . LYS A 1 71  ? 16.124  9.427   3.298   1.00 42.98 ? 71  LYS A CG    1 
ATOM   539  C CD    . LYS A 1 71  ? 16.108  10.918  3.554   1.00 43.59 ? 71  LYS A CD    1 
ATOM   540  C CE    . LYS A 1 71  ? 15.022  11.255  4.560   1.00 44.74 ? 71  LYS A CE    1 
ATOM   541  N NZ    . LYS A 1 71  ? 14.990  12.709  4.920   1.00 46.20 ? 71  LYS A NZ    1 
ATOM   542  N N     . VAL A 1 72  ? 15.157  8.126   1.168   1.00 41.75 ? 72  VAL A N     1 
ATOM   543  C CA    . VAL A 1 72  ? 14.111  7.786   0.205   1.00 39.69 ? 72  VAL A CA    1 
ATOM   544  C C     . VAL A 1 72  ? 13.119  8.901   -0.159  1.00 38.12 ? 72  VAL A C     1 
ATOM   545  O O     . VAL A 1 72  ? 12.424  9.477   0.708   1.00 37.13 ? 72  VAL A O     1 
ATOM   546  C CB    . VAL A 1 72  ? 13.488  6.333   0.484   1.00 40.09 ? 72  VAL A CB    1 
ATOM   547  C CG1   . VAL A 1 72  ? 12.779  6.262   1.771   1.00 41.64 ? 72  VAL A CG1   1 
ATOM   548  C CG2   . VAL A 1 72  ? 12.582  5.847   -0.648  1.00 39.64 ? 72  VAL A CG2   1 
ATOM   549  N N     . LYS A 1 73  ? 13.080  9.183   -1.466  1.00 35.65 ? 73  LYS A N     1 
ATOM   550  C CA    . LYS A 1 73  ? 12.234  10.232  -2.036  1.00 34.86 ? 73  LYS A CA    1 
ATOM   551  C C     . LYS A 1 73  ? 10.781  9.813   -2.036  1.00 32.80 ? 73  LYS A C     1 
ATOM   552  O O     . LYS A 1 73  ? 10.461  8.651   -2.277  1.00 31.59 ? 73  LYS A O     1 
ATOM   553  C CB    . LYS A 1 73  ? 12.699  10.612  -3.450  1.00 34.95 ? 73  LYS A CB    1 
ATOM   554  C CG    . LYS A 1 73  ? 11.876  11.701  -4.125  1.00 36.25 ? 73  LYS A CG    1 
ATOM   555  C CD    . LYS A 1 73  ? 12.385  12.101  -5.539  1.00 37.52 ? 73  LYS A CD    1 
ATOM   556  C CE    . LYS A 1 73  ? 11.994  11.069  -6.620  1.00 42.64 ? 73  LYS A CE    1 
ATOM   557  N NZ    . LYS A 1 73  ? 12.225  11.570  -8.006  1.00 44.56 ? 73  LYS A NZ    1 
ATOM   558  N N     . VAL A 1 74  ? 9.904   10.767  -1.765  1.00 31.59 ? 74  VAL A N     1 
ATOM   559  C CA    . VAL A 1 74  ? 8.468   10.568  -1.827  1.00 31.74 ? 74  VAL A CA    1 
ATOM   560  C C     . VAL A 1 74  ? 8.092   10.220  -3.253  1.00 31.08 ? 74  VAL A C     1 
ATOM   561  O O     . VAL A 1 74  ? 8.347   10.926  -4.129  1.00 31.33 ? 74  VAL A O     1 
ATOM   562  C CB    . VAL A 1 74  ? 7.666   11.799  -1.309  1.00 32.23 ? 74  VAL A CB    1 
ATOM   563  C CG1   . VAL A 1 74  ? 6.227   11.494  -1.215  1.00 29.87 ? 74  VAL A CG1   1 
ATOM   564  C CG2   . VAL A 1 74  ? 8.167   12.300  0.023   1.00 31.71 ? 74  VAL A CG2   1 
ATOM   565  N N     . GLY A 1 75  ? 7.419   9.127   -3.443  1.00 32.15 ? 75  GLY A N     1 
ATOM   566  C CA    . GLY A 1 75  ? 7.968   7.860   -3.772  1.00 33.96 ? 75  GLY A CA    1 
ATOM   567  C C     . GLY A 1 75  ? 7.717   7.368   -5.157  1.00 33.17 ? 75  GLY A C     1 
ATOM   568  O O     . GLY A 1 75  ? 6.838   7.765   -5.813  1.00 34.12 ? 75  GLY A O     1 
ATOM   569  N N     . THR A 1 76  ? 8.493   6.427   -5.590  1.00 33.80 ? 76  THR A N     1 
ATOM   570  C CA    . THR A 1 76  ? 9.688   5.965   -4.955  1.00 31.28 ? 76  THR A CA    1 
ATOM   571  C C     . THR A 1 76  ? 9.401   4.884   -3.949  1.00 30.21 ? 76  THR A C     1 
ATOM   572  O O     . THR A 1 76  ? 8.836   5.094   -2.933  1.00 28.55 ? 76  THR A O     1 
ATOM   573  C CB    . THR A 1 76  ? 10.639  7.095   -4.574  1.00 32.68 ? 76  THR A CB    1 
ATOM   574  O OG1   . THR A 1 76  ? 11.267  7.591   -5.755  1.00 33.60 ? 76  THR A OG1   1 
ATOM   575  C CG2   . THR A 1 76  ? 11.645  6.647   -3.660  1.00 26.20 ? 76  THR A CG2   1 
ATOM   576  N N     . GLY A 1 77  ? 9.761   3.690   -4.362  1.00 28.57 ? 77  GLY A N     1 
ATOM   577  C CA    . GLY A 1 77  ? 9.580   2.509   -3.591  1.00 29.29 ? 77  GLY A CA    1 
ATOM   578  C C     . GLY A 1 77  ? 10.862  1.735   -3.485  1.00 29.64 ? 77  GLY A C     1 
ATOM   579  O O     . GLY A 1 77  ? 11.740  1.891   -4.295  1.00 29.91 ? 77  GLY A O     1 
ATOM   580  N N     . VAL A 1 78  ? 10.953  0.918   -2.453  1.00 28.90 ? 78  VAL A N     1 
ATOM   581  C CA    . VAL A 1 78  ? 12.144  0.116   -2.164  1.00 28.46 ? 78  VAL A CA    1 
ATOM   582  C C     . VAL A 1 78  ? 11.587  -1.275  -1.909  1.00 28.16 ? 78  VAL A C     1 
ATOM   583  O O     . VAL A 1 78  ? 10.853  -1.474  -0.951  1.00 27.93 ? 78  VAL A O     1 
ATOM   584  C CB    . VAL A 1 78  ? 12.925  0.605   -0.850  1.00 28.65 ? 78  VAL A CB    1 
ATOM   585  C CG1   . VAL A 1 78  ? 14.160  -0.322  -0.532  1.00 26.11 ? 78  VAL A CG1   1 
ATOM   586  C CG2   . VAL A 1 78  ? 13.357  2.053   -0.942  1.00 27.55 ? 78  VAL A CG2   1 
ATOM   587  N N     . MET A 1 79  ? 11.897  -2.213  -2.781  1.00 28.36 ? 79  MET A N     1 
ATOM   588  C CA    . MET A 1 79  ? 11.539  -3.623  -2.560  1.00 29.59 ? 79  MET A CA    1 
ATOM   589  C C     . MET A 1 79  ? 12.509  -4.332  -1.608  1.00 31.33 ? 79  MET A C     1 
ATOM   590  O O     . MET A 1 79  ? 13.743  -4.224  -1.736  1.00 31.23 ? 79  MET A O     1 
ATOM   591  C CB    . MET A 1 79  ? 11.530  -4.398  -3.878  1.00 28.54 ? 79  MET A CB    1 
ATOM   592  C CG    . MET A 1 79  ? 10.898  -5.756  -3.741  1.00 25.17 ? 79  MET A CG    1 
ATOM   593  S SD    . MET A 1 79  ? 9.100   -5.608  -3.529  1.00 22.99 ? 79  MET A SD    1 
ATOM   594  C CE    . MET A 1 79  ? 8.628   -5.334  -5.230  1.00 22.43 ? 79  MET A CE    1 
ATOM   595  N N     . VAL A 1 80  ? 11.946  -5.057  -0.649  1.00 32.02 ? 80  VAL A N     1 
ATOM   596  C CA    . VAL A 1 80  ? 12.734  -5.957  0.169   1.00 34.36 ? 80  VAL A CA    1 
ATOM   597  C C     . VAL A 1 80  ? 12.035  -7.316  0.203   1.00 35.75 ? 80  VAL A C     1 
ATOM   598  O O     . VAL A 1 80  ? 10.795  -7.408  0.089   1.00 36.20 ? 80  VAL A O     1 
ATOM   599  C CB    . VAL A 1 80  ? 12.988  -5.401  1.594   1.00 34.07 ? 80  VAL A CB    1 
ATOM   600  C CG1   . VAL A 1 80  ? 13.312  -3.915  1.544   1.00 34.95 ? 80  VAL A CG1   1 
ATOM   601  C CG2   . VAL A 1 80  ? 11.784  -5.612  2.459   1.00 34.72 ? 80  VAL A CG2   1 
ATOM   602  N N     . GLU A 1 81  ? 12.825  -8.379  0.302   1.00 36.47 ? 81  GLU A N     1 
ATOM   603  C CA    . GLU A 1 81  ? 12.248  -9.693  0.497   1.00 37.33 ? 81  GLU A CA    1 
ATOM   604  C C     . GLU A 1 81  ? 12.465  -10.150 1.931   1.00 37.12 ? 81  GLU A C     1 
ATOM   605  O O     . GLU A 1 81  ? 13.583  -10.169 2.426   1.00 36.88 ? 81  GLU A O     1 
ATOM   606  C CB    . GLU A 1 81  ? 12.789  -10.719 -0.491  1.00 37.93 ? 81  GLU A CB    1 
ATOM   607  C CG    . GLU A 1 81  ? 11.794  -11.886 -0.665  1.00 41.78 ? 81  GLU A CG    1 
ATOM   608  C CD    . GLU A 1 81  ? 12.157  -12.811 -1.799  1.00 47.09 ? 81  GLU A CD    1 
ATOM   609  O OE1   . GLU A 1 81  ? 11.230  -13.489 -2.334  1.00 48.84 ? 81  GLU A OE1   1 
ATOM   610  O OE2   . GLU A 1 81  ? 13.365  -12.849 -2.145  1.00 47.60 ? 81  GLU A OE2   1 
ATOM   611  N N     . CYS A 1 82  ? 11.366  -10.450 2.609   1.00 37.75 ? 82  CYS A N     1 
ATOM   612  C CA    . CYS A 1 82  ? 11.423  -11.020 3.932   1.00 38.09 ? 82  CYS A CA    1 
ATOM   613  C C     . CYS A 1 82  ? 10.830  -12.384 3.790   1.00 39.27 ? 82  CYS A C     1 
ATOM   614  O O     . CYS A 1 82  ? 9.604   -12.588 3.888   1.00 38.97 ? 82  CYS A O     1 
ATOM   615  C CB    . CYS A 1 82  ? 10.680  -10.195 4.959   1.00 38.48 ? 82  CYS A CB    1 
ATOM   616  S SG    . CYS A 1 82  ? 11.393  -8.564  5.154   1.00 37.19 ? 82  CYS A SG    1 
ATOM   617  N N     . ASP A 1 83  ? 11.749  -13.303 3.528   1.00 40.34 ? 83  ASP A N     1 
ATOM   618  C CA    . ASP A 1 83  ? 11.456  -14.683 3.284   1.00 41.73 ? 83  ASP A CA    1 
ATOM   619  C C     . ASP A 1 83  ? 10.559  -14.807 2.034   1.00 41.76 ? 83  ASP A C     1 
ATOM   620  O O     . ASP A 1 83  ? 10.908  -14.318 0.942   1.00 42.89 ? 83  ASP A O     1 
ATOM   621  C CB    . ASP A 1 83  ? 10.927  -15.302 4.587   1.00 42.08 ? 83  ASP A CB    1 
ATOM   622  C CG    . ASP A 1 83  ? 11.902  -15.067 5.773   1.00 44.36 ? 83  ASP A CG    1 
ATOM   623  O OD1   . ASP A 1 83  ? 11.437  -15.046 6.943   1.00 45.82 ? 83  ASP A OD1   1 
ATOM   624  O OD2   . ASP A 1 83  ? 13.131  -14.867 5.531   1.00 43.15 ? 83  ASP A OD2   1 
ATOM   625  N N     . SER A 1 84  ? 9.402   -15.422 2.181   1.00 41.04 ? 84  SER A N     1 
ATOM   626  C CA    . SER A 1 84  ? 8.508   -15.572 1.060   1.00 39.39 ? 84  SER A CA    1 
ATOM   627  C C     . SER A 1 84  ? 8.024   -14.187 0.590   1.00 37.37 ? 84  SER A C     1 
ATOM   628  O O     . SER A 1 84  ? 7.825   -13.975 -0.610  1.00 37.53 ? 84  SER A O     1 
ATOM   629  C CB    . SER A 1 84  ? 7.310   -16.425 1.495   1.00 40.21 ? 84  SER A CB    1 
ATOM   630  O OG    . SER A 1 84  ? 6.746   -17.130 0.395   1.00 42.06 ? 84  SER A OG    1 
ATOM   631  N N     . LEU A 1 85  ? 7.899   -13.256 1.540   1.00 34.16 ? 85  LEU A N     1 
ATOM   632  C CA    . LEU A 1 85  ? 7.163   -11.994 1.365   1.00 32.06 ? 85  LEU A CA    1 
ATOM   633  C C     . LEU A 1 85  ? 7.975   -10.867 0.758   1.00 31.37 ? 85  LEU A C     1 
ATOM   634  O O     . LEU A 1 85  ? 8.983   -10.414 1.334   1.00 31.30 ? 85  LEU A O     1 
ATOM   635  C CB    . LEU A 1 85  ? 6.572   -11.515 2.698   1.00 31.55 ? 85  LEU A CB    1 
ATOM   636  C CG    . LEU A 1 85  ? 5.528   -10.383 2.703   1.00 31.21 ? 85  LEU A CG    1 
ATOM   637  C CD1   . LEU A 1 85  ? 4.339   -10.754 1.820   1.00 28.21 ? 85  LEU A CD1   1 
ATOM   638  C CD2   . LEU A 1 85  ? 5.062   -10.068 4.120   1.00 30.99 ? 85  LEU A CD2   1 
ATOM   639  N N     . ARG A 1 86  ? 7.509   -10.388 -0.386  1.00 29.27 ? 86  ARG A N     1 
ATOM   640  C CA    . ARG A 1 86  ? 8.103   -9.203  -1.002  1.00 28.13 ? 86  ARG A CA    1 
ATOM   641  C C     . ARG A 1 86  ? 7.300   -7.941  -0.625  1.00 26.95 ? 86  ARG A C     1 
ATOM   642  O O     . ARG A 1 86  ? 6.107   -7.827  -0.893  1.00 25.87 ? 86  ARG A O     1 
ATOM   643  C CB    . ARG A 1 86  ? 8.196   -9.384  -2.501  1.00 28.82 ? 86  ARG A CB    1 
ATOM   644  C CG    . ARG A 1 86  ? 8.939   -10.669 -2.893  1.00 29.18 ? 86  ARG A CG    1 
ATOM   645  C CD    . ARG A 1 86  ? 8.850   -10.957 -4.371  1.00 32.20 ? 86  ARG A CD    1 
ATOM   646  N NE    . ARG A 1 86  ? 9.550   -9.953  -5.166  1.00 34.80 ? 86  ARG A NE    1 
ATOM   647  C CZ    . ARG A 1 86  ? 8.948   -9.189  -6.067  1.00 33.62 ? 86  ARG A CZ    1 
ATOM   648  N NH1   . ARG A 1 86  ? 7.641   -9.352  -6.280  1.00 33.98 ? 86  ARG A NH1   1 
ATOM   649  N NH2   . ARG A 1 86  ? 9.657   -8.279  -6.757  1.00 31.51 ? 86  ARG A NH2   1 
ATOM   650  N N     . ILE A 1 87  ? 7.987   -7.036  0.050   1.00 25.13 ? 87  ILE A N     1 
ATOM   651  C CA    . ILE A 1 87  ? 7.409   -5.811  0.550   1.00 24.47 ? 87  ILE A CA    1 
ATOM   652  C C     . ILE A 1 87  ? 7.978   -4.606  -0.207  1.00 24.91 ? 87  ILE A C     1 
ATOM   653  O O     . ILE A 1 87  ? 9.191   -4.319  -0.126  1.00 25.82 ? 87  ILE A O     1 
ATOM   654  C CB    . ILE A 1 87  ? 7.719   -5.651  2.060   1.00 23.78 ? 87  ILE A CB    1 
ATOM   655  C CG1   . ILE A 1 87  ? 7.215   -6.908  2.805   1.00 23.71 ? 87  ILE A CG1   1 
ATOM   656  C CG2   . ILE A 1 87  ? 7.144   -4.337  2.581   1.00 22.61 ? 87  ILE A CG2   1 
ATOM   657  C CD1   . ILE A 1 87  ? 7.563   -6.983  4.272   1.00 23.61 ? 87  ILE A CD1   1 
ATOM   658  N N     . PHE A 1 88  ? 7.086   -3.894  -0.904  1.00 24.21 ? 88  PHE A N     1 
ATOM   659  C CA    . PHE A 1 88  ? 7.426   -2.724  -1.715  1.00 24.52 ? 88  PHE A CA    1 
ATOM   660  C C     . PHE A 1 88  ? 7.140   -1.471  -0.893  1.00 24.23 ? 88  PHE A C     1 
ATOM   661  O O     . PHE A 1 88  ? 5.994   -1.002  -0.776  1.00 25.22 ? 88  PHE A O     1 
ATOM   662  C CB    . PHE A 1 88  ? 6.646   -2.735  -3.040  1.00 23.98 ? 88  PHE A CB    1 
ATOM   663  C CG    . PHE A 1 88  ? 7.203   -1.816  -4.109  1.00 24.61 ? 88  PHE A CG    1 
ATOM   664  C CD1   . PHE A 1 88  ? 8.572   -1.705  -4.336  1.00 23.23 ? 88  PHE A CD1   1 
ATOM   665  C CD2   . PHE A 1 88  ? 6.345   -1.094  -4.911  1.00 25.73 ? 88  PHE A CD2   1 
ATOM   666  C CE1   . PHE A 1 88  ? 9.068   -0.894  -5.310  1.00 24.84 ? 88  PHE A CE1   1 
ATOM   667  C CE2   . PHE A 1 88  ? 6.847   -0.243  -5.909  1.00 26.49 ? 88  PHE A CE2   1 
ATOM   668  C CZ    . PHE A 1 88  ? 8.211   -0.154  -6.109  1.00 25.98 ? 88  PHE A CZ    1 
ATOM   669  N N     . ASN A 1 89  ? 8.205   -0.964  -0.294  1.00 23.83 ? 89  ASN A N     1 
ATOM   670  C CA    . ASN A 1 89  ? 8.140   0.159   0.622   1.00 24.43 ? 89  ASN A CA    1 
ATOM   671  C C     . ASN A 1 89  ? 8.003   1.427   -0.188  1.00 24.08 ? 89  ASN A C     1 
ATOM   672  O O     . ASN A 1 89  ? 8.941   1.833   -0.833  1.00 25.89 ? 89  ASN A O     1 
ATOM   673  C CB    . ASN A 1 89  ? 9.432   0.208   1.425   1.00 22.90 ? 89  ASN A CB    1 
ATOM   674  C CG    . ASN A 1 89  ? 9.564   -0.933  2.340   1.00 24.24 ? 89  ASN A CG    1 
ATOM   675  O OD1   . ASN A 1 89  ? 8.900   -1.001  3.397   1.00 21.84 ? 89  ASN A OD1   1 
ATOM   676  N ND2   . ASN A 1 89  ? 10.457  -1.863  1.976   1.00 20.85 ? 89  ASN A ND2   1 
ATOM   677  N N     . VAL A 1 90  ? 6.826   2.031   -0.171  1.00 24.77 ? 90  VAL A N     1 
ATOM   678  C CA    . VAL A 1 90  ? 6.550   3.175   -1.047  1.00 24.85 ? 90  VAL A CA    1 
ATOM   679  C C     . VAL A 1 90  ? 6.245   4.371   -0.170  1.00 25.76 ? 90  VAL A C     1 
ATOM   680  O O     . VAL A 1 90  ? 5.375   4.256   0.725   1.00 25.53 ? 90  VAL A O     1 
ATOM   681  C CB    . VAL A 1 90  ? 5.363   2.907   -1.957  1.00 24.49 ? 90  VAL A CB    1 
ATOM   682  C CG1   . VAL A 1 90  ? 4.952   4.214   -2.659  1.00 23.03 ? 90  VAL A CG1   1 
ATOM   683  C CG2   . VAL A 1 90  ? 5.721   1.825   -3.013  1.00 23.20 ? 90  VAL A CG2   1 
ATOM   684  N N     . VAL A 1 91  ? 6.951   5.494   -0.413  1.00 25.69 ? 91  VAL A N     1 
ATOM   685  C CA    . VAL A 1 91  ? 6.775   6.682   0.402   1.00 25.43 ? 91  VAL A CA    1 
ATOM   686  C C     . VAL A 1 91  ? 5.613   7.494   -0.137  1.00 25.55 ? 91  VAL A C     1 
ATOM   687  O O     . VAL A 1 91  ? 5.741   8.223   -1.102  1.00 26.73 ? 91  VAL A O     1 
ATOM   688  C CB    . VAL A 1 91  ? 8.077   7.516   0.561   1.00 26.09 ? 91  VAL A CB    1 
ATOM   689  C CG1   . VAL A 1 91  ? 7.866   8.685   1.567   1.00 25.46 ? 91  VAL A CG1   1 
ATOM   690  C CG2   . VAL A 1 91  ? 9.207   6.618   1.075   1.00 23.45 ? 91  VAL A CG2   1 
ATOM   691  N N     . GLY A 1 92  ? 4.464   7.350   0.504   1.00 24.74 ? 92  GLY A N     1 
ATOM   692  C CA    . GLY A 1 92  ? 3.313   8.137   0.145   1.00 22.89 ? 92  GLY A CA    1 
ATOM   693  C C     . GLY A 1 92  ? 3.502   9.538   0.727   1.00 22.46 ? 92  GLY A C     1 
ATOM   694  O O     . GLY A 1 92  ? 4.312   9.733   1.639   1.00 21.83 ? 92  GLY A O     1 
ATOM   695  N N     . PRO A 1 93  ? 2.797   10.528  0.159   1.00 20.83 ? 93  PRO A N     1 
ATOM   696  C CA    . PRO A 1 93  ? 2.887   11.887  0.697   1.00 20.49 ? 93  PRO A CA    1 
ATOM   697  C C     . PRO A 1 93  ? 2.118   12.093  2.001   1.00 20.68 ? 93  PRO A C     1 
ATOM   698  O O     . PRO A 1 93  ? 1.097   11.447  2.253   1.00 20.01 ? 93  PRO A O     1 
ATOM   699  C CB    . PRO A 1 93  ? 2.231   12.740  -0.378  1.00 19.93 ? 93  PRO A CB    1 
ATOM   700  C CG    . PRO A 1 93  ? 1.268   11.745  -1.117  1.00 19.30 ? 93  PRO A CG    1 
ATOM   701  C CD    . PRO A 1 93  ? 1.977   10.446  -1.074  1.00 20.24 ? 93  PRO A CD    1 
ATOM   702  N N     . ARG A 1 94  ? 2.617   13.042  2.778   1.00 20.60 ? 94  ARG A N     1 
ATOM   703  C CA    . ARG A 1 94  ? 1.851   13.689  3.852   1.00 21.47 ? 94  ARG A CA    1 
ATOM   704  C C     . ARG A 1 94  ? 0.773   14.623  3.238   1.00 21.88 ? 94  ARG A C     1 
ATOM   705  O O     . ARG A 1 94  ? 0.953   15.208  2.148   1.00 20.86 ? 94  ARG A O     1 
ATOM   706  C CB    . ARG A 1 94  ? 2.792   14.475  4.767   1.00 20.86 ? 94  ARG A CB    1 
ATOM   707  C CG    . ARG A 1 94  ? 3.797   13.625  5.552   1.00 18.58 ? 94  ARG A CG    1 
ATOM   708  C CD    . ARG A 1 94  ? 4.760   14.519  6.422   1.00 20.95 ? 94  ARG A CD    1 
ATOM   709  N NE    . ARG A 1 94  ? 5.468   15.505  5.604   1.00 18.80 ? 94  ARG A NE    1 
ATOM   710  C CZ    . ARG A 1 94  ? 6.647   15.313  5.022   1.00 21.77 ? 94  ARG A CZ    1 
ATOM   711  N NH1   . ARG A 1 94  ? 7.349   14.189  5.231   1.00 21.08 ? 94  ARG A NH1   1 
ATOM   712  N NH2   . ARG A 1 94  ? 7.149   16.289  4.282   1.00 21.42 ? 94  ARG A NH2   1 
ATOM   713  N N     . LYS A 1 95  ? -0.338  14.783  3.931   1.00 21.71 ? 95  LYS A N     1 
ATOM   714  C CA    . LYS A 1 95  ? -1.339  15.720  3.436   1.00 23.21 ? 95  LYS A CA    1 
ATOM   715  C C     . LYS A 1 95  ? -0.650  17.089  3.214   1.00 22.88 ? 95  LYS A C     1 
ATOM   716  O O     . LYS A 1 95  ? 0.262   17.466  3.942   1.00 22.85 ? 95  LYS A O     1 
ATOM   717  C CB    . LYS A 1 95  ? -2.575  15.794  4.365   1.00 23.26 ? 95  LYS A CB    1 
ATOM   718  C CG    . LYS A 1 95  ? -2.402  16.670  5.563   1.00 25.68 ? 95  LYS A CG    1 
ATOM   719  C CD    . LYS A 1 95  ? -3.506  16.567  6.556   1.00 28.22 ? 95  LYS A CD    1 
ATOM   720  C CE    . LYS A 1 95  ? -4.722  17.436  6.234   1.00 30.06 ? 95  LYS A CE    1 
ATOM   721  N NZ    . LYS A 1 95  ? -5.443  17.653  7.539   1.00 34.45 ? 95  LYS A NZ    1 
ATOM   722  N N     . GLY A 1 96  ? -1.044  17.796  2.177   1.00 23.52 ? 96  GLY A N     1 
ATOM   723  C CA    . GLY A 1 96  ? -0.384  19.065  1.835   1.00 24.61 ? 96  GLY A CA    1 
ATOM   724  C C     . GLY A 1 96  ? -0.712  19.522  0.424   1.00 26.47 ? 96  GLY A C     1 
ATOM   725  O O     . GLY A 1 96  ? -1.469  18.843  -0.304  1.00 25.22 ? 96  GLY A O     1 
ATOM   726  N N     . LYS A 1 97  ? -0.108  20.645  0.008   1.00 27.39 ? 97  LYS A N     1 
ATOM   727  C CA    . LYS A 1 97  ? -0.493  21.284  -1.262  1.00 28.16 ? 97  LYS A CA    1 
ATOM   728  C C     . LYS A 1 97  ? -0.194  20.431  -2.523  1.00 27.22 ? 97  LYS A C     1 
ATOM   729  O O     . LYS A 1 97  ? -0.935  20.475  -3.502  1.00 26.65 ? 97  LYS A O     1 
ATOM   730  C CB    . LYS A 1 97  ? 0.080   22.723  -1.359  1.00 28.71 ? 97  LYS A CB    1 
ATOM   731  C CG    . LYS A 1 97  ? 1.430   22.863  -2.054  1.00 29.70 ? 97  LYS A CG    1 
ATOM   732  C CD    . LYS A 1 97  ? 1.752   24.291  -2.556  1.00 31.35 ? 97  LYS A CD    1 
ATOM   733  C CE    . LYS A 1 97  ? 0.894   24.745  -3.772  1.00 36.10 ? 97  LYS A CE    1 
ATOM   734  N NZ    . LYS A 1 97  ? 1.667   25.666  -4.749  1.00 36.22 ? 97  LYS A NZ    1 
ATOM   735  N N     . HIS A 1 98  ? 0.886   19.660  -2.484  1.00 27.28 ? 98  HIS A N     1 
ATOM   736  C CA    . HIS A 1 98  ? 1.240   18.782  -3.590  1.00 27.48 ? 98  HIS A CA    1 
ATOM   737  C C     . HIS A 1 98  ? 0.735   17.337  -3.484  1.00 25.94 ? 98  HIS A C     1 
ATOM   738  O O     . HIS A 1 98  ? 1.155   16.486  -4.268  1.00 26.97 ? 98  HIS A O     1 
ATOM   739  C CB    . HIS A 1 98  ? 2.753   18.777  -3.776  1.00 28.23 ? 98  HIS A CB    1 
ATOM   740  C CG    . HIS A 1 98  ? 3.326   20.135  -4.031  1.00 31.85 ? 98  HIS A CG    1 
ATOM   741  N ND1   . HIS A 1 98  ? 2.752   21.030  -4.910  1.00 34.89 ? 98  HIS A ND1   1 
ATOM   742  C CD2   . HIS A 1 98  ? 4.427   20.746  -3.533  1.00 34.77 ? 98  HIS A CD2   1 
ATOM   743  C CE1   . HIS A 1 98  ? 3.474   22.136  -4.943  1.00 35.70 ? 98  HIS A CE1   1 
ATOM   744  N NE2   . HIS A 1 98  ? 4.498   21.989  -4.120  1.00 36.95 ? 98  HIS A NE2   1 
ATOM   745  N N     . GLU A 1 99  ? -0.168  17.065  -2.547  1.00 24.30 ? 99  GLU A N     1 
ATOM   746  C CA    . GLU A 1 99  ? -0.547  15.698  -2.224  1.00 22.15 ? 99  GLU A CA    1 
ATOM   747  C C     . GLU A 1 99  ? -0.973  14.913  -3.483  1.00 22.61 ? 99  GLU A C     1 
ATOM   748  O O     . GLU A 1 99  ? -0.536  13.772  -3.672  1.00 20.01 ? 99  GLU A O     1 
ATOM   749  C CB    . GLU A 1 99  ? -1.622  15.651  -1.112  1.00 22.15 ? 99  GLU A CB    1 
ATOM   750  C CG    . GLU A 1 99  ? -3.041  15.981  -1.499  1.00 22.83 ? 99  GLU A CG    1 
ATOM   751  C CD    . GLU A 1 99  ? -3.944  16.037  -0.261  1.00 22.73 ? 99  GLU A CD    1 
ATOM   752  O OE1   . GLU A 1 99  ? -5.154  15.717  -0.379  1.00 24.37 ? 99  GLU A OE1   1 
ATOM   753  O OE2   . GLU A 1 99  ? -3.421  16.337  0.851   1.00 19.02 ? 99  GLU A OE2   1 
ATOM   754  N N     . ARG A 1 100 ? -1.828  15.528  -4.309  1.00 22.01 ? 100 ARG A N     1 
ATOM   755  C CA    . ARG A 1 100 ? -2.276  14.861  -5.508  1.00 24.09 ? 100 ARG A CA    1 
ATOM   756  C C     . ARG A 1 100 ? -1.132  14.507  -6.461  1.00 22.79 ? 100 ARG A C     1 
ATOM   757  O O     . ARG A 1 100 ? -1.081  13.398  -6.936  1.00 20.37 ? 100 ARG A O     1 
ATOM   758  C CB    . ARG A 1 100 ? -3.323  15.668  -6.261  1.00 25.11 ? 100 ARG A CB    1 
ATOM   759  C CG    . ARG A 1 100 ? -4.071  14.763  -7.235  1.00 27.59 ? 100 ARG A CG    1 
ATOM   760  C CD    . ARG A 1 100 ? -5.406  15.337  -7.688  1.00 34.83 ? 100 ARG A CD    1 
ATOM   761  N NE    . ARG A 1 100 ? -5.296  15.633  -9.103  1.00 37.93 ? 100 ARG A NE    1 
ATOM   762  C CZ    . ARG A 1 100 ? -5.348  14.726  -10.075 1.00 40.65 ? 100 ARG A CZ    1 
ATOM   763  N NH1   . ARG A 1 100 ? -5.548  13.435  -9.777  1.00 42.47 ? 100 ARG A NH1   1 
ATOM   764  N NH2   . ARG A 1 100 ? -5.209  15.115  -11.348 1.00 36.99 ? 100 ARG A NH2   1 
ATOM   765  N N     . ASP A 1 101 ? -0.227  15.457  -6.727  1.00 23.76 ? 101 ASP A N     1 
ATOM   766  C CA    . ASP A 1 101 ? 0.867   15.198  -7.657  1.00 24.62 ? 101 ASP A CA    1 
ATOM   767  C C     . ASP A 1 101 ? 1.763   14.077  -7.104  1.00 24.00 ? 101 ASP A C     1 
ATOM   768  O O     . ASP A 1 101 ? 2.253   13.232  -7.859  1.00 22.41 ? 101 ASP A O     1 
ATOM   769  C CB    . ASP A 1 101 ? 1.669   16.461  -7.950  1.00 27.18 ? 101 ASP A CB    1 
ATOM   770  C CG    . ASP A 1 101 ? 1.045   17.337  -9.053  1.00 31.15 ? 101 ASP A CG    1 
ATOM   771  O OD1   . ASP A 1 101 ? 0.066   16.943  -9.765  1.00 34.48 ? 101 ASP A OD1   1 
ATOM   772  O OD2   . ASP A 1 101 ? 1.590   18.450  -9.218  1.00 37.64 ? 101 ASP A OD2   1 
ATOM   773  N N     . LEU A 1 102 ? 1.928   14.025  -5.781  1.00 22.96 ? 102 LEU A N     1 
ATOM   774  C CA    . LEU A 1 102 ? 2.743   12.971  -5.192  1.00 22.37 ? 102 LEU A CA    1 
ATOM   775  C C     . LEU A 1 102 ? 2.052   11.593  -5.086  1.00 22.48 ? 102 LEU A C     1 
ATOM   776  O O     . LEU A 1 102 ? 2.728   10.566  -5.213  1.00 23.32 ? 102 LEU A O     1 
ATOM   777  C CB    . LEU A 1 102 ? 3.315   13.412  -3.843  1.00 22.83 ? 102 LEU A CB    1 
ATOM   778  C CG    . LEU A 1 102 ? 4.220   14.659  -3.898  1.00 23.58 ? 102 LEU A CG    1 
ATOM   779  C CD1   . LEU A 1 102 ? 4.354   15.318  -2.516  1.00 27.38 ? 102 LEU A CD1   1 
ATOM   780  C CD2   . LEU A 1 102 ? 5.560   14.226  -4.462  1.00 26.62 ? 102 LEU A CD2   1 
ATOM   781  N N     . LEU A 1 103 ? 0.743   11.564  -4.800  1.00 20.37 ? 103 LEU A N     1 
ATOM   782  C CA    . LEU A 1 103 ? -0.001  10.308  -4.878  1.00 20.61 ? 103 LEU A CA    1 
ATOM   783  C C     . LEU A 1 103 ? 0.097   9.707   -6.279  1.00 20.02 ? 103 LEU A C     1 
ATOM   784  O O     . LEU A 1 103 ? 0.153   8.482   -6.451  1.00 19.25 ? 103 LEU A O     1 
ATOM   785  C CB    . LEU A 1 103 ? -1.481  10.545  -4.486  1.00 19.93 ? 103 LEU A CB    1 
ATOM   786  C CG    . LEU A 1 103 ? -1.772  10.749  -2.988  1.00 18.99 ? 103 LEU A CG    1 
ATOM   787  C CD1   . LEU A 1 103 ? -3.189  11.348  -2.814  1.00 17.16 ? 103 LEU A CD1   1 
ATOM   788  C CD2   . LEU A 1 103 ? -1.645  9.438   -2.173  1.00 22.20 ? 103 LEU A CD2   1 
ATOM   789  N N     . ILE A 1 104 ? 0.071   10.584  -7.281  1.00 19.46 ? 104 ILE A N     1 
ATOM   790  C CA    . ILE A 1 104 ? 0.181   10.162  -8.687  1.00 19.99 ? 104 ILE A CA    1 
ATOM   791  C C     . ILE A 1 104 ? 1.502   9.426   -8.875  1.00 20.29 ? 104 ILE A C     1 
ATOM   792  O O     . ILE A 1 104 ? 1.512   8.343   -9.448  1.00 20.32 ? 104 ILE A O     1 
ATOM   793  C CB    . ILE A 1 104 ? 0.072   11.360  -9.676  1.00 19.33 ? 104 ILE A CB    1 
ATOM   794  C CG1   . ILE A 1 104 ? -1.410  11.794  -9.863  1.00 22.39 ? 104 ILE A CG1   1 
ATOM   795  C CG2   . ILE A 1 104 ? 0.627   10.967  -11.077 1.00 20.43 ? 104 ILE A CG2   1 
ATOM   796  C CD1   . ILE A 1 104 ? -1.632  13.173  -10.665 1.00 17.65 ? 104 ILE A CD1   1 
ATOM   797  N N     . LYS A 1 105 ? 2.597   10.040  -8.426  1.00 20.43 ? 105 LYS A N     1 
ATOM   798  C CA    . LYS A 1 105 ? 3.950   9.473   -8.570  1.00 21.17 ? 105 LYS A CA    1 
ATOM   799  C C     . LYS A 1 105 ? 4.081   8.121   -7.878  1.00 20.90 ? 105 LYS A C     1 
ATOM   800  O O     . LYS A 1 105 ? 4.643   7.206   -8.428  1.00 18.50 ? 105 LYS A O     1 
ATOM   801  C CB    . LYS A 1 105 ? 5.007   10.428  -8.035  1.00 21.28 ? 105 LYS A CB    1 
ATOM   802  C CG    . LYS A 1 105 ? 5.357   11.617  -8.964  1.00 24.63 ? 105 LYS A CG    1 
ATOM   803  C CD    . LYS A 1 105 ? 6.119   12.719  -8.156  1.00 26.81 ? 105 LYS A CD    1 
ATOM   804  C CE    . LYS A 1 105 ? 6.673   13.857  -9.029  1.00 31.34 ? 105 LYS A CE    1 
ATOM   805  N NZ    . LYS A 1 105 ? 6.562   15.200  -8.294  1.00 33.98 ? 105 LYS A NZ    1 
ATOM   806  N N     . ALA A 1 106 ? 3.541   8.036   -6.666  1.00 20.58 ? 106 ALA A N     1 
ATOM   807  C CA    . ALA A 1 106 ? 3.591   6.837   -5.822  1.00 20.58 ? 106 ALA A CA    1 
ATOM   808  C C     . ALA A 1 106 ? 2.808   5.687   -6.399  1.00 19.95 ? 106 ALA A C     1 
ATOM   809  O O     . ALA A 1 106 ? 3.308   4.571   -6.425  1.00 21.70 ? 106 ALA A O     1 
ATOM   810  C CB    . ALA A 1 106 ? 3.053   7.161   -4.444  1.00 20.58 ? 106 ALA A CB    1 
ATOM   811  N N     . TYR A 1 107 ? 1.574   5.944   -6.848  1.00 21.00 ? 107 TYR A N     1 
ATOM   812  C CA    . TYR A 1 107 ? 0.775   4.911   -7.462  1.00 20.12 ? 107 TYR A CA    1 
ATOM   813  C C     . TYR A 1 107 ? 1.370   4.461   -8.781  1.00 20.10 ? 107 TYR A C     1 
ATOM   814  O O     . TYR A 1 107 ? 1.202   3.305   -9.170  1.00 18.11 ? 107 TYR A O     1 
ATOM   815  C CB    . TYR A 1 107 ? -0.679  5.332   -7.646  1.00 19.01 ? 107 TYR A CB    1 
ATOM   816  C CG    . TYR A 1 107 ? -1.456  5.251   -6.341  1.00 20.97 ? 107 TYR A CG    1 
ATOM   817  C CD1   . TYR A 1 107 ? -1.525  4.047   -5.601  1.00 17.52 ? 107 TYR A CD1   1 
ATOM   818  C CD2   . TYR A 1 107 ? -2.088  6.376   -5.834  1.00 19.80 ? 107 TYR A CD2   1 
ATOM   819  C CE1   . TYR A 1 107 ? -2.246  4.011   -4.401  1.00 19.89 ? 107 TYR A CE1   1 
ATOM   820  C CE2   . TYR A 1 107 ? -2.813  6.344   -4.652  1.00 19.64 ? 107 TYR A CE2   1 
ATOM   821  C CZ    . TYR A 1 107 ? -2.882  5.177   -3.938  1.00 18.36 ? 107 TYR A CZ    1 
ATOM   822  O OH    . TYR A 1 107 ? -3.652  5.172   -2.781  1.00 16.62 ? 107 TYR A OH    1 
ATOM   823  N N     . ASN A 1 108 ? 2.067   5.386   -9.474  1.00 20.34 ? 108 ASN A N     1 
ATOM   824  C CA    . ASN A 1 108 ? 2.668   5.014   -10.742 1.00 20.17 ? 108 ASN A CA    1 
ATOM   825  C C     . ASN A 1 108 ? 3.845   4.073   -10.485 1.00 19.85 ? 108 ASN A C     1 
ATOM   826  O O     . ASN A 1 108 ? 4.038   3.113   -11.198 1.00 19.91 ? 108 ASN A O     1 
ATOM   827  C CB    . ASN A 1 108 ? 3.107   6.249   -11.552 1.00 20.31 ? 108 ASN A CB    1 
ATOM   828  C CG    . ASN A 1 108 ? 3.362   5.927   -13.021 1.00 20.91 ? 108 ASN A CG    1 
ATOM   829  O OD1   . ASN A 1 108 ? 4.377   6.354   -13.596 1.00 22.82 ? 108 ASN A OD1   1 
ATOM   830  N ND2   . ASN A 1 108 ? 2.433   5.213   -13.647 1.00 15.97 ? 108 ASN A ND2   1 
ATOM   831  N N     . THR A 1 109 ? 4.611   4.342   -9.451  1.00 19.42 ? 109 THR A N     1 
ATOM   832  C CA    . THR A 1 109 ? 5.724   3.456   -9.052  1.00 19.22 ? 109 THR A CA    1 
ATOM   833  C C     . THR A 1 109 ? 5.204   2.078   -8.717  1.00 18.87 ? 109 THR A C     1 
ATOM   834  O O     . THR A 1 109 ? 5.775   1.071   -9.166  1.00 19.82 ? 109 THR A O     1 
ATOM   835  C CB    . THR A 1 109 ? 6.506   4.085   -7.887  1.00 20.18 ? 109 THR A CB    1 
ATOM   836  O OG1   . THR A 1 109 ? 6.985   5.332   -8.343  1.00 17.73 ? 109 THR A OG1   1 
ATOM   837  C CG2   . THR A 1 109 ? 7.698   3.206   -7.448  1.00 23.44 ? 109 THR A CG2   1 
ATOM   838  N N     . ILE A 1 110 ? 4.079   2.033   -7.999  1.00 19.82 ? 110 ILE A N     1 
ATOM   839  C CA    . ILE A 1 110 ? 3.411   0.786   -7.676  1.00 19.99 ? 110 ILE A CA    1 
ATOM   840  C C     . ILE A 1 110 ? 2.928   0.057   -8.937  1.00 21.15 ? 110 ILE A C     1 
ATOM   841  O O     . ILE A 1 110 ? 3.199   -1.138  -9.086  1.00 20.56 ? 110 ILE A O     1 
ATOM   842  C CB    . ILE A 1 110 ? 2.273   1.002   -6.670  1.00 20.00 ? 110 ILE A CB    1 
ATOM   843  C CG1   . ILE A 1 110 ? 2.854   1.447   -5.315  1.00 19.32 ? 110 ILE A CG1   1 
ATOM   844  C CG2   . ILE A 1 110 ? 1.434   -0.285  -6.417  1.00 20.68 ? 110 ILE A CG2   1 
ATOM   845  C CD1   . ILE A 1 110 ? 1.733   1.972   -4.334  1.00 20.27 ? 110 ILE A CD1   1 
ATOM   846  N N     . ASN A 1 111 ? 2.244   0.789   -9.822  1.00 21.21 ? 111 ASN A N     1 
ATOM   847  C CA    . ASN A 1 111 ? 1.586   0.170   -10.982 1.00 22.44 ? 111 ASN A CA    1 
ATOM   848  C C     . ASN A 1 111 ? 2.665   -0.322  -11.969 1.00 22.06 ? 111 ASN A C     1 
ATOM   849  O O     . ASN A 1 111 ? 2.449   -1.254  -12.733 1.00 22.83 ? 111 ASN A O     1 
ATOM   850  C CB    . ASN A 1 111 ? 0.641   1.159   -11.672 1.00 21.70 ? 111 ASN A CB    1 
ATOM   851  C CG    . ASN A 1 111 ? -0.354  0.476   -12.612 1.00 22.23 ? 111 ASN A CG    1 
ATOM   852  O OD1   . ASN A 1 111 ? -1.038  -0.495  -12.245 1.00 24.08 ? 111 ASN A OD1   1 
ATOM   853  N ND2   . ASN A 1 111 ? -0.435  0.977   -13.824 1.00 22.20 ? 111 ASN A ND2   1 
ATOM   854  N N     . ASN A 1 112 ? 3.818   0.312   -11.945 1.00 21.70 ? 112 ASN A N     1 
ATOM   855  C CA    . ASN A 1 112 ? 4.874   -0.111  -12.843 1.00 22.51 ? 112 ASN A CA    1 
ATOM   856  C C     . ASN A 1 112 ? 5.834   -1.169  -12.317 1.00 22.28 ? 112 ASN A C     1 
ATOM   857  O O     . ASN A 1 112 ? 6.660   -1.647  -13.075 1.00 22.66 ? 112 ASN A O     1 
ATOM   858  C CB    . ASN A 1 112 ? 5.605   1.094   -13.411 1.00 22.44 ? 112 ASN A CB    1 
ATOM   859  C CG    . ASN A 1 112 ? 4.749   1.853   -14.412 1.00 24.84 ? 112 ASN A CG    1 
ATOM   860  O OD1   . ASN A 1 112 ? 4.013   1.258   -15.208 1.00 23.77 ? 112 ASN A OD1   1 
ATOM   861  N ND2   . ASN A 1 112 ? 4.859   3.170   -14.383 1.00 24.53 ? 112 ASN A ND2   1 
ATOM   862  N N     . GLU A 1 113 ? 5.733   -1.525  -11.037 1.00 22.20 ? 113 GLU A N     1 
ATOM   863  C CA    . GLU A 1 113 ? 6.487   -2.676  -10.461 1.00 23.16 ? 113 GLU A CA    1 
ATOM   864  C C     . GLU A 1 113 ? 5.880   -3.997  -10.960 1.00 24.00 ? 113 GLU A C     1 
ATOM   865  O O     . GLU A 1 113 ? 4.646   -4.178  -10.947 1.00 24.13 ? 113 GLU A O     1 
ATOM   866  C CB    . GLU A 1 113 ? 6.479   -2.600  -8.916  1.00 21.41 ? 113 GLU A CB    1 
ATOM   867  C CG    . GLU A 1 113 ? 7.423   -3.486  -8.156  1.00 22.58 ? 113 GLU A CG    1 
ATOM   868  C CD    . GLU A 1 113 ? 8.881   -3.259  -8.516  1.00 24.46 ? 113 GLU A CD    1 
ATOM   869  O OE1   . GLU A 1 113 ? 9.263   -2.091  -8.746  1.00 24.70 ? 113 GLU A OE1   1 
ATOM   870  O OE2   . GLU A 1 113 ? 9.605   -4.272  -8.622  1.00 25.96 ? 113 GLU A OE2   1 
ATOM   871  N N     . GLN A 1 114 ? 6.732   -4.913  -11.417 1.00 24.81 ? 114 GLN A N     1 
ATOM   872  C CA    . GLN A 1 114 ? 6.262   -6.147  -12.050 1.00 25.64 ? 114 GLN A CA    1 
ATOM   873  C C     . GLN A 1 114 ? 5.486   -7.018  -11.047 1.00 25.09 ? 114 GLN A C     1 
ATOM   874  O O     . GLN A 1 114 ? 5.925   -7.248  -9.895  1.00 24.16 ? 114 GLN A O     1 
ATOM   875  C CB    . GLN A 1 114 ? 7.432   -6.932  -12.691 1.00 26.06 ? 114 GLN A CB    1 
ATOM   876  C CG    . GLN A 1 114 ? 7.028   -8.244  -13.431 1.00 26.65 ? 114 GLN A CG    1 
ATOM   877  C CD    . GLN A 1 114 ? 8.216   -9.207  -13.765 1.00 31.90 ? 114 GLN A CD    1 
ATOM   878  O OE1   . GLN A 1 114 ? 8.135   -10.416 -13.506 1.00 37.94 ? 114 GLN A OE1   1 
ATOM   879  N NE2   . GLN A 1 114 ? 9.310   -8.668  -14.349 1.00 36.42 ? 114 GLN A NE2   1 
ATOM   880  N N     . GLY A 1 115 ? 4.327   -7.502  -11.482 1.00 24.05 ? 115 GLY A N     1 
ATOM   881  C CA    . GLY A 1 115 ? 3.529   -8.386  -10.633 1.00 24.36 ? 115 GLY A CA    1 
ATOM   882  C C     . GLY A 1 115 ? 2.216   -7.742  -10.259 1.00 23.51 ? 115 GLY A C     1 
ATOM   883  O O     . GLY A 1 115 ? 2.016   -6.543  -10.487 1.00 24.22 ? 115 GLY A O     1 
ATOM   884  N N     . THR A 1 116 ? 1.321   -8.563  -9.714  1.00 22.42 ? 116 THR A N     1 
ATOM   885  C CA    . THR A 1 116 ? 0.074   -8.131  -9.097  1.00 21.73 ? 116 THR A CA    1 
ATOM   886  C C     . THR A 1 116 ? 0.355   -7.523  -7.704  1.00 21.74 ? 116 THR A C     1 
ATOM   887  O O     . THR A 1 116 ? 0.826   -8.233  -6.792  1.00 19.39 ? 116 THR A O     1 
ATOM   888  C CB    . THR A 1 116 ? -0.887  -9.328  -9.013  1.00 22.13 ? 116 THR A CB    1 
ATOM   889  O OG1   . THR A 1 116 ? -1.117  -9.803  -10.335 1.00 24.07 ? 116 THR A OG1   1 
ATOM   890  C CG2   . THR A 1 116 ? -2.248  -8.945  -8.366  1.00 20.77 ? 116 THR A CG2   1 
ATOM   891  N N     . PRO A 1 117 ? 0.125   -6.199  -7.553  1.00 20.78 ? 117 PRO A N     1 
ATOM   892  C CA    . PRO A 1 117 ? 0.339   -5.648  -6.230  1.00 20.20 ? 117 PRO A CA    1 
ATOM   893  C C     . PRO A 1 117 ? -0.839  -5.948  -5.320  1.00 20.38 ? 117 PRO A C     1 
ATOM   894  O O     . PRO A 1 117 ? -1.968  -6.111  -5.791  1.00 19.55 ? 117 PRO A O     1 
ATOM   895  C CB    . PRO A 1 117 ? 0.423   -4.106  -6.460  1.00 20.22 ? 117 PRO A CB    1 
ATOM   896  C CG    . PRO A 1 117 ? 0.381   -3.896  -7.980  1.00 20.23 ? 117 PRO A CG    1 
ATOM   897  C CD    . PRO A 1 117 ? -0.303  -5.157  -8.512  1.00 20.93 ? 117 PRO A CD    1 
ATOM   898  N N     . LEU A 1 118 ? -0.543  -6.061  -4.030  1.00 19.28 ? 118 LEU A N     1 
ATOM   899  C CA    . LEU A 1 118 ? -1.565  -5.845  -3.024  1.00 20.46 ? 118 LEU A CA    1 
ATOM   900  C C     . LEU A 1 118 ? -1.178  -4.538  -2.322  1.00 19.57 ? 118 LEU A C     1 
ATOM   901  O O     . LEU A 1 118 ? -0.164  -4.476  -1.702  1.00 19.97 ? 118 LEU A O     1 
ATOM   902  C CB    . LEU A 1 118 ? -1.588  -7.005  -2.005  1.00 20.11 ? 118 LEU A CB    1 
ATOM   903  C CG    . LEU A 1 118 ? -2.454  -6.738  -0.752  1.00 18.09 ? 118 LEU A CG    1 
ATOM   904  C CD1   . LEU A 1 118 ? -3.909  -6.489  -1.163  1.00 17.96 ? 118 LEU A CD1   1 
ATOM   905  C CD2   . LEU A 1 118 ? -2.297  -7.940  0.202   1.00 19.70 ? 118 LEU A CD2   1 
ATOM   906  N N     . THR A 1 119 ? -1.982  -3.493  -2.428  1.00 20.55 ? 119 THR A N     1 
ATOM   907  C CA    . THR A 1 119 ? -1.560  -2.171  -1.893  1.00 19.97 ? 119 THR A CA    1 
ATOM   908  C C     . THR A 1 119 ? -2.638  -1.641  -0.913  1.00 20.09 ? 119 THR A C     1 
ATOM   909  O O     . THR A 1 119 ? -3.810  -1.894  -1.097  1.00 19.15 ? 119 THR A O     1 
ATOM   910  C CB    . THR A 1 119 ? -1.275  -1.150  -3.053  1.00 19.52 ? 119 THR A CB    1 
ATOM   911  O OG1   . THR A 1 119 ? -0.838  0.124   -2.544  1.00 19.83 ? 119 THR A OG1   1 
ATOM   912  C CG2   . THR A 1 119 ? -2.569  -0.931  -3.989  1.00 18.92 ? 119 THR A CG2   1 
ATOM   913  N N     . PRO A 1 120 ? -2.215  -0.921  0.137   1.00 20.43 ? 120 PRO A N     1 
ATOM   914  C CA    . PRO A 1 120 ? -3.154  -0.048  0.848   1.00 20.21 ? 120 PRO A CA    1 
ATOM   915  C C     . PRO A 1 120 ? -3.487  1.206   0.025   1.00 21.15 ? 120 PRO A C     1 
ATOM   916  O O     . PRO A 1 120 ? -2.878  1.467   -1.057  1.00 19.90 ? 120 PRO A O     1 
ATOM   917  C CB    . PRO A 1 120 ? -2.384  0.322   2.130   1.00 20.36 ? 120 PRO A CB    1 
ATOM   918  C CG    . PRO A 1 120 ? -0.937  0.279   1.679   1.00 20.31 ? 120 PRO A CG    1 
ATOM   919  C CD    . PRO A 1 120 ? -0.846  -0.835  0.692   1.00 20.65 ? 120 PRO A CD    1 
ATOM   920  N N     . ILE A 1 121 ? -4.495  1.933   0.509   1.00 19.88 ? 121 ILE A N     1 
ATOM   921  C CA    . ILE A 1 121 ? -4.814  3.214   -0.015  1.00 20.23 ? 121 ILE A CA    1 
ATOM   922  C C     . ILE A 1 121 ? -3.795  4.133   0.729   1.00 19.95 ? 121 ILE A C     1 
ATOM   923  O O     . ILE A 1 121 ? -3.900  4.379   1.946   1.00 18.14 ? 121 ILE A O     1 
ATOM   924  C CB    . ILE A 1 121 ? -6.305  3.584   0.236   1.00 20.35 ? 121 ILE A CB    1 
ATOM   925  C CG1   . ILE A 1 121 ? -7.222  2.611   -0.534  1.00 19.87 ? 121 ILE A CG1   1 
ATOM   926  C CG2   . ILE A 1 121 ? -6.563  5.048   -0.165  1.00 20.71 ? 121 ILE A CG2   1 
ATOM   927  C CD1   . ILE A 1 121 ? -8.708  2.829   -0.198  1.00 20.17 ? 121 ILE A CD1   1 
ATOM   928  N N     . LEU A 1 122 ? -2.765  4.528   -0.014  1.00 18.31 ? 122 LEU A N     1 
ATOM   929  C CA    . LEU A 1 122 ? -1.698  5.357   0.530   1.00 19.42 ? 122 LEU A CA    1 
ATOM   930  C C     . LEU A 1 122 ? -2.197  6.625   1.235   1.00 18.96 ? 122 LEU A C     1 
ATOM   931  O O     . LEU A 1 122 ? -3.161  7.280   0.788   1.00 19.41 ? 122 LEU A O     1 
ATOM   932  C CB    . LEU A 1 122 ? -0.697  5.744   -0.576  1.00 18.38 ? 122 LEU A CB    1 
ATOM   933  C CG    . LEU A 1 122 ? 0.081   4.584   -1.205  1.00 19.22 ? 122 LEU A CG    1 
ATOM   934  C CD1   . LEU A 1 122 ? 0.838   5.098   -2.361  1.00 18.47 ? 122 LEU A CD1   1 
ATOM   935  C CD2   . LEU A 1 122 ? 0.999   3.761   -0.196  1.00 19.75 ? 122 LEU A CD2   1 
ATOM   936  N N     . SER A 1 123 ? -1.492  6.950   2.316   1.00 19.20 ? 123 SER A N     1 
ATOM   937  C CA    . SER A 1 123 ? -1.591  8.228   2.976   1.00 18.77 ? 123 SER A CA    1 
ATOM   938  C C     . SER A 1 123 ? -2.890  8.471   3.714   1.00 19.47 ? 123 SER A C     1 
ATOM   939  O O     . SER A 1 123 ? -3.055  9.537   4.269   1.00 18.89 ? 123 SER A O     1 
ATOM   940  C CB    . SER A 1 123 ? -1.284  9.362   1.988   1.00 19.15 ? 123 SER A CB    1 
ATOM   941  O OG    . SER A 1 123 ? 0.019   9.156   1.466   1.00 15.10 ? 123 SER A OG    1 
ATOM   942  N N     . CYS A 1 124 ? -3.805  7.493   3.709   1.00 20.63 ? 124 CYS A N     1 
ATOM   943  C CA    . CYS A 1 124 ? -5.128  7.714   4.300   1.00 21.42 ? 124 CYS A CA    1 
ATOM   944  C C     . CYS A 1 124 ? -5.212  7.438   5.809   1.00 22.12 ? 124 CYS A C     1 
ATOM   945  O O     . CYS A 1 124 ? -6.260  7.640   6.435   1.00 23.09 ? 124 CYS A O     1 
ATOM   946  C CB    . CYS A 1 124 ? -6.254  7.031   3.499   1.00 22.01 ? 124 CYS A CB    1 
ATOM   947  S SG    . CYS A 1 124 ? -6.429  5.276   3.721   1.00 23.02 ? 124 CYS A SG    1 
ATOM   948  N N     . GLY A 1 125 ? -4.109  7.027   6.411   1.00 20.92 ? 125 GLY A N     1 
ATOM   949  C CA    . GLY A 1 125 ? -4.139  6.779   7.818   1.00 22.27 ? 125 GLY A CA    1 
ATOM   950  C C     . GLY A 1 125 ? -3.456  7.915   8.535   1.00 23.38 ? 125 GLY A C     1 
ATOM   951  O O     . GLY A 1 125 ? -3.985  9.009   8.569   1.00 21.35 ? 125 GLY A O     1 
ATOM   952  N N     . ILE A 1 126 ? -2.238  7.657   9.021   1.00 25.07 ? 126 ILE A N     1 
ATOM   953  C CA    . ILE A 1 126 ? -1.551  8.645   9.840   1.00 26.63 ? 126 ILE A CA    1 
ATOM   954  C C     . ILE A 1 126 ? -1.158  9.861   9.021   1.00 26.12 ? 126 ILE A C     1 
ATOM   955  O O     . ILE A 1 126 ? -1.054  10.955  9.556   1.00 25.35 ? 126 ILE A O     1 
ATOM   956  C CB    . ILE A 1 126 ? -0.396  8.052   10.761  1.00 28.63 ? 126 ILE A CB    1 
ATOM   957  C CG1   . ILE A 1 126 ? 0.971   8.666   10.469  1.00 25.91 ? 126 ILE A CG1   1 
ATOM   958  C CG2   . ILE A 1 126 ? -0.467  6.438   10.872  1.00 29.02 ? 126 ILE A CG2   1 
ATOM   959  C CD1   . ILE A 1 126 ? 2.018   8.392   11.510  1.00 28.73 ? 126 ILE A CD1   1 
ATOM   960  N N     . PHE A 1 127 ? -1.008  9.677   7.700   1.00 24.42 ? 127 PHE A N     1 
ATOM   961  C CA    . PHE A 1 127 ? -0.718  10.825  6.837   1.00 22.31 ? 127 PHE A CA    1 
ATOM   962  C C     . PHE A 1 127 ? -1.884  11.745  6.550   1.00 20.92 ? 127 PHE A C     1 
ATOM   963  O O     . PHE A 1 127 ? -1.690  12.851  5.997   1.00 21.77 ? 127 PHE A O     1 
ATOM   964  C CB    . PHE A 1 127 ? 0.007   10.391  5.551   1.00 21.69 ? 127 PHE A CB    1 
ATOM   965  C CG    . PHE A 1 127 ? 1.478   10.159  5.731   1.00 21.52 ? 127 PHE A CG    1 
ATOM   966  C CD1   . PHE A 1 127 ? 2.128   10.489  6.940   1.00 19.62 ? 127 PHE A CD1   1 
ATOM   967  C CD2   . PHE A 1 127 ? 2.240   9.633   4.684   1.00 22.37 ? 127 PHE A CD2   1 
ATOM   968  C CE1   . PHE A 1 127 ? 3.530   10.302  7.099   1.00 18.63 ? 127 PHE A CE1   1 
ATOM   969  C CE2   . PHE A 1 127 ? 3.620   9.460   4.835   1.00 24.36 ? 127 PHE A CE2   1 
ATOM   970  C CZ    . PHE A 1 127 ? 4.259   9.768   6.055   1.00 22.04 ? 127 PHE A CZ    1 
ATOM   971  N N     . GLY A 1 128 ? -3.094  11.331  6.931   1.00 21.56 ? 128 GLY A N     1 
ATOM   972  C CA    . GLY A 1 128 ? -4.278  12.209  6.929   1.00 19.21 ? 128 GLY A CA    1 
ATOM   973  C C     . GLY A 1 128 ? -4.796  12.767  5.590   1.00 20.70 ? 128 GLY A C     1 
ATOM   974  O O     . GLY A 1 128 ? -5.490  13.786  5.555   1.00 21.68 ? 128 GLY A O     1 
ATOM   975  N N     . ILE A 1 129 ? -4.523  12.081  4.488   1.00 20.76 ? 129 ILE A N     1 
ATOM   976  C CA    . ILE A 1 129 ? -5.147  12.407  3.198   1.00 20.28 ? 129 ILE A CA    1 
ATOM   977  C C     . ILE A 1 129 ? -6.541  11.737  3.182   1.00 19.67 ? 129 ILE A C     1 
ATOM   978  O O     . ILE A 1 129 ? -6.695  10.634  3.738   1.00 19.18 ? 129 ILE A O     1 
ATOM   979  C CB    . ILE A 1 129 ? -4.267  11.902  2.003   1.00 19.41 ? 129 ILE A CB    1 
ATOM   980  C CG1   . ILE A 1 129 ? -2.966  12.772  1.921   1.00 21.53 ? 129 ILE A CG1   1 
ATOM   981  C CG2   . ILE A 1 129 ? -5.079  11.926  0.665   1.00 20.22 ? 129 ILE A CG2   1 
ATOM   982  C CD1   . ILE A 1 129 ? -2.084  12.557  0.660   1.00 20.31 ? 129 ILE A CD1   1 
ATOM   983  N N     . LYS A 1 130 ? -7.549  12.394  2.606   1.00 19.27 ? 130 LYS A N     1 
ATOM   984  C CA    . LYS A 1 130 ? -8.876  11.770  2.538   1.00 19.65 ? 130 LYS A CA    1 
ATOM   985  C C     . LYS A 1 130 ? -8.801  10.449  1.793   1.00 20.43 ? 130 LYS A C     1 
ATOM   986  O O     . LYS A 1 130 ? -8.216  10.377  0.694   1.00 19.95 ? 130 LYS A O     1 
ATOM   987  C CB    . LYS A 1 130 ? -9.871  12.656  1.820   1.00 21.78 ? 130 LYS A CB    1 
ATOM   988  C CG    . LYS A 1 130 ? -11.313 12.168  1.942   1.00 20.47 ? 130 LYS A CG    1 
ATOM   989  C CD    . LYS A 1 130 ? -12.294 13.200  1.443   1.00 27.11 ? 130 LYS A CD    1 
ATOM   990  C CE    . LYS A 1 130 ? -13.709 12.646  1.636   1.00 28.73 ? 130 LYS A CE    1 
ATOM   991  N NZ    . LYS A 1 130 ? -14.562 13.354  0.731   1.00 25.26 ? 130 LYS A NZ    1 
ATOM   992  N N     . LEU A 1 131 ? -9.360  9.401   2.390   1.00 19.80 ? 131 LEU A N     1 
ATOM   993  C CA    . LEU A 1 131 ? -9.370  8.076   1.747   1.00 20.56 ? 131 LEU A CA    1 
ATOM   994  C C     . LEU A 1 131 ? -9.839  8.150   0.288   1.00 20.30 ? 131 LEU A C     1 
ATOM   995  O O     . LEU A 1 131 ? -9.162  7.647   -0.599  1.00 22.60 ? 131 LEU A O     1 
ATOM   996  C CB    . LEU A 1 131 ? -10.208 7.065   2.561   1.00 18.92 ? 131 LEU A CB    1 
ATOM   997  C CG    . LEU A 1 131 ? -10.348 5.618   2.040   1.00 19.68 ? 131 LEU A CG    1 
ATOM   998  C CD1   . LEU A 1 131 ? -10.696 4.690   3.182   1.00 18.78 ? 131 LEU A CD1   1 
ATOM   999  C CD2   . LEU A 1 131 ? -11.352 5.457   0.845   1.00 18.94 ? 131 LEU A CD2   1 
ATOM   1000 N N     . GLU A 1 132 ? -10.972 8.809   0.032   1.00 20.93 ? 132 GLU A N     1 
ATOM   1001 C CA    . GLU A 1 132 ? -11.552 8.884   -1.292  1.00 20.47 ? 132 GLU A CA    1 
ATOM   1002 C C     . GLU A 1 132 ? -10.675 9.599   -2.350  1.00 20.54 ? 132 GLU A C     1 
ATOM   1003 O O     . GLU A 1 132 ? -10.671 9.225   -3.533  1.00 19.13 ? 132 GLU A O     1 
ATOM   1004 C CB    . GLU A 1 132 ? -12.932 9.515   -1.207  1.00 21.55 ? 132 GLU A CB    1 
ATOM   1005 C CG    . GLU A 1 132 ? -13.941 8.616   -0.457  1.00 22.39 ? 132 GLU A CG    1 
ATOM   1006 C CD    . GLU A 1 132 ? -13.960 8.843   1.070   1.00 24.65 ? 132 GLU A CD    1 
ATOM   1007 O OE1   . GLU A 1 132 ? -13.017 9.445   1.619   1.00 22.05 ? 132 GLU A OE1   1 
ATOM   1008 O OE2   . GLU A 1 132 ? -14.925 8.403   1.705   1.00 22.54 ? 132 GLU A OE2   1 
ATOM   1009 N N     . THR A 1 133 ? -9.930  10.610  -1.903  1.00 19.93 ? 133 THR A N     1 
ATOM   1010 C CA    . THR A 1 133 ? -8.957  11.282  -2.748  1.00 21.06 ? 133 THR A CA    1 
ATOM   1011 C C     . THR A 1 133 ? -7.806  10.368  -3.204  1.00 20.66 ? 133 THR A C     1 
ATOM   1012 O O     . THR A 1 133 ? -7.475  10.265  -4.407  1.00 19.18 ? 133 THR A O     1 
ATOM   1013 C CB    . THR A 1 133 ? -8.379  12.481  -1.959  1.00 20.86 ? 133 THR A CB    1 
ATOM   1014 O OG1   . THR A 1 133 ? -9.493  13.312  -1.580  1.00 19.86 ? 133 THR A OG1   1 
ATOM   1015 C CG2   . THR A 1 133 ? -7.375  13.269  -2.800  1.00 20.40 ? 133 THR A CG2   1 
ATOM   1016 N N     . SER A 1 134 ? -7.133  9.776   -2.214  1.00 21.15 ? 134 SER A N     1 
ATOM   1017 C CA    . SER A 1 134 ? -6.117  8.796   -2.511  1.00 20.33 ? 134 SER A CA    1 
ATOM   1018 C C     . SER A 1 134 ? -6.606  7.642   -3.392  1.00 18.74 ? 134 SER A C     1 
ATOM   1019 O O     . SER A 1 134 ? -5.965  7.328   -4.383  1.00 20.65 ? 134 SER A O     1 
ATOM   1020 C CB    . SER A 1 134 ? -5.475  8.309   -1.230  1.00 18.92 ? 134 SER A CB    1 
ATOM   1021 O OG    . SER A 1 134 ? -4.475  7.360   -1.574  1.00 20.06 ? 134 SER A OG    1 
ATOM   1022 N N     . LEU A 1 135 ? -7.775  7.097   -3.097  1.00 18.17 ? 135 LEU A N     1 
ATOM   1023 C CA    . LEU A 1 135 ? -8.435  6.035   -3.922  1.00 19.09 ? 135 LEU A CA    1 
ATOM   1024 C C     . LEU A 1 135 ? -8.725  6.479   -5.372  1.00 18.81 ? 135 LEU A C     1 
ATOM   1025 O O     . LEU A 1 135 ? -8.508  5.708   -6.314  1.00 17.50 ? 135 LEU A O     1 
ATOM   1026 C CB    . LEU A 1 135 ? -9.720  5.520   -3.259  1.00 17.73 ? 135 LEU A CB    1 
ATOM   1027 C CG    . LEU A 1 135 ? -10.498 4.380   -3.928  1.00 20.35 ? 135 LEU A CG    1 
ATOM   1028 C CD1   . LEU A 1 135 ? -9.596  3.098   -4.307  1.00 20.30 ? 135 LEU A CD1   1 
ATOM   1029 C CD2   . LEU A 1 135 ? -11.722 4.050   -3.055  1.00 20.13 ? 135 LEU A CD2   1 
ATOM   1030 N N     . GLU A 1 136 ? -9.145  7.742   -5.533  1.00 18.96 ? 136 GLU A N     1 
ATOM   1031 C CA    . GLU A 1 136 ? -9.441  8.273   -6.842  1.00 20.30 ? 136 GLU A CA    1 
ATOM   1032 C C     . GLU A 1 136 ? -8.192  8.269   -7.692  1.00 20.11 ? 136 GLU A C     1 
ATOM   1033 O O     . GLU A 1 136 ? -8.239  7.768   -8.832  1.00 20.59 ? 136 GLU A O     1 
ATOM   1034 C CB    . GLU A 1 136 ? -10.064 9.669   -6.793  1.00 21.96 ? 136 GLU A CB    1 
ATOM   1035 C CG    . GLU A 1 136 ? -10.595 10.079  -8.175  1.00 27.21 ? 136 GLU A CG    1 
ATOM   1036 C CD    . GLU A 1 136 ? -10.794 11.580  -8.336  1.00 36.29 ? 136 GLU A CD    1 
ATOM   1037 O OE1   . GLU A 1 136 ? -11.189 12.247  -7.366  1.00 36.12 ? 136 GLU A OE1   1 
ATOM   1038 O OE2   . GLU A 1 136 ? -10.569 12.088  -9.463  1.00 41.73 ? 136 GLU A OE2   1 
ATOM   1039 N N     . VAL A 1 137 ? -7.076  8.776   -7.139  1.00 19.65 ? 137 VAL A N     1 
ATOM   1040 C CA    . VAL A 1 137 ? -5.751  8.682   -7.811  1.00 20.35 ? 137 VAL A CA    1 
ATOM   1041 C C     . VAL A 1 137 ? -5.371  7.195   -8.092  1.00 20.83 ? 137 VAL A C     1 
ATOM   1042 O O     . VAL A 1 137 ? -4.935  6.850   -9.189  1.00 21.30 ? 137 VAL A O     1 
ATOM   1043 C CB    . VAL A 1 137 ? -4.646  9.445   -6.985  1.00 19.94 ? 137 VAL A CB    1 
ATOM   1044 C CG1   . VAL A 1 137 ? -3.223  9.360   -7.606  1.00 21.34 ? 137 VAL A CG1   1 
ATOM   1045 C CG2   . VAL A 1 137 ? -5.017  10.933  -6.895  1.00 21.17 ? 137 VAL A CG2   1 
ATOM   1046 N N     . LEU A 1 138 ? -5.535  6.318   -7.104  1.00 20.09 ? 138 LEU A N     1 
ATOM   1047 C CA    . LEU A 1 138 ? -5.215  4.910   -7.301  1.00 21.03 ? 138 LEU A CA    1 
ATOM   1048 C C     . LEU A 1 138 ? -5.902  4.369   -8.577  1.00 21.46 ? 138 LEU A C     1 
ATOM   1049 O O     . LEU A 1 138 ? -5.234  3.806   -9.440  1.00 21.54 ? 138 LEU A O     1 
ATOM   1050 C CB    . LEU A 1 138 ? -5.628  4.090   -6.062  1.00 20.20 ? 138 LEU A CB    1 
ATOM   1051 C CG    . LEU A 1 138 ? -5.121  2.640   -5.940  1.00 21.70 ? 138 LEU A CG    1 
ATOM   1052 C CD1   . LEU A 1 138 ? -5.196  2.213   -4.436  1.00 20.78 ? 138 LEU A CD1   1 
ATOM   1053 C CD2   . LEU A 1 138 ? -6.006  1.724   -6.857  1.00 16.28 ? 138 LEU A CD2   1 
ATOM   1054 N N     . LEU A 1 139 ? -7.226  4.506   -8.659  1.00 21.16 ? 139 LEU A N     1 
ATOM   1055 C CA    . LEU A 1 139 ? -7.996  4.034   -9.806  1.00 22.32 ? 139 LEU A CA    1 
ATOM   1056 C C     . LEU A 1 139 ? -7.633  4.652   -11.163 1.00 23.57 ? 139 LEU A C     1 
ATOM   1057 O O     . LEU A 1 139 ? -7.702  3.946   -12.193 1.00 24.27 ? 139 LEU A O     1 
ATOM   1058 C CB    . LEU A 1 139 ? -9.518  4.168   -9.571  1.00 21.80 ? 139 LEU A CB    1 
ATOM   1059 C CG    . LEU A 1 139 ? -10.133 3.390   -8.390  1.00 22.22 ? 139 LEU A CG    1 
ATOM   1060 C CD1   . LEU A 1 139 ? -11.615 3.831   -8.157  1.00 20.97 ? 139 LEU A CD1   1 
ATOM   1061 C CD2   . LEU A 1 139 ? -10.041 1.898   -8.592  1.00 25.15 ? 139 LEU A CD2   1 
ATOM   1062 N N     . ASP A 1 140 ? -7.295  5.944   -11.145 1.00 22.56 ? 140 ASP A N     1 
ATOM   1063 C CA    . ASP A 1 140 ? -6.863  6.706   -12.339 1.00 22.53 ? 140 ASP A CA    1 
ATOM   1064 C C     . ASP A 1 140 ? -5.535  6.150   -12.866 1.00 21.08 ? 140 ASP A C     1 
ATOM   1065 O O     . ASP A 1 140 ? -5.395  5.923   -14.056 1.00 20.25 ? 140 ASP A O     1 
ATOM   1066 C CB    . ASP A 1 140 ? -6.705  8.193   -11.966 1.00 20.88 ? 140 ASP A CB    1 
ATOM   1067 C CG    . ASP A 1 140 ? -6.466  9.118   -13.186 1.00 29.14 ? 140 ASP A CG    1 
ATOM   1068 O OD1   . ASP A 1 140 ? -5.724  10.138  -13.033 1.00 33.14 ? 140 ASP A OD1   1 
ATOM   1069 O OD2   . ASP A 1 140 ? -7.029  8.859   -14.280 1.00 30.97 ? 140 ASP A OD2   1 
ATOM   1070 N N     . VAL A 1 141 ? -4.587  5.890   -12.000 1.00 20.61 ? 141 VAL A N     1 
ATOM   1071 C CA    . VAL A 1 141 ? -3.284  5.451   -12.395 1.00 22.11 ? 141 VAL A CA    1 
ATOM   1072 C C     . VAL A 1 141 ? -3.275  3.979   -12.799 1.00 22.69 ? 141 VAL A C     1 
ATOM   1073 O O     . VAL A 1 141 ? -2.782  3.606   -13.856 1.00 22.42 ? 141 VAL A O     1 
ATOM   1074 C CB    . VAL A 1 141 ? -2.240  5.678   -11.271 1.00 21.29 ? 141 VAL A CB    1 
ATOM   1075 C CG1   . VAL A 1 141 ? -0.981  4.958   -11.566 1.00 21.91 ? 141 VAL A CG1   1 
ATOM   1076 C CG2   . VAL A 1 141 ? -1.999  7.136   -10.994 1.00 23.72 ? 141 VAL A CG2   1 
ATOM   1077 N N     . CYS A 1 142 ? -3.832  3.167   -11.913 1.00 22.46 ? 142 CYS A N     1 
ATOM   1078 C CA    . CYS A 1 142 ? -3.820  1.727   -12.032 1.00 22.10 ? 142 CYS A CA    1 
ATOM   1079 C C     . CYS A 1 142 ? -4.987  1.283   -12.905 1.00 21.72 ? 142 CYS A C     1 
ATOM   1080 O O     . CYS A 1 142 ? -5.903  0.709   -12.449 1.00 20.98 ? 142 CYS A O     1 
ATOM   1081 C CB    . CYS A 1 142 ? -3.816  1.061   -10.650 1.00 22.44 ? 142 CYS A CB    1 
ATOM   1082 S SG    . CYS A 1 142 ? -2.553  1.495   -9.516  1.00 21.80 ? 142 CYS A SG    1 
ATOM   1083 N N     . ASN A 1 143 ? -4.863  1.572   -14.201 1.00 21.63 ? 143 ASN A N     1 
ATOM   1084 C CA    . ASN A 1 143 ? -5.931  1.413   -15.156 1.00 22.51 ? 143 ASN A CA    1 
ATOM   1085 C C     . ASN A 1 143 ? -5.764  0.279   -16.179 1.00 22.24 ? 143 ASN A C     1 
ATOM   1086 O O     . ASN A 1 143 ? -6.490  0.202   -17.107 1.00 22.26 ? 143 ASN A O     1 
ATOM   1087 C CB    . ASN A 1 143 ? -6.282  2.747   -15.810 1.00 21.23 ? 143 ASN A CB    1 
ATOM   1088 C CG    . ASN A 1 143 ? -5.155  3.346   -16.617 1.00 23.00 ? 143 ASN A CG    1 
ATOM   1089 O OD1   . ASN A 1 143 ? -4.066  2.918   -16.515 1.00 24.24 ? 143 ASN A OD1   1 
ATOM   1090 N ND2   . ASN A 1 143 ? -5.427  4.324   -17.373 1.00 20.27 ? 143 ASN A ND2   1 
ATOM   1091 N N     . THR A 1 144 ? -4.827  -0.578  -15.951 1.00 22.22 ? 144 THR A N     1 
ATOM   1092 C CA    . THR A 1 144 ? -4.650  -1.733  -16.823 1.00 21.98 ? 144 THR A CA    1 
ATOM   1093 C C     . THR A 1 144 ? -4.644  -3.070  -16.130 1.00 21.62 ? 144 THR A C     1 
ATOM   1094 O O     . THR A 1 144 ? -5.646  -3.663  -16.007 1.00 21.37 ? 144 THR A O     1 
ATOM   1095 C CB    . THR A 1 144 ? -3.407  -1.630  -17.787 1.00 21.52 ? 144 THR A CB    1 
ATOM   1096 O OG1   . THR A 1 144 ? -2.228  -1.499  -17.033 1.00 22.72 ? 144 THR A OG1   1 
ATOM   1097 C CG2   . THR A 1 144 ? -3.531  -0.489  -18.758 1.00 22.32 ? 144 THR A CG2   1 
ATOM   1098 N N     . LYS A 1 145 ? -3.473  -3.528  -15.718 1.00 22.18 ? 145 LYS A N     1 
ATOM   1099 C CA    . LYS A 1 145 ? -3.321  -4.830  -15.070 1.00 22.84 ? 145 LYS A CA    1 
ATOM   1100 C C     . LYS A 1 145 ? -4.132  -4.953  -13.791 1.00 22.97 ? 145 LYS A C     1 
ATOM   1101 O O     . LYS A 1 145 ? -4.416  -3.983  -13.167 1.00 22.73 ? 145 LYS A O     1 
ATOM   1102 C CB    . LYS A 1 145 ? -1.870  -5.126  -14.781 1.00 22.15 ? 145 LYS A CB    1 
ATOM   1103 C CG    . LYS A 1 145 ? -1.297  -4.352  -13.640 1.00 20.46 ? 145 LYS A CG    1 
ATOM   1104 C CD    . LYS A 1 145 ? 0.048   -4.842  -13.211 1.00 23.96 ? 145 LYS A CD    1 
ATOM   1105 C CE    . LYS A 1 145 ? 0.680   -3.909  -12.233 1.00 25.04 ? 145 LYS A CE    1 
ATOM   1106 N NZ    . LYS A 1 145 ? 2.101   -3.991  -12.083 1.00 23.83 ? 145 LYS A NZ    1 
ATOM   1107 N N     . GLU A 1 146 ? -4.490  -6.163  -13.413 1.00 23.35 ? 146 GLU A N     1 
ATOM   1108 C CA    . GLU A 1 146 ? -5.121  -6.401  -12.118 1.00 24.74 ? 146 GLU A CA    1 
ATOM   1109 C C     . GLU A 1 146 ? -4.322  -5.875  -10.895 1.00 23.62 ? 146 GLU A C     1 
ATOM   1110 O O     . GLU A 1 146 ? -3.109  -6.081  -10.770 1.00 24.07 ? 146 GLU A O     1 
ATOM   1111 C CB    . GLU A 1 146 ? -5.475  -7.887  -11.937 1.00 25.77 ? 146 GLU A CB    1 
ATOM   1112 C CG    . GLU A 1 146 ? -6.315  -8.493  -13.099 1.00 31.13 ? 146 GLU A CG    1 
ATOM   1113 C CD    . GLU A 1 146 ? -7.706  -7.861  -13.255 1.00 34.40 ? 146 GLU A CD    1 
ATOM   1114 O OE1   . GLU A 1 146 ? -8.499  -7.945  -12.309 1.00 39.13 ? 146 GLU A OE1   1 
ATOM   1115 O OE2   . GLU A 1 146 ? -8.016  -7.287  -14.332 1.00 37.98 ? 146 GLU A OE2   1 
ATOM   1116 N N     . VAL A 1 147 ? -5.011  -5.157  -10.010 1.00 23.06 ? 147 VAL A N     1 
ATOM   1117 C CA    . VAL A 1 147 ? -4.412  -4.648  -8.777  1.00 21.87 ? 147 VAL A CA    1 
ATOM   1118 C C     . VAL A 1 147 ? -5.387  -4.908  -7.637  1.00 21.68 ? 147 VAL A C     1 
ATOM   1119 O O     . VAL A 1 147 ? -6.609  -4.879  -7.824  1.00 23.50 ? 147 VAL A O     1 
ATOM   1120 C CB    . VAL A 1 147 ? -4.035  -3.152  -8.835  1.00 22.93 ? 147 VAL A CB    1 
ATOM   1121 C CG1   . VAL A 1 147 ? -3.558  -2.631  -7.383  1.00 18.27 ? 147 VAL A CG1   1 
ATOM   1122 C CG2   . VAL A 1 147 ? -2.959  -2.892  -9.910  1.00 20.12 ? 147 VAL A CG2   1 
ATOM   1123 N N     . LYS A 1 148 ? -4.830  -5.248  -6.491  1.00 20.97 ? 148 LYS A N     1 
ATOM   1124 C CA    . LYS A 1 148 ? -5.603  -5.615  -5.332  1.00 20.67 ? 148 LYS A CA    1 
ATOM   1125 C C     . LYS A 1 148 ? -5.316  -4.610  -4.254  1.00 19.56 ? 148 LYS A C     1 
ATOM   1126 O O     . LYS A 1 148 ? -4.204  -4.121  -4.139  1.00 19.72 ? 148 LYS A O     1 
ATOM   1127 C CB    . LYS A 1 148 ? -5.251  -7.013  -4.907  1.00 21.52 ? 148 LYS A CB    1 
ATOM   1128 C CG    . LYS A 1 148 ? -5.670  -8.067  -5.975  1.00 20.50 ? 148 LYS A CG    1 
ATOM   1129 C CD    . LYS A 1 148 ? -5.308  -9.452  -5.533  1.00 19.12 ? 148 LYS A CD    1 
ATOM   1130 C CE    . LYS A 1 148 ? -5.992  -10.482 -6.485  1.00 21.17 ? 148 LYS A CE    1 
ATOM   1131 N NZ    . LYS A 1 148 ? -5.422  -11.806 -6.156  1.00 23.85 ? 148 LYS A NZ    1 
ATOM   1132 N N     . VAL A 1 149 ? -6.358  -4.227  -3.540  1.00 18.94 ? 149 VAL A N     1 
ATOM   1133 C CA    . VAL A 1 149 ? -6.291  -3.106  -2.597  1.00 19.53 ? 149 VAL A CA    1 
ATOM   1134 C C     . VAL A 1 149 ? -6.808  -3.603  -1.257  1.00 19.38 ? 149 VAL A C     1 
ATOM   1135 O O     . VAL A 1 149 ? -7.808  -4.273  -1.201  1.00 20.55 ? 149 VAL A O     1 
ATOM   1136 C CB    . VAL A 1 149 ? -7.124  -1.862  -3.103  1.00 18.81 ? 149 VAL A CB    1 
ATOM   1137 C CG1   . VAL A 1 149 ? -7.289  -0.786  -1.958  1.00 19.56 ? 149 VAL A CG1   1 
ATOM   1138 C CG2   . VAL A 1 149 ? -6.457  -1.226  -4.295  1.00 18.88 ? 149 VAL A CG2   1 
ATOM   1139 N N     . PHE A 1 150 ? -6.095  -3.343  -0.178  1.00 20.17 ? 150 PHE A N     1 
ATOM   1140 C CA    . PHE A 1 150 ? -6.709  -3.683  1.097   1.00 19.56 ? 150 PHE A CA    1 
ATOM   1141 C C     . PHE A 1 150 ? -6.959  -2.462  1.944   1.00 19.53 ? 150 PHE A C     1 
ATOM   1142 O O     . PHE A 1 150 ? -6.181  -1.491  1.870   1.00 18.40 ? 150 PHE A O     1 
ATOM   1143 C CB    . PHE A 1 150 ? -5.933  -4.789  1.839   1.00 18.52 ? 150 PHE A CB    1 
ATOM   1144 C CG    . PHE A 1 150 ? -4.611  -4.356  2.408   1.00 21.30 ? 150 PHE A CG    1 
ATOM   1145 C CD1   . PHE A 1 150 ? -3.463  -4.273  1.589   1.00 19.66 ? 150 PHE A CD1   1 
ATOM   1146 C CD2   . PHE A 1 150 ? -4.494  -4.081  3.785   1.00 21.56 ? 150 PHE A CD2   1 
ATOM   1147 C CE1   . PHE A 1 150 ? -2.217  -3.925  2.112   1.00 20.98 ? 150 PHE A CE1   1 
ATOM   1148 C CE2   . PHE A 1 150 ? -3.281  -3.739  4.327   1.00 20.56 ? 150 PHE A CE2   1 
ATOM   1149 C CZ    . PHE A 1 150 ? -2.113  -3.642  3.472   1.00 20.89 ? 150 PHE A CZ    1 
ATOM   1150 N N     . VAL A 1 151 ? -8.064  -2.543  2.716   1.00 19.08 ? 151 VAL A N     1 
ATOM   1151 C CA    . VAL A 1 151 ? -8.309  -1.681  3.867   1.00 20.29 ? 151 VAL A CA    1 
ATOM   1152 C C     . VAL A 1 151 ? -8.454  -2.481  5.176   1.00 20.67 ? 151 VAL A C     1 
ATOM   1153 O O     . VAL A 1 151 ? -8.604  -3.730  5.176   1.00 18.58 ? 151 VAL A O     1 
ATOM   1154 C CB    . VAL A 1 151 ? -9.528  -0.686  3.681   1.00 19.28 ? 151 VAL A CB    1 
ATOM   1155 C CG1   . VAL A 1 151 ? -9.378  0.200   2.409   1.00 18.14 ? 151 VAL A CG1   1 
ATOM   1156 C CG2   . VAL A 1 151 ? -10.849 -1.412  3.695   1.00 19.71 ? 151 VAL A CG2   1 
ATOM   1157 N N     . TYR A 1 152 ? -8.470  -1.746  6.279   1.00 21.40 ? 152 TYR A N     1 
ATOM   1158 C CA    . TYR A 1 152 ? -8.388  -2.357  7.602   1.00 23.51 ? 152 TYR A CA    1 
ATOM   1159 C C     . TYR A 1 152 ? -9.699  -2.298  8.412   1.00 22.69 ? 152 TYR A C     1 
ATOM   1160 O O     . TYR A 1 152 ? -10.213 -3.340  8.859   1.00 21.41 ? 152 TYR A O     1 
ATOM   1161 C CB    . TYR A 1 152 ? -7.138  -1.804  8.329   1.00 25.27 ? 152 TYR A CB    1 
ATOM   1162 C CG    . TYR A 1 152 ? -6.942  -2.217  9.770   1.00 29.37 ? 152 TYR A CG    1 
ATOM   1163 C CD1   . TYR A 1 152 ? -6.982  -3.561  10.149  1.00 32.63 ? 152 TYR A CD1   1 
ATOM   1164 C CD2   . TYR A 1 152 ? -6.687  -1.255  10.760  1.00 32.94 ? 152 TYR A CD2   1 
ATOM   1165 C CE1   . TYR A 1 152 ? -6.801  -3.948  11.455  1.00 33.50 ? 152 TYR A CE1   1 
ATOM   1166 C CE2   . TYR A 1 152 ? -6.511  -1.630  12.084  1.00 33.88 ? 152 TYR A CE2   1 
ATOM   1167 C CZ    . TYR A 1 152 ? -6.563  -2.986  12.418  1.00 33.73 ? 152 TYR A CZ    1 
ATOM   1168 O OH    . TYR A 1 152 ? -6.367  -3.394  13.709  1.00 32.32 ? 152 TYR A OH    1 
ATOM   1169 N N     . THR A 1 153 ? -10.257 -1.105  8.582   1.00 22.86 ? 153 THR A N     1 
ATOM   1170 C CA    . THR A 1 153 ? -11.401 -0.946  9.471   1.00 22.45 ? 153 THR A CA    1 
ATOM   1171 C C     . THR A 1 153 ? -12.723 -1.009  8.701   1.00 22.39 ? 153 THR A C     1 
ATOM   1172 O O     . THR A 1 153 ? -12.747 -0.814  7.496   1.00 20.48 ? 153 THR A O     1 
ATOM   1173 C CB    . THR A 1 153 ? -11.335 0.354   10.306  1.00 22.72 ? 153 THR A CB    1 
ATOM   1174 O OG1   . THR A 1 153 ? -11.742 1.450   9.493   1.00 21.57 ? 153 THR A OG1   1 
ATOM   1175 C CG2   . THR A 1 153 ? -9.927  0.610   10.866  1.00 23.81 ? 153 THR A CG2   1 
ATOM   1176 N N     . ASP A 1 154 ? -13.817 -1.322  9.399   1.00 23.35 ? 154 ASP A N     1 
ATOM   1177 C CA    . ASP A 1 154 ? -15.147 -1.323  8.794   1.00 23.39 ? 154 ASP A CA    1 
ATOM   1178 C C     . ASP A 1 154 ? -15.486 0.070   8.279   1.00 23.25 ? 154 ASP A C     1 
ATOM   1179 O O     . ASP A 1 154 ? -16.221 0.214   7.284   1.00 23.37 ? 154 ASP A O     1 
ATOM   1180 C CB    . ASP A 1 154 ? -16.236 -1.749  9.815   1.00 25.63 ? 154 ASP A CB    1 
ATOM   1181 C CG    . ASP A 1 154 ? -16.071 -3.204  10.306  1.00 28.89 ? 154 ASP A CG    1 
ATOM   1182 O OD1   . ASP A 1 154 ? -15.315 -3.995  9.690   1.00 33.54 ? 154 ASP A OD1   1 
ATOM   1183 O OD2   . ASP A 1 154 ? -16.714 -3.567  11.299  1.00 32.83 ? 154 ASP A OD2   1 
ATOM   1184 N N     . THR A 1 155 ? -14.978 1.100   8.944   1.00 21.66 ? 155 THR A N     1 
ATOM   1185 C CA    . THR A 1 155 ? -15.183 2.466   8.419   1.00 22.30 ? 155 THR A CA    1 
ATOM   1186 C C     . THR A 1 155 ? -14.617 2.613   6.994   1.00 21.79 ? 155 THR A C     1 
ATOM   1187 O O     . THR A 1 155 ? -15.325 3.024   6.092   1.00 22.49 ? 155 THR A O     1 
ATOM   1188 C CB    . THR A 1 155 ? -14.702 3.518   9.425   1.00 22.46 ? 155 THR A CB    1 
ATOM   1189 O OG1   . THR A 1 155 ? -15.560 3.419   10.564  1.00 24.08 ? 155 THR A OG1   1 
ATOM   1190 C CG2   . THR A 1 155 ? -14.731 4.973   8.867   1.00 22.21 ? 155 THR A CG2   1 
ATOM   1191 N N     . GLU A 1 156 ? -13.372 2.204   6.796   1.00 21.27 ? 156 GLU A N     1 
ATOM   1192 C CA    . GLU A 1 156 ? -12.723 2.283   5.483   1.00 21.23 ? 156 GLU A CA    1 
ATOM   1193 C C     . GLU A 1 156 ? -13.474 1.435   4.461   1.00 21.21 ? 156 GLU A C     1 
ATOM   1194 O O     . GLU A 1 156 ? -13.557 1.787   3.284   1.00 20.95 ? 156 GLU A O     1 
ATOM   1195 C CB    . GLU A 1 156 ? -11.256 1.822   5.575   1.00 20.52 ? 156 GLU A CB    1 
ATOM   1196 C CG    . GLU A 1 156 ? -10.386 2.696   6.506   1.00 22.63 ? 156 GLU A CG    1 
ATOM   1197 C CD    . GLU A 1 156 ? -8.937  2.214   6.526   1.00 21.90 ? 156 GLU A CD    1 
ATOM   1198 O OE1   . GLU A 1 156 ? -8.714  1.069   6.975   1.00 22.06 ? 156 GLU A OE1   1 
ATOM   1199 O OE2   . GLU A 1 156 ? -8.042  2.969   6.048   1.00 24.55 ? 156 GLU A OE2   1 
ATOM   1200 N N     . VAL A 1 157 ? -14.042 0.308   4.901   1.00 22.09 ? 157 VAL A N     1 
ATOM   1201 C CA    . VAL A 1 157 ? -14.807 -0.539  3.988   1.00 21.13 ? 157 VAL A CA    1 
ATOM   1202 C C     . VAL A 1 157 ? -16.037 0.216   3.421   1.00 20.63 ? 157 VAL A C     1 
ATOM   1203 O O     . VAL A 1 157 ? -16.309 0.198   2.221   1.00 18.42 ? 157 VAL A O     1 
ATOM   1204 C CB    . VAL A 1 157 ? -15.174 -1.880  4.670   1.00 21.42 ? 157 VAL A CB    1 
ATOM   1205 C CG1   . VAL A 1 157 ? -16.236 -2.597  3.924   1.00 22.63 ? 157 VAL A CG1   1 
ATOM   1206 C CG2   . VAL A 1 157 ? -13.933 -2.772  4.811   1.00 21.42 ? 157 VAL A CG2   1 
ATOM   1207 N N     . CYS A 1 158 ? -16.778 0.878   4.304   1.00 21.36 ? 158 CYS A N     1 
ATOM   1208 C CA    . CYS A 1 158 ? -17.905 1.665   3.905   1.00 21.09 ? 158 CYS A CA    1 
ATOM   1209 C C     . CYS A 1 158 ? -17.466 2.793   3.014   1.00 20.51 ? 158 CYS A C     1 
ATOM   1210 O O     . CYS A 1 158 ? -18.148 3.104   2.012   1.00 20.03 ? 158 CYS A O     1 
ATOM   1211 C CB    . CYS A 1 158 ? -18.664 2.195   5.131   1.00 20.95 ? 158 CYS A CB    1 
ATOM   1212 S SG    . CYS A 1 158 ? -20.152 3.131   4.765   1.00 23.76 ? 158 CYS A SG    1 
ATOM   1213 N N     . LYS A 1 159 ? -16.336 3.418   3.350   1.00 20.04 ? 159 LYS A N     1 
ATOM   1214 C CA    . LYS A 1 159 ? -15.875 4.502   2.502   1.00 19.14 ? 159 LYS A CA    1 
ATOM   1215 C C     . LYS A 1 159 ? -15.567 4.022   1.076   1.00 19.14 ? 159 LYS A C     1 
ATOM   1216 O O     . LYS A 1 159 ? -15.906 4.723   0.137   1.00 17.69 ? 159 LYS A O     1 
ATOM   1217 C CB    . LYS A 1 159 ? -14.693 5.233   3.094   1.00 19.76 ? 159 LYS A CB    1 
ATOM   1218 C CG    . LYS A 1 159 ? -15.104 6.085   4.323   1.00 20.22 ? 159 LYS A CG    1 
ATOM   1219 C CD    . LYS A 1 159 ? -13.918 6.796   4.928   1.00 18.87 ? 159 LYS A CD    1 
ATOM   1220 C CE    . LYS A 1 159 ? -14.408 7.884   5.929   1.00 19.67 ? 159 LYS A CE    1 
ATOM   1221 N NZ    . LYS A 1 159 ? -13.271 8.634   6.541   1.00 15.40 ? 159 LYS A NZ    1 
ATOM   1222 N N     . VAL A 1 160 ? -14.906 2.869   0.935   1.00 17.85 ? 160 VAL A N     1 
ATOM   1223 C CA    . VAL A 1 160 ? -14.639 2.342   -0.399  1.00 18.46 ? 160 VAL A CA    1 
ATOM   1224 C C     . VAL A 1 160 ? -15.939 2.042   -1.124  1.00 19.85 ? 160 VAL A C     1 
ATOM   1225 O O     . VAL A 1 160 ? -16.066 2.467   -2.266  1.00 20.70 ? 160 VAL A O     1 
ATOM   1226 C CB    . VAL A 1 160 ? -13.706 1.076   -0.396  1.00 18.31 ? 160 VAL A CB    1 
ATOM   1227 C CG1   . VAL A 1 160 ? -13.496 0.479   -1.867  1.00 14.25 ? 160 VAL A CG1   1 
ATOM   1228 C CG2   . VAL A 1 160 ? -12.366 1.425   0.279   1.00 16.61 ? 160 VAL A CG2   1 
ATOM   1229 N N     . LYS A 1 161 ? -16.882 1.313   -0.490  1.00 20.32 ? 161 LYS A N     1 
ATOM   1230 C CA    . LYS A 1 161 ? -18.136 0.959   -1.185  1.00 21.58 ? 161 LYS A CA    1 
ATOM   1231 C C     . LYS A 1 161 ? -18.852 2.181   -1.710  1.00 21.47 ? 161 LYS A C     1 
ATOM   1232 O O     . LYS A 1 161 ? -19.297 2.224   -2.847  1.00 21.80 ? 161 LYS A O     1 
ATOM   1233 C CB    . LYS A 1 161 ? -19.091 0.129   -0.292  1.00 20.14 ? 161 LYS A CB    1 
ATOM   1234 C CG    . LYS A 1 161 ? -18.639 -1.338  -0.125  1.00 24.71 ? 161 LYS A CG    1 
ATOM   1235 C CD    . LYS A 1 161 ? -19.566 -2.072  0.855   1.00 22.43 ? 161 LYS A CD    1 
ATOM   1236 C CE    . LYS A 1 161 ? -18.924 -3.356  1.367   1.00 25.31 ? 161 LYS A CE    1 
ATOM   1237 N NZ    . LYS A 1 161 ? -19.790 -4.036  2.386   1.00 25.26 ? 161 LYS A NZ    1 
ATOM   1238 N N     . ASP A 1 162 ? -18.973 3.166   -0.834  1.00 22.25 ? 162 ASP A N     1 
ATOM   1239 C CA    . ASP A 1 162 ? -19.628 4.418   -1.147  1.00 23.04 ? 162 ASP A CA    1 
ATOM   1240 C C     . ASP A 1 162 ? -18.974 5.185   -2.305  1.00 23.11 ? 162 ASP A C     1 
ATOM   1241 O O     . ASP A 1 162 ? -19.686 5.657   -3.182  1.00 23.50 ? 162 ASP A O     1 
ATOM   1242 C CB    . ASP A 1 162 ? -19.745 5.294   0.106   1.00 22.00 ? 162 ASP A CB    1 
ATOM   1243 C CG    . ASP A 1 162 ? -20.852 4.831   1.057   1.00 24.21 ? 162 ASP A CG    1 
ATOM   1244 O OD1   . ASP A 1 162 ? -21.579 3.862   0.756   1.00 23.46 ? 162 ASP A OD1   1 
ATOM   1245 O OD2   . ASP A 1 162 ? -20.989 5.429   2.138   1.00 26.46 ? 162 ASP A OD2   1 
ATOM   1246 N N     . PHE A 1 163 ? -17.650 5.340   -2.281  1.00 21.93 ? 163 PHE A N     1 
ATOM   1247 C CA    . PHE A 1 163 ? -16.962 6.030   -3.350  1.00 22.26 ? 163 PHE A CA    1 
ATOM   1248 C C     . PHE A 1 163 ? -17.182 5.284   -4.660  1.00 22.83 ? 163 PHE A C     1 
ATOM   1249 O O     . PHE A 1 163 ? -17.504 5.896   -5.706  1.00 23.79 ? 163 PHE A O     1 
ATOM   1250 C CB    . PHE A 1 163 ? -15.437 6.154   -3.035  1.00 21.70 ? 163 PHE A CB    1 
ATOM   1251 C CG    . PHE A 1 163 ? -14.661 6.805   -4.148  1.00 22.15 ? 163 PHE A CG    1 
ATOM   1252 C CD1   . PHE A 1 163 ? -14.742 8.177   -4.354  1.00 23.79 ? 163 PHE A CD1   1 
ATOM   1253 C CD2   . PHE A 1 163 ? -13.933 6.016   -5.069  1.00 24.24 ? 163 PHE A CD2   1 
ATOM   1254 C CE1   . PHE A 1 163 ? -14.068 8.792   -5.439  1.00 23.74 ? 163 PHE A CE1   1 
ATOM   1255 C CE2   . PHE A 1 163 ? -13.270 6.600   -6.135  1.00 22.99 ? 163 PHE A CE2   1 
ATOM   1256 C CZ    . PHE A 1 163 ? -13.347 8.011   -6.323  1.00 24.89 ? 163 PHE A CZ    1 
ATOM   1257 N N     . VAL A 1 164 ? -16.992 3.959   -4.621  1.00 23.12 ? 164 VAL A N     1 
ATOM   1258 C CA    . VAL A 1 164 ? -17.176 3.154   -5.853  1.00 24.87 ? 164 VAL A CA    1 
ATOM   1259 C C     . VAL A 1 164 ? -18.625 3.203   -6.350  1.00 24.99 ? 164 VAL A C     1 
ATOM   1260 O O     . VAL A 1 164 ? -18.879 3.233   -7.569  1.00 26.57 ? 164 VAL A O     1 
ATOM   1261 C CB    . VAL A 1 164 ? -16.635 1.701   -5.670  1.00 23.96 ? 164 VAL A CB    1 
ATOM   1262 C CG1   . VAL A 1 164 ? -17.052 0.783   -6.839  1.00 25.25 ? 164 VAL A CG1   1 
ATOM   1263 C CG2   . VAL A 1 164 ? -15.101 1.758   -5.495  1.00 20.03 ? 164 VAL A CG2   1 
ATOM   1264 N N     . SER A 1 165 ? -19.567 3.258   -5.428  1.00 25.72 ? 165 SER A N     1 
ATOM   1265 C CA    . SER A 1 165 ? -20.966 3.493   -5.772  1.00 27.49 ? 165 SER A CA    1 
ATOM   1266 C C     . SER A 1 165 ? -21.197 4.757   -6.595  1.00 28.55 ? 165 SER A C     1 
ATOM   1267 O O     . SER A 1 165 ? -22.029 4.764   -7.547  1.00 28.79 ? 165 SER A O     1 
ATOM   1268 C CB    . SER A 1 165 ? -21.834 3.525   -4.512  1.00 28.54 ? 165 SER A CB    1 
ATOM   1269 O OG    . SER A 1 165 ? -22.199 2.205   -4.126  1.00 30.27 ? 165 SER A OG    1 
ATOM   1270 N N     . GLY A 1 166 ? -20.484 5.820   -6.235  1.00 30.24 ? 166 GLY A N     1 
ATOM   1271 C CA    . GLY A 1 166 ? -20.541 7.112   -6.946  1.00 30.28 ? 166 GLY A CA    1 
ATOM   1272 C C     . GLY A 1 166 ? -19.983 7.078   -8.353  1.00 31.37 ? 166 GLY A C     1 
ATOM   1273 O O     . GLY A 1 166 ? -20.156 8.036   -9.106  1.00 32.70 ? 166 GLY A O     1 
ATOM   1274 N N     . LEU A 1 167 ? -19.320 5.974   -8.708  1.00 31.75 ? 167 LEU A N     1 
ATOM   1275 C CA    . LEU A 1 167 ? -18.765 5.772   -10.035 1.00 32.47 ? 167 LEU A CA    1 
ATOM   1276 C C     . LEU A 1 167 ? -19.648 4.931   -10.959 1.00 33.66 ? 167 LEU A C     1 
ATOM   1277 O O     . LEU A 1 167 ? -19.210 4.612   -12.084 1.00 33.83 ? 167 LEU A O     1 
ATOM   1278 C CB    . LEU A 1 167 ? -17.367 5.148   -9.961  1.00 31.89 ? 167 LEU A CB    1 
ATOM   1279 C CG    . LEU A 1 167 ? -16.350 5.715   -8.962  1.00 30.68 ? 167 LEU A CG    1 
ATOM   1280 C CD1   . LEU A 1 167 ? -15.158 4.756   -8.873  1.00 32.19 ? 167 LEU A CD1   1 
ATOM   1281 C CD2   . LEU A 1 167 ? -15.909 7.156   -9.310  1.00 33.78 ? 167 LEU A CD2   1 
HETATM 1282 N N1    . APR B 2 .   ? -3.202  -4.146  9.296   1.00 28.96 ? 169 APR A N1    1 
HETATM 1283 C C2    . APR B 2 .   ? -3.550  -3.775  8.034   1.00 29.22 ? 169 APR A C2    1 
HETATM 1284 N N3    . APR B 2 .   ? -3.696  -2.488  7.642   1.00 26.53 ? 169 APR A N3    1 
HETATM 1285 C C4    . APR B 2 .   ? -3.479  -1.453  8.514   1.00 29.60 ? 169 APR A C4    1 
HETATM 1286 C C5    . APR B 2 .   ? -3.114  -1.781  9.914   1.00 28.66 ? 169 APR A C5    1 
HETATM 1287 C C6    . APR B 2 .   ? -2.987  -3.222  10.272  1.00 30.77 ? 169 APR A C6    1 
HETATM 1288 N N6    . APR B 2 .   ? -2.642  -3.581  11.538  1.00 29.15 ? 169 APR A N6    1 
HETATM 1289 N N7    . APR B 2 .   ? -2.945  -0.617  10.583  1.00 29.01 ? 169 APR A N7    1 
HETATM 1290 C C8    . APR B 2 .   ? -3.205  0.383   9.725   1.00 29.74 ? 169 APR A C8    1 
HETATM 1291 N N9    . APR B 2 .   ? -3.536  -0.108  8.498   1.00 30.76 ? 169 APR A N9    1 
HETATM 1292 C "C1'" . APR B 2 .   ? -3.826  0.903   7.448   1.00 30.96 ? 169 APR A "C1'" 1 
HETATM 1293 C "C2'" . APR B 2 .   ? -5.278  1.209   7.120   1.00 34.25 ? 169 APR A "C2'" 1 
HETATM 1294 O "O2'" . APR B 2 .   ? -6.120  1.773   8.153   1.00 31.63 ? 169 APR A "O2'" 1 
HETATM 1295 C "C3'" . APR B 2 .   ? -5.046  2.186   5.995   1.00 29.83 ? 169 APR A "C3'" 1 
HETATM 1296 O "O3'" . APR B 2 .   ? -6.012  1.763   5.046   1.00 33.29 ? 169 APR A "O3'" 1 
HETATM 1297 O "O4'" . APR B 2 .   ? -3.095  0.835   6.215   1.00 28.12 ? 169 APR A "O4'" 1 
HETATM 1298 C "C4'" . APR B 2 .   ? -3.637  1.905   5.438   1.00 30.34 ? 169 APR A "C4'" 1 
HETATM 1299 C "C5'" . APR B 2 .   ? -2.715  3.135   5.427   1.00 31.44 ? 169 APR A "C5'" 1 
HETATM 1300 O "O5'" . APR B 2 .   ? -2.544  3.673   6.760   1.00 32.17 ? 169 APR A "O5'" 1 
HETATM 1301 P PA    . APR B 2 .   ? -1.143  4.052   7.479   1.00 31.02 ? 169 APR A PA    1 
HETATM 1302 O O1A   . APR B 2 .   ? -0.336  2.812   7.835   1.00 30.37 ? 169 APR A O1A   1 
HETATM 1303 O O2A   . APR B 2 .   ? -1.449  4.954   8.655   1.00 30.98 ? 169 APR A O2A   1 
HETATM 1304 O O3A   . APR B 2 .   ? -0.257  4.822   6.357   1.00 28.64 ? 169 APR A O3A   1 
HETATM 1305 P PB    . APR B 2 .   ? -0.179  6.369   5.849   1.00 24.69 ? 169 APR A PB    1 
HETATM 1306 O O1B   . APR B 2 .   ? 0.429   6.258   4.463   1.00 27.91 ? 169 APR A O1B   1 
HETATM 1307 O O2B   . APR B 2 .   ? -1.484  7.035   6.144   1.00 24.45 ? 169 APR A O2B   1 
HETATM 1308 O O5D   . APR B 2 .   ? 0.906   6.982   6.824   1.00 26.07 ? 169 APR A O5D   1 
HETATM 1309 C C5D   . APR B 2 .   ? 2.254   6.449   6.769   1.00 29.83 ? 169 APR A C5D   1 
HETATM 1310 O O4D   . APR B 2 .   ? 2.405   5.714   9.092   1.00 33.69 ? 169 APR A O4D   1 
HETATM 1311 O O1D   . APR B 2 .   ? 3.747   4.912   10.778  1.00 33.32 ? 169 APR A O1D   1 
HETATM 1312 C C1D   . APR B 2 .   ? 3.356   4.686   9.419   1.00 35.43 ? 169 APR A C1D   1 
HETATM 1313 O O2D   . APR B 2 .   ? 5.792   4.484   9.043   1.00 32.68 ? 169 APR A O2D   1 
HETATM 1314 C C2D   . APR B 2 .   ? 4.537   4.832   8.444   1.00 33.95 ? 169 APR A C2D   1 
HETATM 1315 O O3D   . APR B 2 .   ? 5.115   7.185   8.906   1.00 33.55 ? 169 APR A O3D   1 
HETATM 1316 C C3D   . APR B 2 .   ? 4.460   6.290   7.983   1.00 34.29 ? 169 APR A C3D   1 
HETATM 1317 C C4D   . APR B 2 .   ? 2.969   6.602   8.103   1.00 31.00 ? 169 APR A C4D   1 
HETATM 1318 O O     . HOH C 3 .   ? -16.838 7.201   0.687   1.00 17.92 ? 170 HOH A O     1 
HETATM 1319 O O     . HOH C 3 .   ? 5.203   14.490  1.594   1.00 17.81 ? 171 HOH A O     1 
HETATM 1320 O O     . HOH C 3 .   ? 1.466   2.997   -14.439 1.00 21.08 ? 172 HOH A O     1 
HETATM 1321 O O     . HOH C 3 .   ? -5.768  1.101   2.784   1.00 15.43 ? 173 HOH A O     1 
HETATM 1322 O O     . HOH C 3 .   ? -3.339  -1.225  -13.410 1.00 15.52 ? 174 HOH A O     1 
HETATM 1323 O O     . HOH C 3 .   ? -13.024 -2.430  12.123  1.00 29.75 ? 175 HOH A O     1 
HETATM 1324 O O     . HOH C 3 .   ? -14.431 0.842   11.879  1.00 34.89 ? 176 HOH A O     1 
HETATM 1325 O O     . HOH C 3 .   ? 3.753   17.874  6.139   1.00 18.99 ? 177 HOH A O     1 
HETATM 1326 O O     . HOH C 3 .   ? -10.105 9.628   5.096   1.00 21.49 ? 178 HOH A O     1 
HETATM 1327 O O     . HOH C 3 .   ? -12.213 -8.900  1.866   1.00 21.01 ? 179 HOH A O     1 
HETATM 1328 O O     . HOH C 3 .   ? 15.682  -7.715  0.374   1.00 29.30 ? 180 HOH A O     1 
HETATM 1329 O O     . HOH C 3 .   ? -2.398  18.296  -4.264  1.00 25.38 ? 181 HOH A O     1 
HETATM 1330 O O     . HOH C 3 .   ? -21.910 5.827   -13.114 1.00 33.37 ? 182 HOH A O     1 
HETATM 1331 O O     . HOH C 3 .   ? 6.571   5.791   11.755  1.00 29.08 ? 183 HOH A O     1 
HETATM 1332 O O     . HOH C 3 .   ? -1.835  1.343   -16.197 1.00 16.57 ? 184 HOH A O     1 
HETATM 1333 O O     . HOH C 3 .   ? -22.721 3.559   -10.858 1.00 51.72 ? 185 HOH A O     1 
HETATM 1334 O O     . HOH C 3 .   ? 22.558  7.116   5.152   1.00 39.94 ? 186 HOH A O     1 
HETATM 1335 O O     . HOH C 3 .   ? -8.513  -9.141  9.694   1.00 31.65 ? 187 HOH A O     1 
HETATM 1336 O O     . HOH C 3 .   ? -3.268  6.486   -17.950 1.00 30.22 ? 188 HOH A O     1 
HETATM 1337 O O     . HOH C 3 .   ? -0.769  -12.872 -7.731  1.00 33.82 ? 189 HOH A O     1 
HETATM 1338 O O     . HOH C 3 .   ? -18.148 -2.106  6.769   1.00 44.34 ? 190 HOH A O     1 
HETATM 1339 O O     . HOH C 3 .   ? -16.638 -3.234  -12.353 1.00 27.40 ? 191 HOH A O     1 
HETATM 1340 O O     . HOH C 3 .   ? -19.883 -0.111  -4.024  1.00 26.37 ? 192 HOH A O     1 
HETATM 1341 O O     . HOH C 3 .   ? -1.193  -8.706  11.599  1.00 25.26 ? 193 HOH A O     1 
HETATM 1342 O O     . HOH C 3 .   ? 5.150   -11.602 -1.798  1.00 22.66 ? 194 HOH A O     1 
HETATM 1343 O O     . HOH C 3 .   ? 11.037  3.801   -7.161  1.00 23.52 ? 195 HOH A O     1 
HETATM 1344 O O     . HOH C 3 .   ? 16.375  8.630   6.966   1.00 31.49 ? 196 HOH A O     1 
HETATM 1345 O O     . HOH C 3 .   ? 9.379   -4.061  -11.835 1.00 36.16 ? 197 HOH A O     1 
HETATM 1346 O O     . HOH C 3 .   ? 2.571   6.367   2.924   1.00 25.30 ? 198 HOH A O     1 
HETATM 1347 O O     . HOH C 3 .   ? 2.907   -7.038  -13.983 1.00 33.36 ? 199 HOH A O     1 
HETATM 1348 O O     . HOH C 3 .   ? -0.897  18.348  -6.374  1.00 30.38 ? 200 HOH A O     1 
HETATM 1349 O O     . HOH C 3 .   ? 8.496   -6.837  -8.779  1.00 23.54 ? 201 HOH A O     1 
HETATM 1350 O O     . HOH C 3 .   ? 16.232  -2.911  12.849  1.00 32.52 ? 202 HOH A O     1 
HETATM 1351 O O     . HOH C 3 .   ? 15.161  2.692   8.792   1.00 31.39 ? 203 HOH A O     1 
HETATM 1352 O O     . HOH C 3 .   ? 2.013   2.543   7.360   1.00 32.70 ? 204 HOH A O     1 
HETATM 1353 O O     . HOH C 3 .   ? -4.846  17.702  2.487   1.00 29.12 ? 205 HOH A O     1 
HETATM 1354 O O     . HOH C 3 .   ? 8.362   0.414   -9.882  1.00 25.81 ? 206 HOH A O     1 
HETATM 1355 O O     . HOH C 3 .   ? -12.764 -16.576 3.685   1.00 28.79 ? 207 HOH A O     1 
HETATM 1356 O O     . HOH C 3 .   ? -17.870 -6.746  -6.442  1.00 27.18 ? 208 HOH A O     1 
HETATM 1357 O O     . HOH C 3 .   ? -8.876  15.633  -0.190  1.00 26.35 ? 209 HOH A O     1 
HETATM 1358 O O     . HOH C 3 .   ? -11.750 -12.948 -4.262  1.00 39.96 ? 210 HOH A O     1 
HETATM 1359 O O     . HOH C 3 .   ? -10.257 7.851   -10.723 1.00 30.29 ? 211 HOH A O     1 
HETATM 1360 O O     . HOH C 3 .   ? 23.899  0.440   5.099   1.00 23.18 ? 212 HOH A O     1 
HETATM 1361 O O     . HOH C 3 .   ? -18.537 8.283   -1.307  1.00 34.83 ? 213 HOH A O     1 
HETATM 1362 O O     . HOH C 3 .   ? -6.573  15.789  4.123   1.00 20.80 ? 214 HOH A O     1 
HETATM 1363 O O     . HOH C 3 .   ? -8.520  5.717   6.584   1.00 30.27 ? 215 HOH A O     1 
HETATM 1364 O O     . HOH C 3 .   ? -1.726  -7.826  -12.232 1.00 20.32 ? 216 HOH A O     1 
HETATM 1365 O O     . HOH C 3 .   ? -15.212 -10.474 1.896   1.00 38.08 ? 217 HOH A O     1 
HETATM 1366 O O     . HOH C 3 .   ? 7.695   3.733   7.443   1.00 27.98 ? 218 HOH A O     1 
HETATM 1367 O O     . HOH C 3 .   ? -20.390 -1.058  -6.477  1.00 32.51 ? 219 HOH A O     1 
HETATM 1368 O O     . HOH C 3 .   ? 7.567   10.754  4.816   1.00 23.18 ? 220 HOH A O     1 
HETATM 1369 O O     . HOH C 3 .   ? 8.785   -1.232  13.822  1.00 30.81 ? 221 HOH A O     1 
HETATM 1370 O O     . HOH C 3 .   ? -2.359  17.106  -10.393 1.00 36.63 ? 222 HOH A O     1 
HETATM 1371 O O     . HOH C 3 .   ? 2.345   16.465  0.383   1.00 30.90 ? 223 HOH A O     1 
HETATM 1372 O O     . HOH C 3 .   ? -11.255 3.984   10.264  1.00 29.18 ? 224 HOH A O     1 
HETATM 1373 O O     . HOH C 3 .   ? -17.774 8.497   -6.168  1.00 31.06 ? 225 HOH A O     1 
HETATM 1374 O O     . HOH C 3 .   ? -9.213  4.602   -14.448 1.00 36.65 ? 226 HOH A O     1 
HETATM 1375 O O     . HOH C 3 .   ? 2.507   18.692  3.454   1.00 30.10 ? 227 HOH A O     1 
HETATM 1376 O O     . HOH C 3 .   ? -22.482 7.703   1.859   1.00 36.29 ? 228 HOH A O     1 
HETATM 1377 O O     . HOH C 3 .   ? -9.748  -5.662  9.473   1.00 31.25 ? 229 HOH A O     1 
HETATM 1378 O O     . HOH C 3 .   ? -22.301 7.569   -11.199 1.00 36.65 ? 230 HOH A O     1 
HETATM 1379 O O     . HOH C 3 .   ? 7.739   -12.776 6.267   1.00 35.87 ? 231 HOH A O     1 
HETATM 1380 O O     . HOH C 3 .   ? -7.849  6.069   -15.903 1.00 33.74 ? 232 HOH A O     1 
HETATM 1381 O O     . HOH C 3 .   ? -8.109  5.588   9.129   1.00 42.02 ? 233 HOH A O     1 
HETATM 1382 O O     . HOH C 3 .   ? 26.705  3.536   5.802   1.00 38.95 ? 234 HOH A O     1 
HETATM 1383 O O     . HOH C 3 .   ? -6.044  -13.512 -8.034  1.00 33.39 ? 235 HOH A O     1 
HETATM 1384 O O     . HOH C 3 .   ? -6.728  2.988   10.196  1.00 34.68 ? 236 HOH A O     1 
HETATM 1385 O O     . HOH C 3 .   ? 6.837   17.182  -10.648 1.00 45.45 ? 237 HOH A O     1 
HETATM 1386 O O     . HOH C 3 .   ? -7.103  2.347   12.723  1.00 39.19 ? 238 HOH A O     1 
HETATM 1387 O O     . HOH C 3 .   ? 5.428   -10.987 -12.779 1.00 42.69 ? 239 HOH A O     1 
HETATM 1388 O O     . HOH C 3 .   ? 13.349  -1.604  -5.042  1.00 37.99 ? 240 HOH A O     1 
HETATM 1389 O O     . HOH C 3 .   ? -9.025  1.488   -12.567 1.00 24.48 ? 241 HOH A O     1 
HETATM 1390 O O     . HOH C 3 .   ? 14.994  7.758   -2.960  1.00 35.96 ? 242 HOH A O     1 
HETATM 1391 O O     . HOH C 3 .   ? -18.974 -7.558  0.893   1.00 43.95 ? 243 HOH A O     1 
HETATM 1392 O O     . HOH C 3 .   ? -6.822  1.849   -19.395 1.00 28.37 ? 244 HOH A O     1 
HETATM 1393 O O     . HOH C 3 .   ? 5.860   11.566  3.004   1.00 28.58 ? 245 HOH A O     1 
HETATM 1394 O O     . HOH C 3 .   ? -8.073  -3.430  -17.339 1.00 30.25 ? 246 HOH A O     1 
HETATM 1395 O O     . HOH C 3 .   ? 8.670   -5.151  14.829  1.00 37.65 ? 247 HOH A O     1 
HETATM 1396 O O     . HOH C 3 .   ? -8.042  -7.309  -9.509  1.00 33.57 ? 248 HOH A O     1 
HETATM 1397 O O     . HOH C 3 .   ? 20.277  3.655   8.787   1.00 31.89 ? 249 HOH A O     1 
HETATM 1398 O O     . HOH C 3 .   ? 0.228   -14.166 -1.881  1.00 29.54 ? 250 HOH A O     1 
HETATM 1399 O O     . HOH C 3 .   ? 1.049   20.410  -6.920  1.00 44.55 ? 251 HOH A O     1 
HETATM 1400 O O     . HOH C 3 .   ? 3.409   -3.897  -14.364 1.00 36.51 ? 252 HOH A O     1 
HETATM 1401 O O     . HOH C 3 .   ? -12.039 -4.087  -15.782 1.00 35.74 ? 253 HOH A O     1 
HETATM 1402 O O     . HOH C 3 .   ? -16.503 -5.079  6.722   1.00 37.44 ? 254 HOH A O     1 
HETATM 1403 O O     . HOH C 3 .   ? -5.044  -19.606 -4.499  1.00 48.33 ? 255 HOH A O     1 
HETATM 1404 O O     . HOH C 3 .   ? 9.320   -7.626  15.499  1.00 45.73 ? 256 HOH A O     1 
HETATM 1405 O O     . HOH C 3 .   ? 0.238   -1.215  13.599  1.00 30.00 ? 257 HOH A O     1 
HETATM 1406 O O     . HOH C 3 .   ? -4.606  -13.685 10.321  1.00 29.05 ? 258 HOH A O     1 
HETATM 1407 O O     . HOH C 3 .   ? 7.210   3.878   -12.973 1.00 35.72 ? 259 HOH A O     1 
HETATM 1408 O O     . HOH C 3 .   ? 4.650   17.670  2.699   1.00 29.55 ? 260 HOH A O     1 
HETATM 1409 O O     . HOH C 3 .   ? -0.295  3.277   14.655  1.00 31.09 ? 261 HOH A O     1 
HETATM 1410 O O     . HOH C 3 .   ? -10.910 -7.383  -11.691 1.00 38.87 ? 262 HOH A O     1 
HETATM 1411 O O     . HOH C 3 .   ? -6.966  14.870  1.344   1.00 23.00 ? 263 HOH A O     1 
HETATM 1412 O O     . HOH C 3 .   ? -22.396 2.050   -0.870  1.00 34.86 ? 264 HOH A O     1 
HETATM 1413 O O     . HOH C 3 .   ? 11.957  -3.816  14.479  1.00 32.84 ? 265 HOH A O     1 
HETATM 1414 O O     . HOH C 3 .   ? 4.928   -13.911 11.329  1.00 35.43 ? 266 HOH A O     1 
HETATM 1415 O O     . HOH C 3 .   ? 3.196   -13.342 -1.341  1.00 34.25 ? 267 HOH A O     1 
HETATM 1416 O O     . HOH C 3 .   ? 5.374   -16.662 -1.834  1.00 40.05 ? 268 HOH A O     1 
HETATM 1417 O O     . HOH C 3 .   ? -16.929 5.980   -13.724 1.00 35.13 ? 269 HOH A O     1 
HETATM 1418 O O     . HOH C 3 .   ? 13.642  2.169   14.154  1.00 45.18 ? 270 HOH A O     1 
HETATM 1419 O O     . HOH C 3 .   ? -23.194 -0.268  0.115   1.00 37.41 ? 271 HOH A O     1 
HETATM 1420 O O     . HOH C 3 .   ? -4.877  2.718   14.209  1.00 33.85 ? 272 HOH A O     1 
HETATM 1421 O O     . HOH C 3 .   ? -4.735  2.948   -20.711 1.00 26.92 ? 273 HOH A O     1 
HETATM 1422 O O     . HOH C 3 .   ? 1.619   -16.653 -0.942  1.00 35.29 ? 274 HOH A O     1 
HETATM 1423 O O     . HOH C 3 .   ? -7.325  -1.741  -19.793 1.00 28.24 ? 275 HOH A O     1 
HETATM 1424 O O     . HOH C 3 .   ? 2.174   -18.064 -3.490  1.00 45.78 ? 276 HOH A O     1 
HETATM 1425 O O     . HOH C 3 .   ? 8.817   1.430   -12.373 1.00 32.84 ? 277 HOH A O     1 
HETATM 1426 O O     . HOH C 3 .   ? -21.126 -2.004  -2.635  1.00 43.31 ? 278 HOH A O     1 
# 
